data_3C46
#
_entry.id   3C46
#
_cell.length_a   82.622
_cell.length_b   111.424
_cell.length_c   276.763
_cell.angle_alpha   90.00
_cell.angle_beta   90.00
_cell.angle_gamma   90.00
#
_symmetry.space_group_name_H-M   'P 21 21 21'
#
loop_
_entity.id
_entity.type
_entity.pdbx_description
1 polymer 'Virion RNA polymerase'
2 polymer 'P2_7a Promoter DNA'
3 non-polymer 'DIHYDROGENPHOSPHATE ION'
4 water water
#
loop_
_entity_poly.entity_id
_entity_poly.type
_entity_poly.pdbx_seq_one_letter_code
_entity_poly.pdbx_strand_id
1 'polypeptide(L)'
;MGGSHHHHHHRSESTVTEELKEGIDAVYPSLVGTADSKAEGIKNYFKLSFTLPEEQKSRTVGSEAPLKDVAQALSSRARY
ELFTEKETANPAFNGEVIKRYKELMEHGEGIADILRSRLAKFLNTKDVGKRFAQGTEANRWVGGKLLNIVEQDGDTFKYN
EQLLQTAVLAGLQWRLTATSNTAIKDAKDVAAITGIDQALLPEGLVEQFDTGMTLTEAVSSLAQKIESYWGLSRNPNAPL
GYTKGIPTAMAAEILAAFVESTDVVENIVDMSEIDPDNKKTIGLYTITELDSFDPINSFPTAIEEAVLVNPTEKMFFGDD
IPPVANTQLRNPAVRNTPEQKAALKAEQATEFYVHTPMVQFYETLGKDRILELMGAGTLNKELLNDNHAKSLEGKNRSVE
DSYNQLFSVIEQVRAQSEDISTVPIHYAYNMTRVGRMQMLGKYNPQSAKLVREAILPTKATLDLSNQNNEDFSAFQLGLA
QALDIKVHTMTREVMSDELTKLLEGNLKPAIDMMVEFNTTGSLPENAVDVLNTALGDRKSFVALMALMEYSRYLVAEDKS
AFVTPLYVEADGVTNGPINAMMLMTGGLFTPDWIRNIAKGGLFIGSPNKTMNEHRSTADNNDLYQASTNALMESLGKLRS
NYASNMPIQSQIDSLLSLMDLFLPDINLGENGALELKRGIAKNPLTITIYGSGARGIAGKLVSSVTDAIYERMSDVLKAR
AKDPNISAAMAMFGKQAASEAHAEELLARFLKDMETLTSTVPVKRKGVLELQSTGTGAKGKINPKTYTIKGEQLKALQEN
MLHFFVEPLRNGITQTVGESLVYSTEQLQKATQIQSVVLEDMFKQRVQEKLAEKAKDPTWKKGDFLTQKELNDIQASLNN
LAPMIETGSQTFYIAGSENAEVANQVLATNLDDRMRVPMSIYAPAQAGVAGIPFMTIGTGDGMMMQTLSTMKGAPKNTLK
IFDGMNIGLNDITDASRKANEAVYTSWQGNPIKNVYESYAKFMKNVDFSKLSPEALEAIGKSALEYDQRENATVDDIANA
ASLIERNLRNIALGVDIRHKVLDKVNLSIDQMAAVGAPYQNNGKIDLSNMTPEQQADELNKLFREELEARKQKVAKA
;
A,B
2 'polydeoxyribonucleotide'
;(DT)(DG)(DC)(DC)(DT)(DC)(DC)(DC)(DA)(DG)(DG)(DC)(DA)(DT)(DC)(DC)(DA)(DA)(DA)(DA)
(DG)(DA)(DA)(DG)(DC)(DG)(DG)(DA)(DG)(DC)(DT)(DT)(DC)(DT)(DT)(DC)
;
C,D
#
# COMPACT_ATOMS: atom_id res chain seq x y z
N GLU A 18 -44.50 -3.23 31.67
CA GLU A 18 -43.90 -2.05 31.01
C GLU A 18 -42.83 -1.42 31.91
N GLU A 19 -41.97 -2.27 32.44
CA GLU A 19 -40.88 -1.85 33.33
C GLU A 19 -39.66 -1.48 32.49
N LEU A 20 -39.87 -1.33 31.19
CA LEU A 20 -38.79 -0.98 30.28
C LEU A 20 -38.14 0.36 30.62
N LYS A 21 -38.96 1.34 30.99
CA LYS A 21 -38.45 2.67 31.34
C LYS A 21 -37.38 2.58 32.42
N GLU A 22 -37.69 1.86 33.50
CA GLU A 22 -36.76 1.69 34.61
C GLU A 22 -35.52 0.92 34.16
N GLY A 23 -35.73 -0.04 33.26
CA GLY A 23 -34.64 -0.86 32.77
C GLY A 23 -33.58 -0.10 32.01
N ILE A 24 -33.97 0.62 30.96
CA ILE A 24 -33.00 1.37 30.17
C ILE A 24 -32.38 2.52 30.97
N ASP A 25 -33.14 3.05 31.92
CA ASP A 25 -32.64 4.12 32.76
C ASP A 25 -31.57 3.61 33.71
N ALA A 26 -31.69 2.35 34.12
CA ALA A 26 -30.72 1.74 35.01
C ALA A 26 -29.40 1.55 34.27
N VAL A 27 -29.47 1.41 32.95
CA VAL A 27 -28.27 1.21 32.14
C VAL A 27 -27.60 2.55 31.80
N TYR A 28 -28.40 3.59 31.56
CA TYR A 28 -27.88 4.92 31.24
C TYR A 28 -28.56 5.93 32.16
N PRO A 29 -28.33 5.81 33.48
CA PRO A 29 -28.94 6.71 34.46
C PRO A 29 -28.43 8.16 34.47
N SER A 30 -27.33 8.43 33.78
CA SER A 30 -26.76 9.78 33.79
C SER A 30 -26.92 10.62 32.52
N LEU A 31 -27.71 10.15 31.56
CA LEU A 31 -27.92 10.91 30.35
C LEU A 31 -28.73 12.16 30.70
N VAL A 32 -28.48 13.25 29.98
CA VAL A 32 -29.16 14.51 30.21
C VAL A 32 -30.65 14.42 29.92
N GLY A 33 -31.46 15.06 30.76
CA GLY A 33 -32.90 15.07 30.53
C GLY A 33 -33.71 14.03 31.28
N THR A 34 -35.02 14.06 31.05
CA THR A 34 -35.96 13.14 31.68
C THR A 34 -36.64 12.27 30.63
N ALA A 35 -36.71 10.97 30.90
CA ALA A 35 -37.35 10.03 29.99
C ALA A 35 -38.86 10.12 30.17
N ASP A 36 -39.43 11.19 29.64
CA ASP A 36 -40.86 11.43 29.75
C ASP A 36 -41.24 12.49 28.74
N SER A 37 -41.89 12.07 27.66
CA SER A 37 -42.30 12.98 26.60
C SER A 37 -43.22 14.08 27.10
N LYS A 38 -43.63 13.99 28.36
CA LYS A 38 -44.51 14.98 28.95
C LYS A 38 -43.77 16.02 29.77
N ALA A 39 -42.64 15.63 30.35
CA ALA A 39 -41.83 16.55 31.15
C ALA A 39 -41.64 17.86 30.41
N GLU A 40 -41.59 18.96 31.15
CA GLU A 40 -41.43 20.30 30.57
C GLU A 40 -40.01 20.68 30.20
N GLY A 41 -39.04 20.24 30.99
CA GLY A 41 -37.65 20.56 30.70
C GLY A 41 -37.08 19.71 29.59
N ILE A 42 -35.75 19.60 29.56
CA ILE A 42 -35.08 18.79 28.55
C ILE A 42 -35.50 17.34 28.70
N LYS A 43 -36.01 16.75 27.62
CA LYS A 43 -36.44 15.37 27.65
C LYS A 43 -35.34 14.56 26.99
N ASN A 44 -35.12 13.32 27.43
CA ASN A 44 -34.09 12.51 26.80
C ASN A 44 -34.73 11.55 25.80
N TYR A 45 -34.53 11.82 24.52
CA TYR A 45 -35.13 10.98 23.49
C TYR A 45 -34.46 9.64 23.23
N PHE A 46 -33.30 9.41 23.83
CA PHE A 46 -32.64 8.12 23.63
C PHE A 46 -33.39 7.09 24.47
N LYS A 47 -33.68 7.45 25.73
CA LYS A 47 -34.38 6.56 26.63
C LYS A 47 -35.84 6.40 26.21
N LEU A 48 -36.38 7.43 25.57
CA LEU A 48 -37.76 7.36 25.10
C LEU A 48 -37.88 6.51 23.85
N SER A 49 -36.82 6.52 23.03
CA SER A 49 -36.81 5.79 21.76
C SER A 49 -36.40 4.32 21.77
N PHE A 50 -35.52 3.94 22.70
CA PHE A 50 -35.06 2.56 22.74
C PHE A 50 -35.36 1.84 24.04
N THR A 51 -35.30 0.50 23.99
CA THR A 51 -35.56 -0.34 25.14
C THR A 51 -34.58 -1.52 25.12
N LEU A 52 -34.31 -2.09 26.29
CA LEU A 52 -33.40 -3.23 26.35
C LEU A 52 -34.07 -4.45 25.74
N PRO A 53 -33.31 -5.24 24.96
CA PRO A 53 -33.88 -6.44 24.33
C PRO A 53 -34.08 -7.55 25.35
N GLU A 54 -35.14 -8.33 25.18
CA GLU A 54 -35.43 -9.41 26.11
C GLU A 54 -34.24 -10.37 26.14
N GLU A 55 -33.56 -10.51 25.01
CA GLU A 55 -32.39 -11.38 24.91
C GLU A 55 -31.21 -10.60 24.36
N GLN A 56 -30.08 -10.68 25.07
CA GLN A 56 -28.86 -9.99 24.69
C GLN A 56 -28.57 -10.06 23.18
N LYS A 57 -28.30 -8.90 22.60
CA LYS A 57 -27.99 -8.80 21.17
C LYS A 57 -26.53 -8.37 20.97
N SER A 58 -26.02 -7.58 21.91
CA SER A 58 -24.65 -7.07 21.86
C SER A 58 -23.97 -7.24 23.20
N ARG A 59 -22.70 -7.64 23.18
CA ARG A 59 -21.97 -7.85 24.43
C ARG A 59 -21.41 -6.56 25.02
N THR A 60 -21.59 -5.43 24.34
CA THR A 60 -21.10 -4.15 24.87
C THR A 60 -22.11 -3.44 25.78
N VAL A 61 -23.36 -3.87 25.71
CA VAL A 61 -24.41 -3.29 26.55
C VAL A 61 -24.05 -3.52 28.02
N GLY A 62 -24.07 -2.47 28.81
CA GLY A 62 -23.73 -2.60 30.22
C GLY A 62 -22.26 -2.35 30.50
N SER A 63 -21.45 -2.31 29.44
CA SER A 63 -20.02 -2.08 29.55
C SER A 63 -19.71 -0.58 29.69
N GLU A 64 -18.82 -0.25 30.62
CA GLU A 64 -18.46 1.14 30.86
C GLU A 64 -17.38 1.64 29.90
N ALA A 65 -16.62 0.72 29.32
CA ALA A 65 -15.58 1.08 28.37
C ALA A 65 -15.45 0.01 27.28
N PRO A 66 -16.40 -0.01 26.35
CA PRO A 66 -16.45 -0.96 25.23
C PRO A 66 -15.14 -1.13 24.44
N LEU A 67 -14.48 -0.02 24.09
CA LEU A 67 -13.23 -0.07 23.34
C LEU A 67 -12.15 -0.79 24.11
N LYS A 68 -12.01 -0.45 25.39
CA LYS A 68 -11.01 -1.10 26.21
C LYS A 68 -11.35 -2.57 26.36
N ASP A 69 -12.62 -2.88 26.60
CA ASP A 69 -13.07 -4.26 26.79
C ASP A 69 -12.93 -5.14 25.54
N VAL A 70 -13.25 -4.61 24.36
CA VAL A 70 -13.13 -5.36 23.13
C VAL A 70 -11.66 -5.49 22.76
N ALA A 71 -10.88 -4.43 23.01
CA ALA A 71 -9.46 -4.47 22.74
C ALA A 71 -8.85 -5.64 23.53
N GLN A 72 -9.24 -5.77 24.81
CA GLN A 72 -8.71 -6.85 25.64
C GLN A 72 -9.24 -8.18 25.12
N ALA A 73 -10.49 -8.19 24.67
CA ALA A 73 -11.06 -9.42 24.15
C ALA A 73 -10.25 -9.89 22.96
N LEU A 74 -9.86 -8.95 22.09
CA LEU A 74 -9.10 -9.26 20.89
C LEU A 74 -7.61 -9.44 21.13
N SER A 75 -7.15 -9.19 22.36
CA SER A 75 -5.71 -9.29 22.66
C SER A 75 -5.12 -10.70 22.61
N SER A 76 -5.95 -11.73 22.81
CA SER A 76 -5.45 -13.11 22.75
C SER A 76 -6.58 -14.04 22.35
N ARG A 77 -6.23 -15.21 21.80
CA ARG A 77 -7.24 -16.16 21.40
C ARG A 77 -8.03 -16.63 22.62
N ALA A 78 -7.34 -16.81 23.74
CA ALA A 78 -8.01 -17.25 24.96
C ALA A 78 -9.00 -16.20 25.41
N ARG A 79 -8.56 -14.95 25.48
CA ARG A 79 -9.46 -13.89 25.92
C ARG A 79 -10.63 -13.72 24.96
N TYR A 80 -10.39 -13.93 23.67
CA TYR A 80 -11.46 -13.79 22.68
C TYR A 80 -12.53 -14.84 22.96
N GLU A 81 -12.09 -16.09 23.03
CA GLU A 81 -12.98 -17.22 23.28
C GLU A 81 -13.79 -17.03 24.56
N LEU A 82 -13.15 -16.49 25.60
CA LEU A 82 -13.84 -16.27 26.87
C LEU A 82 -14.85 -15.14 26.74
N PHE A 83 -14.49 -14.11 25.98
CA PHE A 83 -15.38 -12.96 25.80
C PHE A 83 -16.62 -13.37 25.00
N THR A 84 -16.42 -14.10 23.91
CA THR A 84 -17.52 -14.54 23.07
C THR A 84 -18.13 -15.82 23.62
N GLU A 85 -17.73 -16.17 24.84
CA GLU A 85 -18.24 -17.36 25.51
C GLU A 85 -18.32 -18.57 24.60
N LYS A 86 -17.29 -18.76 23.78
CA LYS A 86 -17.23 -19.88 22.85
C LYS A 86 -15.93 -20.65 23.08
N GLU A 87 -16.03 -21.97 23.16
CA GLU A 87 -14.88 -22.84 23.39
C GLU A 87 -13.74 -22.65 22.39
N THR A 88 -14.08 -22.46 21.12
CA THR A 88 -13.05 -22.28 20.11
C THR A 88 -13.26 -21.01 19.29
N ALA A 89 -12.19 -20.53 18.67
CA ALA A 89 -12.24 -19.33 17.86
C ALA A 89 -11.70 -19.60 16.47
N ASN A 90 -12.16 -18.82 15.49
CA ASN A 90 -11.73 -18.93 14.10
C ASN A 90 -10.22 -19.05 14.07
N PRO A 91 -9.68 -20.13 13.46
CA PRO A 91 -8.22 -20.29 13.40
C PRO A 91 -7.47 -19.18 12.68
N ALA A 92 -8.19 -18.39 11.88
CA ALA A 92 -7.58 -17.27 11.16
C ALA A 92 -7.18 -16.17 12.14
N PHE A 93 -7.69 -16.26 13.37
CA PHE A 93 -7.38 -15.28 14.39
C PHE A 93 -6.10 -15.69 15.12
N ASN A 94 -4.97 -15.50 14.45
CA ASN A 94 -3.68 -15.86 15.00
C ASN A 94 -2.86 -14.65 15.40
N GLY A 95 -1.56 -14.87 15.60
CA GLY A 95 -0.66 -13.81 16.00
C GLY A 95 -0.63 -12.55 15.17
N GLU A 96 -0.28 -12.68 13.89
CA GLU A 96 -0.21 -11.50 13.01
C GLU A 96 -1.52 -10.74 12.96
N VAL A 97 -2.64 -11.45 13.01
CA VAL A 97 -3.94 -10.82 12.97
C VAL A 97 -4.23 -10.09 14.28
N ILE A 98 -3.90 -10.74 15.39
CA ILE A 98 -4.11 -10.14 16.71
C ILE A 98 -3.34 -8.83 16.79
N LYS A 99 -2.16 -8.81 16.21
CA LYS A 99 -1.32 -7.63 16.20
C LYS A 99 -1.96 -6.49 15.39
N ARG A 100 -2.61 -6.81 14.28
CA ARG A 100 -3.24 -5.77 13.47
C ARG A 100 -4.42 -5.16 14.21
N TYR A 101 -5.20 -6.01 14.89
CA TYR A 101 -6.35 -5.53 15.63
C TYR A 101 -5.98 -4.65 16.83
N LYS A 102 -4.85 -4.96 17.45
CA LYS A 102 -4.35 -4.18 18.58
C LYS A 102 -4.16 -2.75 18.07
N GLU A 103 -3.49 -2.64 16.93
CA GLU A 103 -3.22 -1.36 16.28
C GLU A 103 -4.50 -0.66 15.80
N LEU A 104 -5.48 -1.43 15.36
CA LEU A 104 -6.73 -0.86 14.90
C LEU A 104 -7.52 -0.34 16.10
N MET A 105 -7.38 -1.02 17.24
CA MET A 105 -8.06 -0.61 18.46
C MET A 105 -7.49 0.73 18.89
N GLU A 106 -6.18 0.87 18.82
CA GLU A 106 -5.51 2.12 19.18
C GLU A 106 -6.05 3.22 18.27
N HIS A 107 -6.36 2.84 17.03
CA HIS A 107 -6.88 3.81 16.08
C HIS A 107 -8.31 4.18 16.50
N GLY A 108 -9.04 3.22 17.05
CA GLY A 108 -10.39 3.51 17.50
C GLY A 108 -10.35 4.60 18.57
N GLU A 109 -9.31 4.57 19.41
CA GLU A 109 -9.18 5.58 20.46
C GLU A 109 -9.02 6.94 19.79
N GLY A 110 -8.34 6.95 18.64
CA GLY A 110 -8.14 8.19 17.91
C GLY A 110 -9.44 8.72 17.35
N ILE A 111 -10.27 7.83 16.82
CA ILE A 111 -11.55 8.27 16.25
C ILE A 111 -12.43 8.80 17.39
N ALA A 112 -12.36 8.15 18.54
CA ALA A 112 -13.15 8.56 19.71
C ALA A 112 -12.67 9.92 20.21
N ASP A 113 -11.37 10.14 20.18
CA ASP A 113 -10.81 11.41 20.61
C ASP A 113 -11.27 12.52 19.66
N ILE A 114 -11.24 12.26 18.35
CA ILE A 114 -11.69 13.25 17.39
C ILE A 114 -13.15 13.58 17.67
N LEU A 115 -13.96 12.54 17.89
CA LEU A 115 -15.39 12.73 18.16
C LEU A 115 -15.63 13.59 19.40
N ARG A 116 -14.92 13.30 20.48
CA ARG A 116 -15.08 14.10 21.70
C ARG A 116 -14.75 15.58 21.43
N SER A 117 -13.71 15.87 20.64
CA SER A 117 -13.34 17.26 20.34
C SER A 117 -14.36 17.97 19.45
N ARG A 118 -14.99 17.25 18.54
CA ARG A 118 -16.00 17.86 17.66
C ARG A 118 -17.19 18.27 18.52
N LEU A 119 -17.54 17.44 19.51
CA LEU A 119 -18.67 17.76 20.38
C LEU A 119 -18.35 19.02 21.18
N ALA A 120 -17.13 19.08 21.71
CA ALA A 120 -16.68 20.23 22.48
C ALA A 120 -16.81 21.49 21.61
N LYS A 121 -16.39 21.40 20.35
CA LYS A 121 -16.48 22.56 19.48
C LYS A 121 -17.95 22.94 19.29
N PHE A 122 -18.80 21.94 19.02
CA PHE A 122 -20.23 22.17 18.81
C PHE A 122 -20.86 22.83 20.03
N LEU A 123 -20.47 22.40 21.21
CA LEU A 123 -21.03 22.97 22.43
C LEU A 123 -20.61 24.42 22.66
N ASN A 124 -19.40 24.77 22.24
CA ASN A 124 -18.90 26.13 22.42
C ASN A 124 -19.49 27.13 21.42
N THR A 125 -19.45 26.79 20.13
CA THR A 125 -19.97 27.65 19.07
C THR A 125 -21.41 28.09 19.34
N LYS A 126 -21.68 29.38 19.19
CA LYS A 126 -23.00 29.97 19.41
C LYS A 126 -23.61 29.62 20.76
N ASP A 127 -22.76 29.36 21.74
CA ASP A 127 -23.18 29.04 23.09
C ASP A 127 -24.25 27.96 23.18
N VAL A 128 -24.24 27.04 22.23
CA VAL A 128 -25.21 25.96 22.21
C VAL A 128 -25.26 25.20 23.53
N GLY A 129 -24.11 24.82 24.06
CA GLY A 129 -24.06 24.09 25.32
C GLY A 129 -24.65 24.85 26.50
N LYS A 130 -24.27 26.11 26.64
CA LYS A 130 -24.76 26.94 27.73
C LYS A 130 -26.27 27.09 27.62
N ARG A 131 -26.75 27.26 26.38
CA ARG A 131 -28.18 27.41 26.13
C ARG A 131 -28.94 26.10 26.41
N PHE A 132 -28.31 24.98 26.09
CA PHE A 132 -28.91 23.67 26.31
C PHE A 132 -29.07 23.47 27.82
N ALA A 133 -28.06 23.88 28.58
CA ALA A 133 -28.10 23.75 30.04
C ALA A 133 -29.19 24.64 30.62
N GLN A 134 -29.53 25.71 29.90
CA GLN A 134 -30.55 26.65 30.37
C GLN A 134 -31.94 26.27 29.87
N GLY A 135 -32.05 25.13 29.19
CA GLY A 135 -33.35 24.69 28.73
C GLY A 135 -33.68 24.73 27.26
N THR A 136 -32.81 25.28 26.41
CA THR A 136 -33.12 25.31 24.99
C THR A 136 -33.10 23.86 24.51
N GLU A 137 -34.19 23.40 23.90
CA GLU A 137 -34.28 22.02 23.43
C GLU A 137 -33.45 21.72 22.18
N ALA A 138 -32.14 21.92 22.29
CA ALA A 138 -31.23 21.67 21.18
C ALA A 138 -31.14 20.19 20.86
N ASN A 139 -31.48 19.33 21.81
CA ASN A 139 -31.42 17.89 21.57
C ASN A 139 -32.52 17.43 20.61
N ARG A 140 -33.31 18.39 20.11
CA ARG A 140 -34.37 18.08 19.17
C ARG A 140 -34.07 18.69 17.80
N TRP A 141 -32.98 19.46 17.69
CA TRP A 141 -32.59 20.08 16.42
C TRP A 141 -32.04 19.02 15.49
N VAL A 142 -32.05 19.28 14.19
CA VAL A 142 -31.56 18.26 13.25
C VAL A 142 -30.08 17.98 13.46
N GLY A 143 -29.35 18.97 13.98
CA GLY A 143 -27.93 18.77 14.23
C GLY A 143 -27.56 18.52 15.68
N GLY A 144 -28.54 18.44 16.56
CA GLY A 144 -28.23 18.23 17.97
C GLY A 144 -28.81 16.99 18.62
N LYS A 145 -29.25 16.02 17.82
CA LYS A 145 -29.82 14.83 18.41
C LYS A 145 -28.82 14.02 19.22
N LEU A 146 -27.53 14.20 18.96
CA LEU A 146 -26.52 13.50 19.73
C LEU A 146 -26.53 13.99 21.19
N LEU A 147 -27.10 15.18 21.42
CA LEU A 147 -27.18 15.72 22.78
C LEU A 147 -28.03 14.81 23.65
N ASN A 148 -28.65 13.80 23.03
CA ASN A 148 -29.48 12.84 23.75
C ASN A 148 -28.65 11.73 24.37
N ILE A 149 -27.37 11.64 23.98
CA ILE A 149 -26.49 10.63 24.56
C ILE A 149 -25.32 11.27 25.29
N VAL A 150 -25.49 12.52 25.72
CA VAL A 150 -24.45 13.22 26.49
C VAL A 150 -24.88 13.22 27.96
N GLU A 151 -23.94 13.56 28.84
CA GLU A 151 -24.19 13.62 30.27
C GLU A 151 -23.58 14.92 30.77
N GLN A 152 -24.16 15.46 31.84
CA GLN A 152 -23.65 16.70 32.38
C GLN A 152 -22.25 16.47 32.89
N ASP A 153 -21.39 17.47 32.71
CA ASP A 153 -20.02 17.39 33.18
C ASP A 153 -19.59 18.79 33.58
N GLY A 154 -19.64 19.08 34.87
CA GLY A 154 -19.25 20.39 35.33
C GLY A 154 -20.10 21.43 34.63
N ASP A 155 -19.45 22.41 34.01
CA ASP A 155 -20.19 23.46 33.33
C ASP A 155 -20.47 23.14 31.85
N THR A 156 -20.34 21.87 31.48
CA THR A 156 -20.57 21.50 30.09
C THR A 156 -21.19 20.09 29.99
N PHE A 157 -20.94 19.41 28.89
CA PHE A 157 -21.47 18.07 28.68
C PHE A 157 -20.44 17.20 28.00
N LYS A 158 -20.62 15.89 28.12
CA LYS A 158 -19.71 14.92 27.54
C LYS A 158 -20.47 13.68 27.11
N TYR A 159 -19.93 12.98 26.11
CA TYR A 159 -20.53 11.75 25.62
C TYR A 159 -20.60 10.70 26.70
N ASN A 160 -21.65 9.89 26.65
CA ASN A 160 -21.79 8.77 27.54
C ASN A 160 -20.74 7.86 26.87
N GLU A 161 -19.71 7.45 27.62
CA GLU A 161 -18.65 6.64 27.07
C GLU A 161 -19.04 5.29 26.48
N GLN A 162 -20.06 4.65 27.05
CA GLN A 162 -20.50 3.36 26.52
C GLN A 162 -21.13 3.49 25.14
N LEU A 163 -22.00 4.48 24.98
CA LEU A 163 -22.66 4.65 23.70
C LEU A 163 -21.67 5.09 22.63
N LEU A 164 -20.75 5.99 23.01
CA LEU A 164 -19.74 6.52 22.09
C LEU A 164 -18.75 5.48 21.60
N GLN A 165 -18.15 4.74 22.52
CA GLN A 165 -17.15 3.74 22.18
C GLN A 165 -17.72 2.57 21.40
N THR A 166 -18.95 2.18 21.73
CA THR A 166 -19.59 1.09 21.01
C THR A 166 -19.82 1.51 19.57
N ALA A 167 -20.20 2.77 19.38
CA ALA A 167 -20.44 3.30 18.05
C ALA A 167 -19.13 3.37 17.25
N VAL A 168 -18.02 3.63 17.96
CA VAL A 168 -16.72 3.70 17.30
C VAL A 168 -16.29 2.29 16.85
N LEU A 169 -16.74 1.27 17.59
CA LEU A 169 -16.43 -0.10 17.24
C LEU A 169 -17.21 -0.44 15.96
N ALA A 170 -18.47 0.00 15.90
CA ALA A 170 -19.28 -0.23 14.71
C ALA A 170 -18.62 0.50 13.56
N GLY A 171 -18.08 1.69 13.86
CA GLY A 171 -17.41 2.49 12.85
C GLY A 171 -16.18 1.76 12.32
N LEU A 172 -15.49 1.04 13.18
CA LEU A 172 -14.30 0.30 12.78
C LEU A 172 -14.67 -0.89 11.90
N GLN A 173 -15.69 -1.65 12.29
CA GLN A 173 -16.13 -2.79 11.48
C GLN A 173 -16.59 -2.32 10.09
N TRP A 174 -17.31 -1.20 10.07
CA TRP A 174 -17.80 -0.61 8.83
C TRP A 174 -16.62 -0.19 7.94
N ARG A 175 -15.60 0.39 8.57
CA ARG A 175 -14.42 0.82 7.86
C ARG A 175 -13.72 -0.38 7.21
N LEU A 176 -13.75 -1.53 7.88
CA LEU A 176 -13.10 -2.72 7.37
C LEU A 176 -13.80 -3.46 6.24
N THR A 177 -15.12 -3.53 6.29
CA THR A 177 -15.84 -4.29 5.27
C THR A 177 -16.98 -3.59 4.53
N ALA A 178 -17.22 -2.31 4.78
CA ALA A 178 -18.30 -1.62 4.09
C ALA A 178 -18.17 -1.75 2.59
N THR A 179 -17.01 -1.36 2.06
CA THR A 179 -16.73 -1.41 0.62
C THR A 179 -17.10 -2.72 -0.06
N SER A 180 -16.94 -3.83 0.65
CA SER A 180 -17.24 -5.14 0.09
C SER A 180 -18.72 -5.52 0.19
N ASN A 181 -19.52 -4.65 0.77
CA ASN A 181 -20.95 -4.92 0.91
C ASN A 181 -21.75 -3.95 0.06
N THR A 182 -21.06 -2.98 -0.55
CA THR A 182 -21.73 -1.98 -1.37
C THR A 182 -22.34 -2.56 -2.63
N ALA A 183 -23.46 -1.97 -3.04
CA ALA A 183 -24.16 -2.39 -4.23
C ALA A 183 -23.43 -1.83 -5.45
N ILE A 184 -23.71 -2.39 -6.61
CA ILE A 184 -23.09 -1.93 -7.84
C ILE A 184 -23.99 -0.87 -8.46
N LYS A 185 -23.39 0.23 -8.89
CA LYS A 185 -24.17 1.30 -9.51
C LYS A 185 -24.13 1.19 -11.04
N ASP A 186 -25.31 1.18 -11.65
CA ASP A 186 -25.40 1.11 -13.10
C ASP A 186 -25.71 2.50 -13.63
N ALA A 187 -25.75 2.66 -14.95
CA ALA A 187 -26.02 3.95 -15.56
C ALA A 187 -27.27 4.58 -14.95
N LYS A 188 -28.34 3.80 -14.86
CA LYS A 188 -29.60 4.27 -14.29
C LYS A 188 -29.37 4.93 -12.93
N ASP A 189 -28.70 4.20 -12.03
CA ASP A 189 -28.41 4.69 -10.69
C ASP A 189 -27.69 6.04 -10.76
N VAL A 190 -26.56 6.05 -11.45
CA VAL A 190 -25.76 7.26 -11.59
C VAL A 190 -26.58 8.43 -12.16
N ALA A 191 -27.50 8.13 -13.07
CA ALA A 191 -28.34 9.16 -13.67
C ALA A 191 -29.29 9.72 -12.61
N ALA A 192 -29.77 8.84 -11.75
CA ALA A 192 -30.69 9.26 -10.68
C ALA A 192 -29.98 10.20 -9.71
N ILE A 193 -28.80 9.79 -9.26
CA ILE A 193 -28.02 10.57 -8.32
C ILE A 193 -27.66 11.96 -8.85
N THR A 194 -27.04 11.99 -10.03
CA THR A 194 -26.60 13.24 -10.66
C THR A 194 -27.71 14.02 -11.35
N GLY A 195 -28.81 13.35 -11.65
CA GLY A 195 -29.92 14.00 -12.33
C GLY A 195 -29.66 14.22 -13.81
N ILE A 196 -28.59 13.62 -14.31
CA ILE A 196 -28.23 13.74 -15.71
C ILE A 196 -28.79 12.59 -16.53
N ASP A 197 -29.34 12.92 -17.69
CA ASP A 197 -29.92 11.92 -18.59
C ASP A 197 -28.93 10.77 -18.78
N GLN A 198 -29.38 9.56 -18.48
CA GLN A 198 -28.51 8.39 -18.59
C GLN A 198 -27.75 8.35 -19.92
N ALA A 199 -28.44 8.71 -21.00
CA ALA A 199 -27.85 8.71 -22.33
C ALA A 199 -26.71 9.72 -22.48
N LEU A 200 -26.75 10.80 -21.69
CA LEU A 200 -25.72 11.83 -21.78
C LEU A 200 -24.62 11.70 -20.73
N LEU A 201 -24.77 10.76 -19.80
CA LEU A 201 -23.77 10.56 -18.76
C LEU A 201 -22.35 10.53 -19.34
N PRO A 202 -21.52 11.51 -18.96
CA PRO A 202 -20.14 11.57 -19.46
C PRO A 202 -19.38 10.27 -19.26
N GLU A 203 -18.17 10.21 -19.82
CA GLU A 203 -17.35 9.01 -19.73
C GLU A 203 -16.70 8.85 -18.36
N GLY A 204 -16.78 7.64 -17.80
CA GLY A 204 -16.18 7.36 -16.52
C GLY A 204 -16.95 7.86 -15.31
N LEU A 205 -17.99 8.65 -15.53
CA LEU A 205 -18.79 9.18 -14.43
C LEU A 205 -19.32 8.05 -13.56
N VAL A 206 -19.91 7.05 -14.21
CA VAL A 206 -20.47 5.90 -13.51
C VAL A 206 -19.38 5.17 -12.72
N GLU A 207 -18.16 5.21 -13.24
CA GLU A 207 -17.02 4.55 -12.59
C GLU A 207 -16.62 5.32 -11.33
N GLN A 208 -16.62 6.64 -11.43
CA GLN A 208 -16.27 7.48 -10.28
C GLN A 208 -17.31 7.29 -9.19
N PHE A 209 -18.57 7.16 -9.60
CA PHE A 209 -19.68 6.97 -8.69
C PHE A 209 -19.86 5.53 -8.24
N ASP A 210 -19.24 4.59 -8.95
CA ASP A 210 -19.35 3.20 -8.60
C ASP A 210 -18.28 2.83 -7.58
N THR A 211 -17.20 3.60 -7.57
CA THR A 211 -16.10 3.36 -6.65
C THR A 211 -16.27 4.21 -5.39
N GLY A 212 -17.36 4.95 -5.34
CA GLY A 212 -17.61 5.79 -4.18
C GLY A 212 -18.98 5.53 -3.58
N MET A 213 -19.25 6.18 -2.45
CA MET A 213 -20.54 6.04 -1.78
C MET A 213 -21.14 7.43 -1.65
N THR A 214 -22.44 7.55 -1.91
CA THR A 214 -23.07 8.85 -1.75
C THR A 214 -23.19 9.04 -0.23
N LEU A 215 -23.65 10.21 0.20
CA LEU A 215 -23.80 10.46 1.62
C LEU A 215 -24.83 9.49 2.21
N THR A 216 -25.97 9.40 1.54
CA THR A 216 -27.05 8.52 1.95
C THR A 216 -26.56 7.08 2.09
N GLU A 217 -25.77 6.65 1.12
CA GLU A 217 -25.22 5.29 1.09
C GLU A 217 -24.30 5.01 2.30
N ALA A 218 -23.33 5.90 2.52
CA ALA A 218 -22.39 5.73 3.63
C ALA A 218 -23.04 5.85 5.01
N VAL A 219 -23.80 6.92 5.24
CA VAL A 219 -24.43 7.13 6.54
C VAL A 219 -25.39 6.01 6.89
N SER A 220 -26.19 5.62 5.90
CA SER A 220 -27.18 4.56 6.05
C SER A 220 -26.56 3.27 6.57
N SER A 221 -25.58 2.73 5.84
CA SER A 221 -24.92 1.50 6.25
C SER A 221 -24.23 1.68 7.60
N LEU A 222 -23.65 2.86 7.82
CA LEU A 222 -22.98 3.15 9.08
C LEU A 222 -23.98 3.17 10.24
N ALA A 223 -25.10 3.85 10.05
CA ALA A 223 -26.15 3.94 11.08
C ALA A 223 -26.70 2.58 11.43
N GLN A 224 -26.80 1.69 10.44
CA GLN A 224 -27.32 0.35 10.68
C GLN A 224 -26.41 -0.42 11.65
N LYS A 225 -25.10 -0.38 11.39
CA LYS A 225 -24.10 -1.04 12.22
C LYS A 225 -24.10 -0.49 13.65
N ILE A 226 -24.13 0.83 13.76
CA ILE A 226 -24.12 1.47 15.07
C ILE A 226 -25.32 1.03 15.89
N GLU A 227 -26.49 1.11 15.29
CA GLU A 227 -27.69 0.71 16.00
C GLU A 227 -27.63 -0.75 16.41
N SER A 228 -27.10 -1.63 15.54
CA SER A 228 -27.03 -3.04 15.91
C SER A 228 -26.04 -3.26 17.05
N TYR A 229 -24.91 -2.55 17.04
CA TYR A 229 -23.92 -2.69 18.10
C TYR A 229 -24.44 -2.12 19.42
N TRP A 230 -25.32 -1.13 19.37
CA TRP A 230 -25.86 -0.59 20.60
C TRP A 230 -26.70 -1.69 21.27
N GLY A 231 -27.16 -2.63 20.45
CA GLY A 231 -27.92 -3.78 20.94
C GLY A 231 -29.25 -3.54 21.61
N LEU A 232 -29.88 -2.41 21.31
CA LEU A 232 -31.18 -2.10 21.90
C LEU A 232 -32.28 -2.30 20.87
N SER A 233 -33.53 -2.15 21.30
CA SER A 233 -34.66 -2.29 20.39
C SER A 233 -35.40 -0.97 20.31
N ARG A 234 -35.97 -0.68 19.15
CA ARG A 234 -36.70 0.56 18.97
C ARG A 234 -38.05 0.45 19.64
N ASN A 235 -38.48 1.54 20.28
CA ASN A 235 -39.77 1.55 20.94
C ASN A 235 -40.78 1.92 19.83
N PRO A 236 -41.76 1.04 19.58
CA PRO A 236 -42.79 1.25 18.55
C PRO A 236 -43.56 2.56 18.65
N ASN A 237 -43.62 3.13 19.85
CA ASN A 237 -44.35 4.37 20.02
C ASN A 237 -43.45 5.60 20.17
N ALA A 238 -42.25 5.51 19.61
CA ALA A 238 -41.29 6.61 19.66
C ALA A 238 -41.16 7.19 18.26
N PRO A 239 -41.09 8.52 18.15
CA PRO A 239 -40.96 9.20 16.85
C PRO A 239 -39.73 8.75 16.06
N LEU A 240 -39.95 8.41 14.79
CA LEU A 240 -38.88 7.98 13.91
C LEU A 240 -37.76 9.03 13.92
N GLY A 241 -38.15 10.28 14.16
CA GLY A 241 -37.18 11.35 14.22
C GLY A 241 -36.05 11.07 15.19
N TYR A 242 -36.30 10.24 16.21
CA TYR A 242 -35.26 9.92 17.16
C TYR A 242 -34.77 8.47 17.07
N THR A 243 -35.67 7.52 16.88
CA THR A 243 -35.25 6.11 16.78
C THR A 243 -34.30 5.92 15.60
N LYS A 244 -34.55 6.65 14.53
CA LYS A 244 -33.73 6.58 13.33
C LYS A 244 -32.72 7.74 13.29
N GLY A 245 -33.13 8.88 13.83
CA GLY A 245 -32.28 10.05 13.82
C GLY A 245 -31.05 10.02 14.71
N ILE A 246 -31.18 9.44 15.90
CA ILE A 246 -30.04 9.38 16.81
C ILE A 246 -28.91 8.51 16.27
N PRO A 247 -29.21 7.28 15.81
CA PRO A 247 -28.14 6.44 15.27
C PRO A 247 -27.55 7.07 14.00
N THR A 248 -28.40 7.73 13.22
CA THR A 248 -27.96 8.39 12.00
C THR A 248 -27.07 9.60 12.32
N ALA A 249 -27.42 10.32 13.38
CA ALA A 249 -26.65 11.50 13.76
C ALA A 249 -25.26 11.02 14.19
N MET A 250 -25.22 9.90 14.91
CA MET A 250 -23.95 9.34 15.36
C MET A 250 -23.13 8.93 14.14
N ALA A 251 -23.79 8.29 13.18
CA ALA A 251 -23.09 7.85 11.96
C ALA A 251 -22.52 9.03 11.19
N ALA A 252 -23.27 10.12 11.08
CA ALA A 252 -22.79 11.30 10.36
C ALA A 252 -21.55 11.86 11.05
N GLU A 253 -21.52 11.82 12.38
CA GLU A 253 -20.35 12.31 13.09
C GLU A 253 -19.15 11.39 12.92
N ILE A 254 -19.40 10.09 12.83
CA ILE A 254 -18.32 9.15 12.65
C ILE A 254 -17.74 9.27 11.23
N LEU A 255 -18.61 9.51 10.27
CA LEU A 255 -18.17 9.67 8.89
C LEU A 255 -17.29 10.91 8.84
N ALA A 256 -17.73 11.97 9.52
CA ALA A 256 -16.96 13.21 9.58
C ALA A 256 -15.60 12.99 10.26
N ALA A 257 -15.58 12.13 11.26
CA ALA A 257 -14.35 11.82 11.98
C ALA A 257 -13.40 11.01 11.10
N PHE A 258 -13.97 10.15 10.24
CA PHE A 258 -13.14 9.35 9.34
C PHE A 258 -12.56 10.21 8.21
N VAL A 259 -13.24 11.31 7.91
CA VAL A 259 -12.78 12.23 6.88
C VAL A 259 -11.60 12.96 7.48
N GLU A 260 -11.73 13.37 8.75
CA GLU A 260 -10.63 14.07 9.41
C GLU A 260 -9.41 13.17 9.58
N SER A 261 -9.62 11.88 9.80
CA SER A 261 -8.52 10.94 10.02
C SER A 261 -7.96 10.38 8.72
N THR A 262 -8.63 10.70 7.62
CA THR A 262 -8.23 10.23 6.30
C THR A 262 -8.53 8.75 6.06
N ASP A 263 -9.43 8.17 6.85
CA ASP A 263 -9.83 6.76 6.64
C ASP A 263 -10.83 6.79 5.49
N VAL A 264 -11.43 7.96 5.28
CA VAL A 264 -12.42 8.19 4.23
C VAL A 264 -12.11 9.49 3.53
N VAL A 265 -12.20 9.49 2.19
CA VAL A 265 -11.94 10.70 1.42
C VAL A 265 -13.28 11.24 0.93
N GLU A 266 -13.51 12.54 1.17
CA GLU A 266 -14.75 13.19 0.73
C GLU A 266 -14.48 14.00 -0.51
N ASN A 267 -15.28 13.75 -1.53
CA ASN A 267 -15.15 14.47 -2.79
C ASN A 267 -16.51 15.01 -3.21
N ILE A 268 -16.60 16.33 -3.28
CA ILE A 268 -17.86 16.97 -3.69
C ILE A 268 -17.81 17.16 -5.21
N VAL A 269 -18.58 16.34 -5.93
CA VAL A 269 -18.62 16.40 -7.39
C VAL A 269 -19.59 17.48 -7.88
N ASP A 270 -19.06 18.42 -8.66
CA ASP A 270 -19.86 19.52 -9.19
C ASP A 270 -20.41 19.23 -10.60
N MET A 271 -21.70 18.96 -10.67
CA MET A 271 -22.36 18.64 -11.93
C MET A 271 -22.34 19.79 -12.93
N SER A 272 -22.23 21.02 -12.45
CA SER A 272 -22.20 22.17 -13.35
C SER A 272 -20.98 22.14 -14.27
N GLU A 273 -19.92 21.51 -13.82
CA GLU A 273 -18.69 21.42 -14.61
C GLU A 273 -18.99 20.55 -15.84
N ILE A 274 -19.87 19.56 -15.65
CA ILE A 274 -20.28 18.67 -16.73
C ILE A 274 -21.43 19.36 -17.45
N ASP A 275 -22.63 19.22 -16.90
CA ASP A 275 -23.80 19.85 -17.48
C ASP A 275 -24.01 21.20 -16.78
N PRO A 276 -23.69 22.30 -17.49
CA PRO A 276 -23.83 23.66 -16.94
C PRO A 276 -25.23 24.10 -16.53
N ASP A 277 -26.22 23.22 -16.66
CA ASP A 277 -27.58 23.57 -16.27
C ASP A 277 -27.97 22.93 -14.93
N ASN A 278 -27.19 21.96 -14.48
CA ASN A 278 -27.44 21.29 -13.21
C ASN A 278 -26.59 21.94 -12.13
N LYS A 279 -27.23 22.32 -11.03
CA LYS A 279 -26.54 23.00 -9.94
C LYS A 279 -26.24 22.06 -8.78
N LYS A 280 -26.58 20.78 -8.94
CA LYS A 280 -26.32 19.82 -7.89
C LYS A 280 -24.82 19.66 -7.69
N THR A 281 -24.42 19.49 -6.43
CA THR A 281 -23.03 19.25 -6.06
C THR A 281 -23.21 18.01 -5.19
N ILE A 282 -22.62 16.89 -5.61
CA ILE A 282 -22.80 15.63 -4.90
C ILE A 282 -21.58 15.08 -4.19
N GLY A 283 -21.76 14.73 -2.91
CA GLY A 283 -20.67 14.19 -2.13
C GLY A 283 -20.43 12.71 -2.37
N LEU A 284 -19.16 12.37 -2.57
CA LEU A 284 -18.75 10.98 -2.81
C LEU A 284 -17.75 10.58 -1.74
N TYR A 285 -18.02 9.46 -1.08
CA TYR A 285 -17.14 9.01 -0.01
C TYR A 285 -16.47 7.68 -0.33
N THR A 286 -15.14 7.69 -0.29
CA THR A 286 -14.38 6.49 -0.58
C THR A 286 -13.52 6.11 0.61
N ILE A 287 -13.67 4.88 1.08
CA ILE A 287 -12.89 4.39 2.21
C ILE A 287 -11.48 4.08 1.72
N THR A 288 -10.49 4.51 2.48
CA THR A 288 -9.11 4.26 2.12
C THR A 288 -8.84 2.75 2.22
N GLU A 289 -8.38 2.16 1.13
CA GLU A 289 -8.13 0.72 1.13
C GLU A 289 -6.89 0.31 1.91
N LEU A 290 -6.97 -0.83 2.56
CA LEU A 290 -5.84 -1.36 3.31
C LEU A 290 -4.96 -2.05 2.27
N ASP A 291 -3.71 -2.31 2.62
CA ASP A 291 -2.81 -3.00 1.70
C ASP A 291 -3.40 -4.37 1.43
N SER A 292 -3.34 -4.82 0.18
CA SER A 292 -3.89 -6.14 -0.17
C SER A 292 -3.30 -7.23 0.72
N PHE A 293 -2.08 -7.00 1.21
CA PHE A 293 -1.40 -7.97 2.06
C PHE A 293 -1.54 -7.70 3.57
N ASP A 294 -2.49 -6.85 3.94
CA ASP A 294 -2.72 -6.54 5.35
C ASP A 294 -3.28 -7.80 6.01
N PRO A 295 -2.65 -8.26 7.12
CA PRO A 295 -3.10 -9.45 7.83
C PRO A 295 -4.58 -9.42 8.22
N ILE A 296 -5.10 -8.23 8.49
CA ILE A 296 -6.49 -8.09 8.91
C ILE A 296 -7.46 -8.55 7.82
N ASN A 297 -7.00 -8.55 6.56
CA ASN A 297 -7.86 -8.98 5.47
C ASN A 297 -8.23 -10.45 5.57
N SER A 298 -7.37 -11.25 6.19
CA SER A 298 -7.64 -12.68 6.36
C SER A 298 -8.73 -12.93 7.39
N PHE A 299 -9.02 -11.91 8.21
CA PHE A 299 -10.07 -12.02 9.21
C PHE A 299 -10.57 -10.63 9.60
N PRO A 300 -11.31 -9.96 8.68
CA PRO A 300 -11.87 -8.62 8.83
C PRO A 300 -13.11 -8.48 9.70
N THR A 301 -13.60 -9.58 10.28
CA THR A 301 -14.80 -9.53 11.09
C THR A 301 -14.67 -9.84 12.58
N ALA A 302 -13.45 -9.84 13.11
CA ALA A 302 -13.25 -10.14 14.54
C ALA A 302 -14.13 -9.27 15.43
N ILE A 303 -14.14 -7.96 15.19
CA ILE A 303 -14.96 -7.06 15.99
C ILE A 303 -16.43 -7.47 15.92
N GLU A 304 -16.95 -7.63 14.72
CA GLU A 304 -18.35 -8.02 14.55
C GLU A 304 -18.70 -9.27 15.35
N GLU A 305 -17.90 -10.32 15.17
CA GLU A 305 -18.15 -11.59 15.83
C GLU A 305 -17.96 -11.56 17.34
N ALA A 306 -17.25 -10.55 17.83
CA ALA A 306 -17.02 -10.42 19.27
C ALA A 306 -18.09 -9.54 19.92
N VAL A 307 -18.63 -8.60 19.15
CA VAL A 307 -19.64 -7.68 19.66
C VAL A 307 -21.06 -8.21 19.63
N LEU A 308 -21.45 -8.81 18.50
CA LEU A 308 -22.80 -9.33 18.37
C LEU A 308 -22.95 -10.79 18.77
N VAL A 309 -24.08 -11.10 19.39
CA VAL A 309 -24.38 -12.46 19.80
C VAL A 309 -24.54 -13.30 18.53
N ASN A 310 -25.25 -12.74 17.55
CA ASN A 310 -25.50 -13.40 16.28
C ASN A 310 -24.90 -12.55 15.16
N PRO A 311 -23.58 -12.67 14.93
CA PRO A 311 -22.88 -11.90 13.88
C PRO A 311 -23.56 -11.97 12.53
N THR A 312 -23.47 -10.88 11.78
CA THR A 312 -24.05 -10.82 10.45
C THR A 312 -22.93 -11.15 9.47
N GLU A 313 -21.85 -10.38 9.58
CA GLU A 313 -20.70 -10.51 8.73
C GLU A 313 -19.76 -11.60 9.20
N LYS A 314 -19.62 -12.63 8.37
CA LYS A 314 -18.76 -13.76 8.67
C LYS A 314 -18.82 -14.74 7.51
N MET A 315 -17.81 -15.59 7.40
CA MET A 315 -17.81 -16.59 6.35
C MET A 315 -18.40 -17.82 7.01
N PHE A 316 -18.96 -18.71 6.20
CA PHE A 316 -19.56 -19.92 6.73
C PHE A 316 -18.75 -21.10 6.24
N PHE A 317 -17.98 -21.69 7.15
CA PHE A 317 -17.14 -22.84 6.85
C PHE A 317 -17.71 -24.15 7.40
N GLY A 318 -17.36 -25.24 6.74
CA GLY A 318 -17.80 -26.56 7.17
C GLY A 318 -19.30 -26.76 7.35
N ASP A 319 -19.71 -27.02 8.57
CA ASP A 319 -21.12 -27.26 8.83
C ASP A 319 -21.85 -26.05 9.39
N ASP A 320 -21.16 -24.90 9.36
CA ASP A 320 -21.74 -23.66 9.84
C ASP A 320 -22.53 -23.12 8.66
N ILE A 321 -23.86 -23.31 8.68
CA ILE A 321 -24.68 -22.85 7.56
C ILE A 321 -25.43 -21.55 7.83
N PRO A 322 -25.58 -20.72 6.79
CA PRO A 322 -26.29 -19.44 6.95
C PRO A 322 -27.75 -19.62 7.35
N PRO A 323 -28.28 -18.68 8.14
CA PRO A 323 -29.69 -18.79 8.54
C PRO A 323 -30.50 -18.40 7.30
N VAL A 324 -31.79 -18.71 7.28
CA VAL A 324 -32.64 -18.37 6.14
C VAL A 324 -33.40 -17.06 6.39
N ALA A 325 -33.19 -16.10 5.49
CA ALA A 325 -33.84 -14.79 5.58
C ALA A 325 -35.36 -14.88 5.60
N ASN A 326 -35.97 -14.13 6.51
CA ASN A 326 -37.43 -14.13 6.62
C ASN A 326 -38.13 -13.19 5.63
N THR A 327 -37.47 -12.11 5.26
CA THR A 327 -38.08 -11.16 4.35
C THR A 327 -37.28 -10.89 3.10
N GLN A 328 -38.00 -10.55 2.05
CA GLN A 328 -37.45 -10.24 0.74
C GLN A 328 -36.39 -9.15 0.90
N LEU A 329 -35.37 -9.17 0.03
CA LEU A 329 -34.30 -8.19 0.11
C LEU A 329 -34.83 -6.77 -0.05
N ARG A 330 -34.49 -5.91 0.92
CA ARG A 330 -34.93 -4.52 0.96
C ARG A 330 -36.43 -4.37 0.70
N ASN A 331 -37.22 -5.22 1.34
CA ASN A 331 -38.68 -5.17 1.20
C ASN A 331 -39.27 -5.85 2.43
N PRO A 332 -39.00 -5.28 3.62
CA PRO A 332 -39.48 -5.78 4.92
C PRO A 332 -40.94 -6.19 4.92
N ALA A 333 -41.77 -5.43 4.21
CA ALA A 333 -43.20 -5.73 4.16
C ALA A 333 -43.51 -7.06 3.46
N VAL A 334 -42.56 -7.59 2.71
CA VAL A 334 -42.78 -8.83 1.98
C VAL A 334 -42.01 -10.01 2.57
N ARG A 335 -42.74 -11.00 3.06
CA ARG A 335 -42.10 -12.17 3.63
C ARG A 335 -41.82 -13.23 2.58
N ASN A 336 -40.65 -13.83 2.66
CA ASN A 336 -40.25 -14.88 1.74
C ASN A 336 -41.27 -16.00 1.95
N THR A 337 -41.91 -16.47 0.87
CA THR A 337 -42.89 -17.53 1.01
C THR A 337 -42.22 -18.82 1.49
N PRO A 338 -43.03 -19.79 1.93
CA PRO A 338 -42.43 -21.04 2.40
C PRO A 338 -41.62 -21.72 1.30
N GLU A 339 -42.10 -21.65 0.06
CA GLU A 339 -41.36 -22.29 -1.03
C GLU A 339 -40.06 -21.54 -1.30
N GLN A 340 -40.07 -20.21 -1.17
CA GLN A 340 -38.86 -19.42 -1.40
C GLN A 340 -37.85 -19.76 -0.30
N LYS A 341 -38.32 -19.85 0.93
CA LYS A 341 -37.42 -20.17 2.04
C LYS A 341 -36.79 -21.54 1.83
N ALA A 342 -37.58 -22.49 1.33
CA ALA A 342 -37.08 -23.83 1.05
C ALA A 342 -35.97 -23.74 0.01
N ALA A 343 -36.18 -22.92 -1.01
CA ALA A 343 -35.19 -22.76 -2.06
C ALA A 343 -33.92 -22.14 -1.48
N LEU A 344 -34.08 -21.13 -0.64
CA LEU A 344 -32.93 -20.49 -0.02
C LEU A 344 -32.16 -21.50 0.82
N LYS A 345 -32.88 -22.32 1.58
CA LYS A 345 -32.23 -23.33 2.42
C LYS A 345 -31.41 -24.28 1.56
N ALA A 346 -32.00 -24.73 0.45
CA ALA A 346 -31.34 -25.65 -0.45
C ALA A 346 -30.05 -25.06 -1.03
N GLU A 347 -30.10 -23.81 -1.47
CA GLU A 347 -28.92 -23.18 -2.06
C GLU A 347 -27.85 -22.87 -1.01
N GLN A 348 -28.27 -22.56 0.22
CA GLN A 348 -27.31 -22.28 1.27
C GLN A 348 -26.64 -23.55 1.80
N ALA A 349 -27.27 -24.70 1.57
CA ALA A 349 -26.70 -25.97 2.03
C ALA A 349 -25.59 -26.43 1.09
N THR A 350 -25.57 -25.93 -0.13
CA THR A 350 -24.54 -26.34 -1.08
C THR A 350 -23.13 -25.99 -0.60
N GLU A 351 -22.24 -26.96 -0.66
CA GLU A 351 -20.86 -26.72 -0.24
C GLU A 351 -20.00 -26.31 -1.43
N PHE A 352 -19.29 -25.19 -1.29
CA PHE A 352 -18.40 -24.75 -2.35
C PHE A 352 -16.97 -25.09 -1.86
N TYR A 353 -16.06 -25.34 -2.80
CA TYR A 353 -14.69 -25.70 -2.45
C TYR A 353 -13.65 -24.99 -3.33
N VAL A 354 -12.53 -24.63 -2.73
CA VAL A 354 -11.44 -23.98 -3.45
C VAL A 354 -10.78 -24.93 -4.45
N HIS A 355 -10.58 -24.48 -5.67
CA HIS A 355 -9.90 -25.31 -6.66
C HIS A 355 -8.46 -24.83 -6.62
N THR A 356 -7.64 -25.50 -5.83
CA THR A 356 -6.25 -25.13 -5.63
C THR A 356 -5.48 -24.83 -6.92
N PRO A 357 -5.65 -25.65 -7.96
CA PRO A 357 -4.90 -25.36 -9.19
C PRO A 357 -5.13 -23.95 -9.74
N MET A 358 -6.37 -23.48 -9.81
CA MET A 358 -6.62 -22.15 -10.33
C MET A 358 -6.08 -21.09 -9.39
N VAL A 359 -6.23 -21.30 -8.09
CA VAL A 359 -5.73 -20.34 -7.14
C VAL A 359 -4.22 -20.20 -7.34
N GLN A 360 -3.53 -21.33 -7.48
CA GLN A 360 -2.08 -21.33 -7.67
C GLN A 360 -1.70 -20.67 -8.97
N PHE A 361 -2.50 -20.90 -10.01
CA PHE A 361 -2.25 -20.30 -11.32
C PHE A 361 -2.38 -18.79 -11.18
N TYR A 362 -3.49 -18.34 -10.58
CA TYR A 362 -3.73 -16.91 -10.37
C TYR A 362 -2.58 -16.25 -9.64
N GLU A 363 -2.18 -16.86 -8.54
CA GLU A 363 -1.12 -16.37 -7.68
C GLU A 363 0.23 -16.33 -8.40
N THR A 364 0.48 -17.30 -9.27
CA THR A 364 1.73 -17.36 -10.01
C THR A 364 1.76 -16.31 -11.11
N LEU A 365 0.67 -16.16 -11.85
CA LEU A 365 0.58 -15.14 -12.88
C LEU A 365 0.78 -13.80 -12.19
N GLY A 366 0.14 -13.66 -11.03
CA GLY A 366 0.26 -12.43 -10.26
C GLY A 366 -0.76 -11.38 -10.65
N LYS A 367 -1.13 -10.54 -9.70
CA LYS A 367 -2.12 -9.48 -9.93
C LYS A 367 -1.84 -8.67 -11.19
N ASP A 368 -0.63 -8.15 -11.30
CA ASP A 368 -0.25 -7.34 -12.45
C ASP A 368 -0.49 -8.04 -13.80
N ARG A 369 -0.08 -9.30 -13.92
CA ARG A 369 -0.28 -10.01 -15.18
C ARG A 369 -1.74 -10.38 -15.43
N ILE A 370 -2.50 -10.62 -14.36
CA ILE A 370 -3.91 -10.94 -14.53
C ILE A 370 -4.60 -9.69 -15.05
N LEU A 371 -4.17 -8.52 -14.57
CA LEU A 371 -4.74 -7.26 -15.05
C LEU A 371 -4.32 -7.09 -16.50
N GLU A 372 -3.09 -7.43 -16.82
CA GLU A 372 -2.63 -7.31 -18.21
C GLU A 372 -3.41 -8.26 -19.12
N LEU A 373 -3.67 -9.46 -18.65
CA LEU A 373 -4.40 -10.45 -19.43
C LEU A 373 -5.92 -10.28 -19.46
N MET A 374 -6.52 -10.00 -18.30
CA MET A 374 -7.97 -9.86 -18.22
C MET A 374 -8.48 -8.43 -18.03
N GLY A 375 -7.56 -7.49 -17.84
CA GLY A 375 -7.93 -6.10 -17.66
C GLY A 375 -7.34 -5.26 -18.77
N ALA A 376 -6.77 -4.10 -18.42
CA ALA A 376 -6.16 -3.22 -19.41
C ALA A 376 -4.65 -3.08 -19.17
N GLY A 377 -4.11 -3.92 -18.30
CA GLY A 377 -2.69 -3.86 -18.00
C GLY A 377 -2.25 -2.50 -17.52
N THR A 378 -0.99 -2.18 -17.72
CA THR A 378 -0.46 -0.89 -17.30
C THR A 378 -0.70 0.14 -18.39
N LEU A 379 -1.68 1.00 -18.18
CA LEU A 379 -2.01 2.03 -19.17
C LEU A 379 -1.36 3.37 -18.82
N ASN A 380 -0.62 3.92 -19.76
CA ASN A 380 0.02 5.21 -19.55
C ASN A 380 -0.87 6.29 -20.16
N LYS A 381 -1.33 7.19 -19.31
CA LYS A 381 -2.23 8.28 -19.71
C LYS A 381 -1.66 9.27 -20.72
N GLU A 382 -1.25 8.77 -21.88
CA GLU A 382 -0.72 9.58 -22.97
C GLU A 382 -0.26 8.66 -24.08
N LEU A 383 -1.20 7.81 -24.50
CA LEU A 383 -1.01 6.82 -25.55
C LEU A 383 -2.42 6.27 -25.67
N LEU A 384 -3.28 6.82 -24.81
CA LEU A 384 -4.68 6.43 -24.73
C LEU A 384 -5.59 7.65 -24.72
N ASN A 385 -6.71 7.55 -25.41
CA ASN A 385 -7.70 8.62 -25.45
C ASN A 385 -8.15 8.82 -24.01
N ASP A 386 -8.42 10.06 -23.62
CA ASP A 386 -8.84 10.35 -22.25
C ASP A 386 -10.11 9.61 -21.82
N ASN A 387 -11.06 9.49 -22.74
CA ASN A 387 -12.32 8.79 -22.46
C ASN A 387 -12.07 7.28 -22.41
N HIS A 388 -11.28 6.78 -23.37
CA HIS A 388 -10.96 5.37 -23.43
C HIS A 388 -10.25 4.98 -22.13
N ALA A 389 -9.30 5.80 -21.72
CA ALA A 389 -8.54 5.57 -20.51
C ALA A 389 -9.46 5.30 -19.33
N LYS A 390 -10.38 6.22 -19.09
CA LYS A 390 -11.31 6.09 -17.97
C LYS A 390 -12.08 4.78 -18.01
N SER A 391 -12.38 4.30 -19.21
CA SER A 391 -13.10 3.04 -19.36
C SER A 391 -12.19 1.88 -18.97
N LEU A 392 -10.95 1.92 -19.44
CA LEU A 392 -9.98 0.86 -19.12
C LEU A 392 -9.74 0.81 -17.62
N GLU A 393 -9.68 1.97 -16.98
CA GLU A 393 -9.47 2.06 -15.54
C GLU A 393 -10.60 1.38 -14.77
N GLY A 394 -11.81 1.49 -15.32
CA GLY A 394 -12.96 0.87 -14.68
C GLY A 394 -12.85 -0.64 -14.81
N LYS A 395 -12.30 -1.08 -15.94
CA LYS A 395 -12.12 -2.50 -16.19
C LYS A 395 -11.10 -3.05 -15.20
N ASN A 396 -9.94 -2.39 -15.10
CA ASN A 396 -8.90 -2.84 -14.18
C ASN A 396 -9.41 -2.97 -12.75
N ARG A 397 -10.19 -1.98 -12.31
CA ARG A 397 -10.75 -1.97 -10.96
C ARG A 397 -11.58 -3.21 -10.64
N SER A 398 -12.52 -3.54 -11.52
CA SER A 398 -13.39 -4.69 -11.32
C SER A 398 -12.61 -6.00 -11.14
N VAL A 399 -11.60 -6.20 -11.99
CA VAL A 399 -10.77 -7.39 -11.94
C VAL A 399 -9.88 -7.36 -10.70
N GLU A 400 -9.25 -6.22 -10.45
CA GLU A 400 -8.39 -6.08 -9.30
C GLU A 400 -9.13 -6.32 -7.98
N ASP A 401 -10.24 -5.65 -7.78
CA ASP A 401 -10.99 -5.84 -6.54
C ASP A 401 -11.41 -7.30 -6.45
N SER A 402 -11.66 -7.89 -7.60
CA SER A 402 -12.06 -9.28 -7.67
C SER A 402 -10.90 -10.16 -7.19
N TYR A 403 -9.70 -9.87 -7.69
CA TYR A 403 -8.50 -10.61 -7.33
C TYR A 403 -8.21 -10.52 -5.83
N ASN A 404 -8.23 -9.29 -5.29
CA ASN A 404 -7.96 -9.08 -3.87
C ASN A 404 -9.00 -9.73 -2.96
N GLN A 405 -10.27 -9.63 -3.35
CA GLN A 405 -11.32 -10.24 -2.54
C GLN A 405 -11.09 -11.75 -2.50
N LEU A 406 -10.82 -12.34 -3.65
CA LEU A 406 -10.57 -13.78 -3.71
C LEU A 406 -9.45 -14.21 -2.78
N PHE A 407 -8.33 -13.50 -2.80
CA PHE A 407 -7.21 -13.90 -1.95
C PHE A 407 -7.34 -13.59 -0.47
N SER A 408 -8.27 -12.70 -0.12
CA SER A 408 -8.49 -12.41 1.29
C SER A 408 -9.32 -13.60 1.78
N VAL A 409 -10.18 -14.10 0.90
CA VAL A 409 -11.01 -15.25 1.22
C VAL A 409 -10.10 -16.48 1.34
N ILE A 410 -9.18 -16.64 0.41
CA ILE A 410 -8.27 -17.78 0.44
C ILE A 410 -7.42 -17.74 1.71
N GLU A 411 -7.01 -16.53 2.12
CA GLU A 411 -6.20 -16.43 3.33
C GLU A 411 -6.97 -16.92 4.56
N GLN A 412 -8.28 -16.70 4.59
CA GLN A 412 -9.06 -17.15 5.74
C GLN A 412 -9.31 -18.66 5.62
N VAL A 413 -9.53 -19.15 4.41
CA VAL A 413 -9.78 -20.57 4.20
C VAL A 413 -8.54 -21.38 4.58
N ARG A 414 -7.37 -20.90 4.18
CA ARG A 414 -6.11 -21.59 4.46
C ARG A 414 -5.90 -21.88 5.94
N ALA A 415 -6.38 -21.00 6.81
CA ALA A 415 -6.25 -21.17 8.25
C ALA A 415 -7.19 -22.24 8.81
N GLN A 416 -8.24 -22.57 8.06
CA GLN A 416 -9.21 -23.56 8.51
C GLN A 416 -8.71 -25.00 8.37
N SER A 417 -7.60 -25.18 7.65
CA SER A 417 -7.05 -26.52 7.43
C SER A 417 -5.79 -26.49 6.59
N GLU A 418 -5.02 -27.57 6.66
CA GLU A 418 -3.78 -27.67 5.90
C GLU A 418 -4.11 -27.90 4.41
N ASP A 419 -5.29 -28.44 4.12
CA ASP A 419 -5.68 -28.66 2.72
C ASP A 419 -6.88 -27.77 2.39
N ILE A 420 -6.61 -26.60 1.81
CA ILE A 420 -7.67 -25.65 1.48
C ILE A 420 -8.75 -26.21 0.58
N SER A 421 -8.41 -27.21 -0.25
CA SER A 421 -9.36 -27.80 -1.16
C SER A 421 -10.42 -28.65 -0.44
N THR A 422 -10.22 -28.89 0.85
CA THR A 422 -11.14 -29.71 1.63
C THR A 422 -12.05 -28.92 2.58
N VAL A 423 -11.93 -27.60 2.59
CA VAL A 423 -12.73 -26.76 3.47
C VAL A 423 -14.03 -26.35 2.78
N PRO A 424 -15.17 -26.85 3.27
CA PRO A 424 -16.49 -26.53 2.71
C PRO A 424 -16.82 -25.08 3.01
N ILE A 425 -17.35 -24.38 2.01
CA ILE A 425 -17.73 -22.97 2.17
C ILE A 425 -19.20 -22.85 1.83
N HIS A 426 -19.94 -22.10 2.64
CA HIS A 426 -21.36 -21.89 2.38
C HIS A 426 -21.60 -20.42 2.13
N TYR A 427 -22.61 -20.13 1.30
CA TYR A 427 -22.94 -18.74 1.02
C TYR A 427 -24.37 -18.40 1.38
N ALA A 428 -24.55 -17.20 1.92
CA ALA A 428 -25.88 -16.73 2.27
C ALA A 428 -26.53 -16.21 0.98
N TYR A 429 -27.83 -16.40 0.87
CA TYR A 429 -28.61 -15.94 -0.27
C TYR A 429 -29.89 -15.26 0.25
N ASN A 430 -30.51 -14.45 -0.59
CA ASN A 430 -31.79 -13.86 -0.25
C ASN A 430 -32.56 -13.63 -1.54
N MET A 431 -33.87 -13.53 -1.42
CA MET A 431 -34.74 -13.32 -2.57
C MET A 431 -34.81 -11.82 -2.79
N THR A 432 -34.63 -11.39 -4.03
CA THR A 432 -34.69 -9.97 -4.36
C THR A 432 -36.13 -9.58 -4.72
N ARG A 433 -36.36 -8.28 -4.91
CA ARG A 433 -37.66 -7.73 -5.27
C ARG A 433 -38.28 -8.46 -6.47
N VAL A 434 -37.44 -8.94 -7.38
CA VAL A 434 -37.95 -9.65 -8.56
C VAL A 434 -37.85 -11.17 -8.48
N GLY A 435 -37.78 -11.71 -7.26
CA GLY A 435 -37.75 -13.15 -7.08
C GLY A 435 -36.49 -13.93 -7.44
N ARG A 436 -35.35 -13.27 -7.60
CA ARG A 436 -34.11 -13.99 -7.90
C ARG A 436 -33.36 -14.34 -6.62
N MET A 437 -32.72 -15.51 -6.59
CA MET A 437 -31.95 -15.92 -5.43
C MET A 437 -30.55 -15.37 -5.61
N GLN A 438 -30.30 -14.25 -4.97
CA GLN A 438 -29.02 -13.58 -5.10
C GLN A 438 -28.07 -13.88 -3.96
N MET A 439 -26.87 -14.31 -4.30
CA MET A 439 -25.85 -14.62 -3.31
C MET A 439 -25.45 -13.28 -2.66
N LEU A 440 -25.36 -13.24 -1.33
CA LEU A 440 -24.99 -11.99 -0.67
C LEU A 440 -23.52 -11.69 -0.93
N GLY A 441 -23.16 -10.42 -0.86
CA GLY A 441 -21.78 -10.04 -1.10
C GLY A 441 -21.63 -9.52 -2.50
N LYS A 442 -20.54 -8.81 -2.76
CA LYS A 442 -20.31 -8.25 -4.08
C LYS A 442 -19.49 -9.14 -5.00
N TYR A 443 -18.40 -9.71 -4.47
CA TYR A 443 -17.53 -10.57 -5.25
C TYR A 443 -17.57 -11.99 -4.73
N ASN A 444 -18.44 -12.81 -5.31
CA ASN A 444 -18.60 -14.21 -4.92
C ASN A 444 -18.74 -15.07 -6.18
N PRO A 445 -18.88 -16.39 -6.03
CA PRO A 445 -19.01 -17.24 -7.22
C PRO A 445 -20.13 -16.84 -8.19
N GLN A 446 -21.23 -16.33 -7.65
CA GLN A 446 -22.34 -15.95 -8.50
C GLN A 446 -22.13 -14.65 -9.28
N SER A 447 -21.50 -13.67 -8.64
CA SER A 447 -21.29 -12.36 -9.29
C SER A 447 -19.94 -12.12 -9.97
N ALA A 448 -18.88 -12.75 -9.50
CA ALA A 448 -17.55 -12.52 -10.07
C ALA A 448 -16.92 -13.69 -10.83
N LYS A 449 -16.73 -13.49 -12.13
CA LYS A 449 -16.14 -14.51 -12.99
C LYS A 449 -14.80 -15.05 -12.49
N LEU A 450 -13.93 -14.16 -12.01
CA LEU A 450 -12.63 -14.57 -11.49
C LEU A 450 -12.82 -15.57 -10.33
N VAL A 451 -13.69 -15.21 -9.39
CA VAL A 451 -13.97 -16.05 -8.22
C VAL A 451 -14.72 -17.35 -8.58
N ARG A 452 -15.56 -17.28 -9.60
CA ARG A 452 -16.34 -18.44 -10.03
C ARG A 452 -15.47 -19.61 -10.49
N GLU A 453 -14.24 -19.33 -10.92
CA GLU A 453 -13.35 -20.40 -11.38
C GLU A 453 -12.42 -20.90 -10.29
N ALA A 454 -12.47 -20.29 -9.11
CA ALA A 454 -11.62 -20.70 -8.00
C ALA A 454 -12.38 -21.30 -6.82
N ILE A 455 -13.67 -20.98 -6.71
CA ILE A 455 -14.53 -21.49 -5.63
C ILE A 455 -15.78 -22.06 -6.31
N LEU A 456 -15.85 -23.39 -6.35
CA LEU A 456 -16.93 -24.08 -7.06
C LEU A 456 -17.65 -25.14 -6.24
N PRO A 457 -18.93 -25.39 -6.55
CA PRO A 457 -19.72 -26.41 -5.83
C PRO A 457 -19.71 -27.67 -6.68
N THR A 458 -19.18 -27.53 -7.89
CA THR A 458 -19.13 -28.61 -8.85
C THR A 458 -17.91 -29.47 -8.63
N LYS A 459 -18.10 -30.77 -8.77
CA LYS A 459 -17.00 -31.68 -8.55
C LYS A 459 -17.45 -33.00 -9.10
N ALA A 460 -16.51 -33.73 -9.70
CA ALA A 460 -16.84 -35.01 -10.26
C ALA A 460 -15.57 -35.82 -10.39
N THR A 461 -15.72 -37.13 -10.39
CA THR A 461 -14.61 -38.04 -10.56
C THR A 461 -14.96 -38.75 -11.86
N LEU A 462 -14.19 -38.50 -12.90
CA LEU A 462 -14.48 -39.08 -14.20
C LEU A 462 -13.48 -40.12 -14.65
N ASP A 463 -13.95 -40.98 -15.55
CA ASP A 463 -13.09 -42.00 -16.13
C ASP A 463 -12.76 -41.48 -17.51
N LEU A 464 -11.59 -40.84 -17.63
CA LEU A 464 -11.17 -40.27 -18.90
C LEU A 464 -10.04 -41.09 -19.51
N SER A 465 -10.03 -42.39 -19.21
CA SER A 465 -9.01 -43.31 -19.72
C SER A 465 -9.31 -43.67 -21.17
N ASN A 466 -10.57 -43.50 -21.57
CA ASN A 466 -10.98 -43.78 -22.94
C ASN A 466 -11.79 -42.61 -23.48
N GLN A 467 -11.29 -41.99 -24.53
CA GLN A 467 -11.97 -40.83 -25.10
C GLN A 467 -13.35 -41.16 -25.67
N ASN A 468 -13.76 -42.43 -25.57
CA ASN A 468 -15.08 -42.83 -26.05
C ASN A 468 -16.09 -43.00 -24.92
N ASN A 469 -15.64 -42.75 -23.70
CA ASN A 469 -16.50 -42.86 -22.53
C ASN A 469 -17.52 -41.73 -22.57
N GLU A 470 -18.62 -41.90 -21.84
CA GLU A 470 -19.62 -40.86 -21.76
C GLU A 470 -18.97 -39.73 -20.97
N ASP A 471 -18.17 -40.12 -19.98
CA ASP A 471 -17.46 -39.15 -19.12
C ASP A 471 -16.55 -38.24 -19.92
N PHE A 472 -15.81 -38.80 -20.88
CA PHE A 472 -14.93 -37.97 -21.68
C PHE A 472 -15.74 -36.99 -22.53
N SER A 473 -16.90 -37.43 -23.00
CA SER A 473 -17.79 -36.58 -23.80
C SER A 473 -18.25 -35.38 -22.93
N ALA A 474 -18.62 -35.68 -21.69
CA ALA A 474 -19.06 -34.64 -20.77
C ALA A 474 -17.92 -33.65 -20.55
N PHE A 475 -16.73 -34.19 -20.37
CA PHE A 475 -15.53 -33.40 -20.17
C PHE A 475 -15.34 -32.51 -21.40
N GLN A 476 -15.48 -33.09 -22.59
CA GLN A 476 -15.34 -32.31 -23.81
C GLN A 476 -16.37 -31.20 -23.89
N LEU A 477 -17.60 -31.50 -23.51
CA LEU A 477 -18.66 -30.50 -23.55
C LEU A 477 -18.31 -29.31 -22.66
N GLY A 478 -17.80 -29.60 -21.46
CA GLY A 478 -17.43 -28.55 -20.54
C GLY A 478 -16.27 -27.72 -21.06
N LEU A 479 -15.30 -28.39 -21.67
CA LEU A 479 -14.15 -27.68 -22.22
C LEU A 479 -14.57 -26.79 -23.38
N ALA A 480 -15.36 -27.34 -24.30
CA ALA A 480 -15.83 -26.60 -25.46
C ALA A 480 -16.63 -25.35 -25.10
N GLN A 481 -17.56 -25.50 -24.17
CA GLN A 481 -18.40 -24.38 -23.76
C GLN A 481 -17.55 -23.28 -23.13
N ALA A 482 -16.57 -23.69 -22.32
CA ALA A 482 -15.67 -22.76 -21.65
C ALA A 482 -14.80 -22.01 -22.67
N LEU A 483 -14.46 -22.70 -23.75
CA LEU A 483 -13.63 -22.13 -24.83
C LEU A 483 -14.40 -21.34 -25.89
N ASP A 484 -15.67 -21.04 -25.61
CA ASP A 484 -16.52 -20.28 -26.50
C ASP A 484 -17.04 -20.98 -27.75
N ILE A 485 -17.21 -22.29 -27.67
CA ILE A 485 -17.79 -23.03 -28.78
C ILE A 485 -19.27 -23.03 -28.37
N LYS A 486 -20.14 -22.57 -29.26
CA LYS A 486 -21.56 -22.52 -28.97
C LYS A 486 -22.09 -23.93 -28.95
N VAL A 487 -21.89 -24.61 -27.82
CA VAL A 487 -22.29 -25.99 -27.66
C VAL A 487 -23.78 -26.30 -27.84
N HIS A 488 -24.65 -25.32 -27.64
CA HIS A 488 -26.08 -25.61 -27.79
C HIS A 488 -26.57 -25.54 -29.24
N THR A 489 -25.70 -25.09 -30.14
CA THR A 489 -26.06 -24.96 -31.55
C THR A 489 -25.63 -26.12 -32.42
N MET A 490 -24.92 -27.10 -31.86
CA MET A 490 -24.46 -28.26 -32.62
C MET A 490 -24.61 -29.50 -31.77
N THR A 491 -24.62 -30.67 -32.38
CA THR A 491 -24.75 -31.92 -31.61
C THR A 491 -23.47 -32.23 -30.84
N ARG A 492 -23.57 -33.11 -29.84
CA ARG A 492 -22.40 -33.49 -29.04
C ARG A 492 -21.25 -33.98 -29.94
N GLU A 493 -21.59 -34.85 -30.89
CA GLU A 493 -20.58 -35.40 -31.79
C GLU A 493 -19.84 -34.33 -32.57
N VAL A 494 -20.59 -33.39 -33.13
CA VAL A 494 -19.99 -32.31 -33.90
C VAL A 494 -19.13 -31.39 -33.00
N MET A 495 -19.61 -31.06 -31.79
CA MET A 495 -18.81 -30.19 -30.92
C MET A 495 -17.50 -30.87 -30.55
N SER A 496 -17.55 -32.19 -30.38
CA SER A 496 -16.36 -32.98 -30.06
C SER A 496 -15.27 -32.77 -31.10
N ASP A 497 -15.67 -32.68 -32.37
CA ASP A 497 -14.70 -32.46 -33.45
C ASP A 497 -14.15 -31.03 -33.44
N GLU A 498 -15.01 -30.05 -33.21
CA GLU A 498 -14.56 -28.66 -33.18
C GLU A 498 -13.59 -28.43 -32.01
N LEU A 499 -13.88 -29.04 -30.87
CA LEU A 499 -13.00 -28.89 -29.71
C LEU A 499 -11.62 -29.47 -30.01
N THR A 500 -11.60 -30.67 -30.57
CA THR A 500 -10.35 -31.35 -30.91
C THR A 500 -9.50 -30.48 -31.83
N LYS A 501 -10.14 -29.88 -32.83
CA LYS A 501 -9.45 -29.02 -33.78
C LYS A 501 -8.78 -27.84 -33.09
N LEU A 502 -9.46 -27.27 -32.10
CA LEU A 502 -8.94 -26.12 -31.35
C LEU A 502 -7.79 -26.53 -30.42
N LEU A 503 -7.98 -27.64 -29.71
CA LEU A 503 -6.98 -28.16 -28.78
C LEU A 503 -5.68 -28.52 -29.48
N GLU A 504 -5.80 -29.05 -30.69
CA GLU A 504 -4.66 -29.47 -31.49
C GLU A 504 -4.07 -28.32 -32.31
N GLY A 505 -4.85 -27.26 -32.50
CA GLY A 505 -4.39 -26.13 -33.28
C GLY A 505 -3.88 -24.94 -32.50
N ASN A 506 -4.67 -23.88 -32.49
CA ASN A 506 -4.32 -22.63 -31.82
C ASN A 506 -4.07 -22.66 -30.33
N LEU A 507 -4.76 -23.53 -29.60
CA LEU A 507 -4.61 -23.61 -28.16
C LEU A 507 -3.40 -24.46 -27.73
N LYS A 508 -2.90 -25.29 -28.64
CA LYS A 508 -1.77 -26.17 -28.37
C LYS A 508 -0.64 -25.50 -27.60
N PRO A 509 -0.19 -24.32 -28.04
CA PRO A 509 0.90 -23.60 -27.35
C PRO A 509 0.55 -23.28 -25.90
N ALA A 510 -0.67 -22.83 -25.66
CA ALA A 510 -1.09 -22.51 -24.30
C ALA A 510 -1.18 -23.81 -23.50
N ILE A 511 -1.73 -24.86 -24.12
CA ILE A 511 -1.87 -26.16 -23.47
C ILE A 511 -0.50 -26.66 -23.03
N ASP A 512 0.48 -26.58 -23.93
CA ASP A 512 1.84 -27.01 -23.60
C ASP A 512 2.37 -26.26 -22.38
N MET A 513 2.17 -24.94 -22.36
CA MET A 513 2.62 -24.12 -21.25
C MET A 513 1.95 -24.54 -19.94
N MET A 514 0.66 -24.83 -20.00
CA MET A 514 -0.09 -25.24 -18.81
C MET A 514 0.38 -26.60 -18.36
N VAL A 515 0.76 -27.44 -19.32
CA VAL A 515 1.28 -28.77 -19.01
C VAL A 515 2.52 -28.55 -18.15
N GLU A 516 3.41 -27.70 -18.64
CA GLU A 516 4.63 -27.37 -17.90
C GLU A 516 4.30 -26.82 -16.51
N PHE A 517 3.24 -26.02 -16.43
CA PHE A 517 2.84 -25.45 -15.16
C PHE A 517 2.35 -26.51 -14.19
N ASN A 518 1.58 -27.46 -14.69
CA ASN A 518 1.05 -28.52 -13.86
C ASN A 518 2.11 -29.60 -13.65
N THR A 519 3.37 -29.20 -13.77
CA THR A 519 4.51 -30.09 -13.57
C THR A 519 5.53 -29.42 -12.66
N THR A 520 6.09 -28.30 -13.11
CA THR A 520 7.10 -27.58 -12.34
C THR A 520 6.52 -26.43 -11.51
N GLY A 521 5.29 -26.03 -11.83
CA GLY A 521 4.66 -24.95 -11.09
C GLY A 521 5.12 -23.58 -11.55
N SER A 522 5.88 -23.53 -12.64
CA SER A 522 6.38 -22.24 -13.13
C SER A 522 5.74 -21.84 -14.44
N LEU A 523 5.72 -20.53 -14.68
CA LEU A 523 5.17 -19.96 -15.90
C LEU A 523 6.28 -19.19 -16.62
N PRO A 524 6.18 -19.09 -17.96
CA PRO A 524 7.19 -18.36 -18.74
C PRO A 524 7.04 -16.87 -18.48
N GLU A 525 8.02 -16.07 -18.86
CA GLU A 525 7.93 -14.63 -18.68
C GLU A 525 6.90 -14.05 -19.66
N ASN A 526 6.63 -14.78 -20.74
CA ASN A 526 5.67 -14.32 -21.73
C ASN A 526 4.34 -15.08 -21.65
N ALA A 527 4.03 -15.58 -20.46
CA ALA A 527 2.78 -16.33 -20.25
C ALA A 527 1.56 -15.57 -20.75
N VAL A 528 1.51 -14.27 -20.50
CA VAL A 528 0.38 -13.46 -20.92
C VAL A 528 0.24 -13.43 -22.44
N ASP A 529 1.36 -13.35 -23.15
CA ASP A 529 1.30 -13.32 -24.61
C ASP A 529 0.89 -14.68 -25.16
N VAL A 530 1.41 -15.75 -24.56
CA VAL A 530 1.05 -17.09 -25.04
C VAL A 530 -0.46 -17.30 -24.92
N LEU A 531 -1.01 -17.04 -23.73
CA LEU A 531 -2.44 -17.19 -23.50
C LEU A 531 -3.25 -16.28 -24.42
N ASN A 532 -2.92 -14.99 -24.41
CA ASN A 532 -3.63 -14.03 -25.25
C ASN A 532 -3.63 -14.42 -26.72
N THR A 533 -2.51 -14.94 -27.21
CA THR A 533 -2.42 -15.33 -28.61
C THR A 533 -3.24 -16.59 -28.88
N ALA A 534 -3.08 -17.59 -28.02
CA ALA A 534 -3.80 -18.84 -28.20
C ALA A 534 -5.32 -18.67 -28.10
N LEU A 535 -5.78 -17.87 -27.14
CA LEU A 535 -7.21 -17.67 -26.94
C LEU A 535 -7.91 -16.66 -27.84
N GLY A 536 -7.22 -15.58 -28.18
CA GLY A 536 -7.86 -14.58 -29.02
C GLY A 536 -9.14 -14.11 -28.33
N ASP A 537 -10.25 -14.04 -29.05
CA ASP A 537 -11.49 -13.58 -28.44
C ASP A 537 -12.22 -14.62 -27.59
N ARG A 538 -11.61 -15.79 -27.42
CA ARG A 538 -12.20 -16.84 -26.60
C ARG A 538 -11.82 -16.61 -25.14
N LYS A 539 -10.86 -15.71 -24.93
CA LYS A 539 -10.37 -15.39 -23.60
C LYS A 539 -11.42 -14.99 -22.56
N SER A 540 -11.32 -15.59 -21.37
CA SER A 540 -12.25 -15.34 -20.28
C SER A 540 -11.69 -16.12 -19.12
N PHE A 541 -12.28 -15.96 -17.93
CA PHE A 541 -11.75 -16.71 -16.81
C PHE A 541 -12.08 -18.19 -16.93
N VAL A 542 -13.26 -18.52 -17.42
CA VAL A 542 -13.63 -19.92 -17.56
C VAL A 542 -12.80 -20.61 -18.65
N ALA A 543 -12.29 -19.83 -19.59
CA ALA A 543 -11.44 -20.38 -20.64
C ALA A 543 -10.11 -20.79 -20.00
N LEU A 544 -9.68 -20.05 -18.99
CA LEU A 544 -8.43 -20.36 -18.32
C LEU A 544 -8.59 -21.63 -17.51
N MET A 545 -9.80 -21.85 -17.01
CA MET A 545 -10.13 -23.05 -16.25
C MET A 545 -10.07 -24.25 -17.19
N ALA A 546 -10.58 -24.08 -18.41
CA ALA A 546 -10.57 -25.16 -19.38
C ALA A 546 -9.13 -25.56 -19.73
N LEU A 547 -8.28 -24.57 -20.01
CA LEU A 547 -6.89 -24.86 -20.34
C LEU A 547 -6.24 -25.58 -19.16
N MET A 548 -6.51 -25.09 -17.96
CA MET A 548 -5.97 -25.67 -16.75
C MET A 548 -6.41 -27.12 -16.61
N GLU A 549 -7.72 -27.35 -16.71
CA GLU A 549 -8.25 -28.70 -16.56
C GLU A 549 -7.85 -29.66 -17.67
N TYR A 550 -7.73 -29.18 -18.89
CA TYR A 550 -7.31 -30.09 -19.95
C TYR A 550 -5.85 -30.48 -19.68
N SER A 551 -5.00 -29.51 -19.33
CA SER A 551 -3.60 -29.80 -19.07
C SER A 551 -3.40 -30.69 -17.83
N ARG A 552 -4.28 -30.58 -16.84
CA ARG A 552 -4.19 -31.41 -15.64
C ARG A 552 -4.49 -32.85 -16.04
N TYR A 553 -5.46 -33.03 -16.94
CA TYR A 553 -5.83 -34.36 -17.43
C TYR A 553 -4.67 -34.98 -18.18
N LEU A 554 -4.03 -34.19 -19.03
CA LEU A 554 -2.90 -34.67 -19.83
C LEU A 554 -1.79 -35.24 -18.95
N VAL A 555 -1.50 -34.60 -17.82
CA VAL A 555 -0.44 -35.09 -16.95
C VAL A 555 -0.95 -36.04 -15.87
N ALA A 556 -2.27 -36.18 -15.77
CA ALA A 556 -2.86 -37.03 -14.74
C ALA A 556 -2.33 -38.46 -14.71
N GLU A 557 -2.03 -38.93 -13.49
CA GLU A 557 -1.53 -40.27 -13.23
C GLU A 557 -2.62 -41.30 -13.48
N ASP A 558 -3.76 -41.13 -12.82
CA ASP A 558 -4.88 -42.05 -12.95
C ASP A 558 -6.03 -41.39 -13.70
N LYS A 559 -5.99 -41.44 -15.02
CA LYS A 559 -7.03 -40.84 -15.85
C LYS A 559 -8.37 -41.55 -15.66
N SER A 560 -8.32 -42.68 -14.95
CA SER A 560 -9.50 -43.47 -14.67
C SER A 560 -10.33 -42.84 -13.56
N ALA A 561 -9.69 -42.00 -12.74
CA ALA A 561 -10.36 -41.33 -11.65
C ALA A 561 -9.86 -39.89 -11.57
N PHE A 562 -10.19 -39.10 -12.58
CA PHE A 562 -9.78 -37.71 -12.64
C PHE A 562 -10.81 -36.85 -11.94
N VAL A 563 -10.37 -36.11 -10.92
CA VAL A 563 -11.26 -35.24 -10.16
C VAL A 563 -11.15 -33.79 -10.64
N THR A 564 -12.28 -33.22 -11.06
CA THR A 564 -12.29 -31.87 -11.57
C THR A 564 -13.61 -31.16 -11.31
N PRO A 565 -13.57 -29.84 -11.06
CA PRO A 565 -14.74 -29.02 -10.80
C PRO A 565 -15.23 -28.38 -12.11
N LEU A 566 -14.60 -28.70 -13.24
CA LEU A 566 -15.03 -28.14 -14.53
C LEU A 566 -16.53 -28.42 -14.64
N TYR A 567 -17.28 -27.48 -15.18
CA TYR A 567 -18.71 -27.65 -15.25
C TYR A 567 -19.28 -27.38 -16.64
N VAL A 568 -20.56 -27.66 -16.79
CA VAL A 568 -21.27 -27.37 -18.02
C VAL A 568 -22.42 -26.51 -17.54
N GLU A 569 -22.65 -25.39 -18.21
CA GLU A 569 -23.78 -24.55 -17.80
C GLU A 569 -24.97 -24.84 -18.69
N ALA A 570 -26.07 -25.28 -18.08
CA ALA A 570 -27.29 -25.51 -18.83
C ALA A 570 -27.75 -24.05 -18.85
N ASP A 571 -27.70 -23.44 -20.03
CA ASP A 571 -28.00 -22.04 -20.19
C ASP A 571 -29.24 -21.72 -21.00
N GLY A 572 -30.06 -20.82 -20.46
CA GLY A 572 -31.28 -20.43 -21.14
C GLY A 572 -31.00 -19.77 -22.49
N VAL A 573 -31.83 -20.10 -23.49
CA VAL A 573 -31.67 -19.55 -24.83
C VAL A 573 -32.66 -18.40 -24.97
N THR A 574 -32.14 -17.16 -25.05
CA THR A 574 -32.99 -15.97 -25.15
C THR A 574 -34.11 -16.13 -24.12
N ASN A 575 -33.68 -16.48 -22.92
CA ASN A 575 -34.55 -16.75 -21.78
C ASN A 575 -35.64 -15.72 -21.43
N GLY A 576 -35.23 -14.49 -21.16
CA GLY A 576 -36.19 -13.45 -20.83
C GLY A 576 -37.30 -13.31 -21.87
N PRO A 577 -36.93 -13.07 -23.15
CA PRO A 577 -37.92 -12.91 -24.22
C PRO A 577 -38.80 -14.17 -24.36
N ILE A 578 -38.17 -15.34 -24.36
CA ILE A 578 -38.93 -16.57 -24.51
C ILE A 578 -39.91 -16.77 -23.35
N ASN A 579 -39.47 -16.47 -22.12
CA ASN A 579 -40.34 -16.60 -20.95
C ASN A 579 -41.55 -15.66 -21.10
N ALA A 580 -41.27 -14.41 -21.47
CA ALA A 580 -42.34 -13.43 -21.66
C ALA A 580 -43.35 -13.91 -22.70
N MET A 581 -42.86 -14.49 -23.79
CA MET A 581 -43.74 -15.00 -24.85
C MET A 581 -44.62 -16.14 -24.38
N MET A 582 -44.05 -17.04 -23.57
CA MET A 582 -44.80 -18.17 -23.06
C MET A 582 -45.75 -17.73 -21.95
N LEU A 583 -45.30 -16.82 -21.11
CA LEU A 583 -46.12 -16.37 -20.00
C LEU A 583 -47.22 -15.36 -20.30
N MET A 584 -46.99 -14.44 -21.24
CA MET A 584 -47.97 -13.41 -21.53
C MET A 584 -48.59 -13.28 -22.92
N THR A 585 -48.48 -14.30 -23.75
CA THR A 585 -49.13 -14.23 -25.06
C THR A 585 -50.53 -14.74 -24.72
N GLY A 586 -51.57 -13.97 -25.02
CA GLY A 586 -52.90 -14.44 -24.67
C GLY A 586 -53.98 -14.60 -25.72
N GLY A 587 -53.61 -14.88 -26.96
CA GLY A 587 -54.64 -15.04 -27.97
C GLY A 587 -54.61 -16.44 -28.57
N LEU A 588 -55.18 -16.59 -29.76
CA LEU A 588 -55.17 -17.88 -30.44
C LEU A 588 -53.74 -18.13 -30.88
N PHE A 589 -53.42 -19.39 -31.18
CA PHE A 589 -52.07 -19.73 -31.60
C PHE A 589 -51.89 -19.35 -33.06
N THR A 590 -50.70 -18.83 -33.39
CA THR A 590 -50.38 -18.46 -34.76
C THR A 590 -49.11 -19.22 -35.17
N PRO A 591 -49.01 -19.59 -36.45
CA PRO A 591 -47.81 -20.32 -36.89
C PRO A 591 -46.48 -19.58 -36.68
N ASP A 592 -46.49 -18.25 -36.75
CA ASP A 592 -45.26 -17.48 -36.53
C ASP A 592 -44.79 -17.63 -35.08
N TRP A 593 -45.74 -17.72 -34.16
CA TRP A 593 -45.43 -17.88 -32.75
C TRP A 593 -44.80 -19.26 -32.53
N ILE A 594 -45.38 -20.27 -33.16
CA ILE A 594 -44.86 -21.62 -33.02
C ILE A 594 -43.43 -21.71 -33.53
N ARG A 595 -43.16 -21.11 -34.68
CA ARG A 595 -41.81 -21.13 -35.22
C ARG A 595 -40.88 -20.33 -34.31
N ASN A 596 -41.34 -19.17 -33.87
CA ASN A 596 -40.50 -18.33 -33.03
C ASN A 596 -40.21 -18.92 -31.66
N ILE A 597 -41.21 -19.51 -31.02
CA ILE A 597 -41.00 -20.09 -29.70
C ILE A 597 -40.07 -21.31 -29.78
N ALA A 598 -39.99 -21.93 -30.95
CA ALA A 598 -39.13 -23.09 -31.13
C ALA A 598 -37.68 -22.62 -31.01
N LYS A 599 -37.45 -21.36 -31.37
CA LYS A 599 -36.10 -20.82 -31.30
C LYS A 599 -35.66 -20.78 -29.83
N GLY A 600 -36.62 -20.88 -28.92
CA GLY A 600 -36.33 -20.85 -27.49
C GLY A 600 -36.43 -22.21 -26.82
N GLY A 601 -36.53 -23.29 -27.60
CA GLY A 601 -36.58 -24.60 -27.00
C GLY A 601 -37.91 -25.27 -26.71
N LEU A 602 -39.01 -24.67 -27.18
CA LEU A 602 -40.31 -25.28 -26.99
C LEU A 602 -40.65 -25.95 -28.31
N PHE A 603 -40.51 -27.27 -28.36
CA PHE A 603 -40.79 -28.03 -29.57
C PHE A 603 -42.10 -28.77 -29.50
N ILE A 604 -42.94 -28.52 -30.50
CA ILE A 604 -44.26 -29.13 -30.60
C ILE A 604 -44.30 -30.29 -31.60
N GLY A 605 -44.65 -31.48 -31.11
CA GLY A 605 -44.75 -32.64 -31.99
C GLY A 605 -43.43 -33.17 -32.54
N SER A 606 -42.40 -33.13 -31.72
CA SER A 606 -41.07 -33.64 -32.12
C SER A 606 -40.49 -34.30 -30.88
N PRO A 607 -41.01 -35.48 -30.51
CA PRO A 607 -40.52 -36.20 -29.34
C PRO A 607 -39.00 -36.27 -29.20
N ASN A 608 -38.52 -35.89 -28.02
CA ASN A 608 -37.10 -35.93 -27.69
C ASN A 608 -36.22 -34.99 -28.49
N LYS A 609 -36.82 -34.03 -29.17
CA LYS A 609 -36.05 -33.08 -29.97
C LYS A 609 -35.25 -32.17 -29.03
N THR A 610 -34.01 -31.89 -29.38
CA THR A 610 -33.15 -31.03 -28.57
C THR A 610 -32.82 -29.74 -29.29
N MET A 611 -32.33 -28.77 -28.51
CA MET A 611 -31.95 -27.49 -29.07
C MET A 611 -30.80 -27.72 -30.06
N ASN A 612 -29.92 -28.66 -29.74
CA ASN A 612 -28.77 -28.95 -30.60
C ASN A 612 -29.24 -29.36 -32.01
N GLU A 613 -30.23 -30.24 -32.08
CA GLU A 613 -30.77 -30.70 -33.36
C GLU A 613 -31.55 -29.59 -34.08
N HIS A 614 -32.29 -28.81 -33.30
CA HIS A 614 -33.06 -27.71 -33.89
C HIS A 614 -32.17 -26.74 -34.64
N ARG A 615 -31.10 -26.29 -33.98
CA ARG A 615 -30.16 -25.33 -34.55
C ARG A 615 -29.33 -25.90 -35.70
N SER A 616 -29.06 -27.18 -35.68
CA SER A 616 -28.26 -27.79 -36.73
C SER A 616 -29.06 -28.29 -37.94
N THR A 617 -30.30 -28.73 -37.73
CA THR A 617 -31.09 -29.26 -38.84
C THR A 617 -32.40 -28.54 -39.17
N ALA A 618 -32.92 -27.73 -38.24
CA ALA A 618 -34.19 -27.06 -38.49
C ALA A 618 -34.18 -25.55 -38.73
N ASP A 619 -33.51 -24.80 -37.87
CA ASP A 619 -33.48 -23.35 -37.95
C ASP A 619 -32.23 -22.84 -37.26
N ASN A 620 -31.31 -22.28 -38.02
CA ASN A 620 -30.06 -21.79 -37.45
C ASN A 620 -30.15 -20.38 -36.87
N ASN A 621 -31.31 -19.75 -36.96
CA ASN A 621 -31.47 -18.39 -36.46
C ASN A 621 -32.21 -18.33 -35.13
N ASP A 622 -31.55 -17.79 -34.12
CA ASP A 622 -32.18 -17.66 -32.81
C ASP A 622 -33.06 -16.44 -32.81
N LEU A 623 -33.69 -16.18 -31.67
CA LEU A 623 -34.60 -15.05 -31.53
C LEU A 623 -33.95 -13.69 -31.84
N TYR A 624 -32.64 -13.57 -31.57
CA TYR A 624 -31.91 -12.32 -31.83
C TYR A 624 -31.79 -12.15 -33.35
N GLN A 625 -31.42 -13.23 -34.03
CA GLN A 625 -31.27 -13.23 -35.48
C GLN A 625 -32.59 -12.88 -36.16
N ALA A 626 -33.67 -13.44 -35.66
CA ALA A 626 -34.98 -13.19 -36.22
C ALA A 626 -35.31 -11.71 -36.07
N SER A 627 -34.95 -11.12 -34.92
CA SER A 627 -35.21 -9.71 -34.67
C SER A 627 -34.42 -8.86 -35.65
N THR A 628 -33.13 -9.18 -35.77
CA THR A 628 -32.22 -8.47 -36.65
C THR A 628 -32.71 -8.54 -38.10
N ASN A 629 -33.19 -9.71 -38.51
CA ASN A 629 -33.69 -9.90 -39.87
C ASN A 629 -34.99 -9.10 -40.07
N ALA A 630 -35.77 -8.94 -39.01
CA ALA A 630 -37.01 -8.18 -39.09
C ALA A 630 -36.65 -6.70 -39.12
N LEU A 631 -35.51 -6.37 -38.54
CA LEU A 631 -35.02 -4.99 -38.51
C LEU A 631 -34.66 -4.58 -39.93
N MET A 632 -33.92 -5.46 -40.61
CA MET A 632 -33.49 -5.23 -41.99
C MET A 632 -34.69 -5.00 -42.91
N GLU A 633 -35.76 -5.75 -42.69
CA GLU A 633 -36.96 -5.58 -43.50
C GLU A 633 -37.57 -4.23 -43.22
N SER A 634 -37.72 -3.93 -41.94
CA SER A 634 -38.30 -2.67 -41.48
C SER A 634 -37.44 -1.50 -41.98
N LEU A 635 -36.13 -1.69 -41.96
CA LEU A 635 -35.21 -0.67 -42.40
C LEU A 635 -35.39 -0.45 -43.91
N GLY A 636 -35.55 -1.54 -44.65
CA GLY A 636 -35.73 -1.46 -46.08
C GLY A 636 -36.97 -0.66 -46.42
N LYS A 637 -38.04 -0.87 -45.64
CA LYS A 637 -39.30 -0.16 -45.85
C LYS A 637 -39.16 1.35 -45.63
N LEU A 638 -38.43 1.73 -44.58
CA LEU A 638 -38.22 3.14 -44.27
C LEU A 638 -37.50 3.86 -45.41
N ARG A 639 -36.56 3.16 -46.05
CA ARG A 639 -35.83 3.74 -47.17
C ARG A 639 -36.75 3.99 -48.37
N SER A 640 -37.71 3.10 -48.59
CA SER A 640 -38.64 3.26 -49.70
C SER A 640 -39.55 4.47 -49.50
N ASN A 641 -40.05 4.63 -48.28
CA ASN A 641 -40.93 5.75 -47.96
C ASN A 641 -40.23 7.08 -48.26
N TYR A 642 -38.91 7.05 -48.33
CA TYR A 642 -38.14 8.26 -48.61
C TYR A 642 -37.16 8.00 -49.75
N ALA A 643 -37.54 7.08 -50.62
CA ALA A 643 -36.72 6.71 -51.77
C ALA A 643 -36.27 7.91 -52.59
N SER A 644 -37.15 8.90 -52.74
CA SER A 644 -36.83 10.09 -53.52
C SER A 644 -36.08 11.16 -52.74
N ASN A 645 -36.20 11.13 -51.41
CA ASN A 645 -35.52 12.13 -50.59
C ASN A 645 -34.03 11.81 -50.41
N MET A 646 -33.18 12.34 -51.30
CA MET A 646 -31.74 12.09 -51.20
C MET A 646 -31.13 12.53 -49.87
N PRO A 647 -31.56 13.67 -49.31
CA PRO A 647 -30.98 14.09 -48.03
C PRO A 647 -31.17 12.99 -46.98
N ILE A 648 -32.38 12.43 -46.92
CA ILE A 648 -32.70 11.37 -45.96
C ILE A 648 -31.85 10.14 -46.28
N GLN A 649 -31.94 9.65 -47.52
CA GLN A 649 -31.17 8.48 -47.95
C GLN A 649 -29.73 8.58 -47.51
N SER A 650 -29.20 9.80 -47.58
CA SER A 650 -27.81 10.05 -47.22
C SER A 650 -27.59 9.98 -45.71
N GLN A 651 -28.53 10.52 -44.93
CA GLN A 651 -28.42 10.49 -43.47
C GLN A 651 -28.42 9.06 -42.97
N ILE A 652 -29.20 8.22 -43.64
CA ILE A 652 -29.31 6.82 -43.28
C ILE A 652 -28.03 6.09 -43.67
N ASP A 653 -27.46 6.45 -44.82
CA ASP A 653 -26.22 5.82 -45.26
C ASP A 653 -25.08 6.22 -44.33
N SER A 654 -25.08 7.46 -43.88
CA SER A 654 -24.03 7.92 -42.98
C SER A 654 -24.09 7.22 -41.62
N LEU A 655 -25.32 6.96 -41.15
CA LEU A 655 -25.49 6.28 -39.88
C LEU A 655 -24.95 4.86 -40.02
N LEU A 656 -25.39 4.17 -41.06
CA LEU A 656 -24.96 2.80 -41.31
C LEU A 656 -23.47 2.73 -41.61
N SER A 657 -22.95 3.74 -42.30
CA SER A 657 -21.52 3.80 -42.63
C SER A 657 -20.69 3.90 -41.36
N LEU A 658 -21.14 4.75 -40.45
CA LEU A 658 -20.45 4.97 -39.18
C LEU A 658 -20.46 3.74 -38.29
N MET A 659 -21.58 3.02 -38.27
CA MET A 659 -21.69 1.82 -37.44
C MET A 659 -20.84 0.70 -38.03
N ASP A 660 -20.91 0.52 -39.34
CA ASP A 660 -20.11 -0.52 -39.99
C ASP A 660 -18.63 -0.22 -39.79
N LEU A 661 -18.33 1.04 -39.56
CA LEU A 661 -16.96 1.49 -39.37
C LEU A 661 -16.37 1.02 -38.04
N PHE A 662 -17.20 0.91 -37.00
CA PHE A 662 -16.69 0.50 -35.69
C PHE A 662 -17.40 -0.66 -34.98
N LEU A 663 -18.47 -1.18 -35.55
CA LEU A 663 -19.19 -2.28 -34.91
C LEU A 663 -19.12 -3.56 -35.75
N PRO A 664 -18.72 -4.68 -35.12
CA PRO A 664 -18.59 -5.98 -35.77
C PRO A 664 -19.87 -6.48 -36.43
N ASP A 665 -20.98 -6.27 -35.73
CA ASP A 665 -22.29 -6.72 -36.18
C ASP A 665 -22.92 -5.97 -37.35
N ILE A 666 -22.27 -4.91 -37.82
CA ILE A 666 -22.79 -4.14 -38.94
C ILE A 666 -21.83 -4.24 -40.13
N ASN A 667 -22.27 -4.93 -41.18
CA ASN A 667 -21.44 -5.09 -42.37
C ASN A 667 -22.08 -4.46 -43.59
N LEU A 668 -21.30 -3.66 -44.32
CA LEU A 668 -21.76 -3.02 -45.55
C LEU A 668 -20.97 -3.63 -46.71
N GLY A 669 -21.66 -4.38 -47.56
CA GLY A 669 -20.99 -5.02 -48.69
C GLY A 669 -20.48 -4.04 -49.73
N GLU A 670 -19.56 -4.50 -50.56
CA GLU A 670 -18.96 -3.66 -51.61
C GLU A 670 -20.04 -3.12 -52.54
N ASN A 671 -21.04 -3.95 -52.88
CA ASN A 671 -22.11 -3.50 -53.74
C ASN A 671 -23.25 -2.86 -52.94
N GLY A 672 -22.95 -2.46 -51.70
CA GLY A 672 -23.95 -1.83 -50.86
C GLY A 672 -24.79 -2.76 -50.02
N ALA A 673 -24.61 -4.06 -50.20
CA ALA A 673 -25.37 -5.07 -49.44
C ALA A 673 -25.22 -4.86 -47.94
N LEU A 674 -26.35 -4.68 -47.25
CA LEU A 674 -26.35 -4.48 -45.80
C LEU A 674 -26.52 -5.79 -45.04
N GLU A 675 -25.59 -6.10 -44.15
CA GLU A 675 -25.65 -7.32 -43.36
C GLU A 675 -25.58 -6.98 -41.87
N LEU A 676 -26.48 -7.57 -41.10
CA LEU A 676 -26.53 -7.34 -39.66
C LEU A 676 -26.49 -8.66 -38.92
N LYS A 677 -25.65 -8.75 -37.89
CA LYS A 677 -25.51 -9.98 -37.11
C LYS A 677 -26.25 -9.88 -35.78
N ARG A 678 -26.89 -10.99 -35.40
CA ARG A 678 -27.68 -11.10 -34.17
C ARG A 678 -27.20 -10.25 -33.01
N GLY A 679 -25.89 -10.10 -32.87
CA GLY A 679 -25.35 -9.32 -31.77
C GLY A 679 -25.98 -7.95 -31.56
N ILE A 680 -26.25 -7.23 -32.63
CA ILE A 680 -26.83 -5.89 -32.52
C ILE A 680 -28.17 -5.87 -31.81
N ALA A 681 -28.91 -6.98 -31.86
CA ALA A 681 -30.22 -7.04 -31.23
C ALA A 681 -30.26 -7.65 -29.83
N LYS A 682 -29.16 -8.23 -29.39
CA LYS A 682 -29.12 -8.88 -28.08
C LYS A 682 -29.59 -8.04 -26.91
N ASN A 683 -28.96 -6.90 -26.69
CA ASN A 683 -29.37 -6.05 -25.57
C ASN A 683 -30.70 -5.34 -25.83
N PRO A 684 -30.89 -4.80 -27.05
CA PRO A 684 -32.14 -4.10 -27.38
C PRO A 684 -33.36 -4.98 -27.13
N LEU A 685 -33.30 -6.23 -27.59
CA LEU A 685 -34.41 -7.15 -27.38
C LEU A 685 -34.59 -7.39 -25.89
N THR A 686 -33.48 -7.71 -25.22
CA THR A 686 -33.45 -7.98 -23.80
C THR A 686 -34.17 -6.89 -23.00
N ILE A 687 -33.63 -5.67 -23.01
CA ILE A 687 -34.23 -4.58 -22.26
C ILE A 687 -35.60 -4.14 -22.78
N THR A 688 -35.91 -4.47 -24.03
CA THR A 688 -37.23 -4.10 -24.57
C THR A 688 -38.26 -5.00 -23.89
N ILE A 689 -37.80 -6.15 -23.40
CA ILE A 689 -38.67 -7.10 -22.71
C ILE A 689 -38.80 -6.64 -21.24
N TYR A 690 -37.86 -5.82 -20.80
CA TYR A 690 -37.87 -5.30 -19.44
C TYR A 690 -38.59 -3.94 -19.38
N GLY A 691 -39.23 -3.55 -20.49
CA GLY A 691 -39.96 -2.30 -20.52
C GLY A 691 -39.21 -1.07 -21.01
N SER A 692 -37.97 -1.25 -21.45
CA SER A 692 -37.16 -0.14 -21.94
C SER A 692 -37.79 0.63 -23.10
N GLY A 693 -37.50 1.93 -23.15
CA GLY A 693 -38.03 2.77 -24.21
C GLY A 693 -37.06 2.87 -25.37
N ALA A 694 -37.51 3.39 -26.51
CA ALA A 694 -36.67 3.53 -27.69
C ALA A 694 -35.49 4.48 -27.49
N ARG A 695 -35.70 5.56 -26.74
CA ARG A 695 -34.61 6.50 -26.53
C ARG A 695 -33.46 5.83 -25.78
N GLY A 696 -33.78 5.03 -24.77
CA GLY A 696 -32.76 4.35 -24.00
C GLY A 696 -31.92 3.39 -24.84
N ILE A 697 -32.56 2.76 -25.82
CA ILE A 697 -31.85 1.84 -26.70
C ILE A 697 -30.92 2.62 -27.62
N ALA A 698 -31.39 3.75 -28.14
CA ALA A 698 -30.58 4.57 -29.04
C ALA A 698 -29.34 5.00 -28.28
N GLY A 699 -29.53 5.39 -27.04
CA GLY A 699 -28.43 5.81 -26.21
C GLY A 699 -27.34 4.76 -26.05
N LYS A 700 -27.73 3.53 -25.79
CA LYS A 700 -26.74 2.46 -25.63
C LYS A 700 -26.01 2.16 -26.93
N LEU A 701 -26.73 2.16 -28.03
CA LEU A 701 -26.12 1.90 -29.34
C LEU A 701 -25.07 2.96 -29.62
N VAL A 702 -25.41 4.21 -29.33
CA VAL A 702 -24.49 5.32 -29.55
C VAL A 702 -23.24 5.16 -28.68
N SER A 703 -23.43 4.73 -27.43
CA SER A 703 -22.29 4.55 -26.54
C SER A 703 -21.35 3.47 -27.05
N SER A 704 -21.89 2.37 -27.59
CA SER A 704 -21.04 1.30 -28.09
C SER A 704 -20.27 1.75 -29.34
N VAL A 705 -20.78 2.78 -30.01
CA VAL A 705 -20.13 3.31 -31.20
C VAL A 705 -18.98 4.22 -30.76
N THR A 706 -19.30 5.19 -29.92
CA THR A 706 -18.29 6.14 -29.42
C THR A 706 -17.17 5.41 -28.68
N ASP A 707 -17.51 4.36 -27.94
CA ASP A 707 -16.49 3.61 -27.21
C ASP A 707 -15.49 3.03 -28.19
N ALA A 708 -16.00 2.54 -29.32
CA ALA A 708 -15.14 1.96 -30.34
C ALA A 708 -14.29 3.07 -30.95
N ILE A 709 -14.88 4.26 -31.08
CA ILE A 709 -14.19 5.42 -31.64
C ILE A 709 -13.10 5.91 -30.69
N TYR A 710 -13.46 6.13 -29.43
CA TYR A 710 -12.49 6.57 -28.44
C TYR A 710 -11.32 5.61 -28.38
N GLU A 711 -11.60 4.33 -28.59
CA GLU A 711 -10.57 3.30 -28.58
C GLU A 711 -9.72 3.35 -29.83
N ARG A 712 -10.33 3.69 -30.97
CA ARG A 712 -9.60 3.77 -32.22
C ARG A 712 -8.66 4.97 -32.19
N MET A 713 -8.95 5.92 -31.31
CA MET A 713 -8.13 7.12 -31.16
C MET A 713 -6.85 6.71 -30.43
N SER A 714 -6.97 5.73 -29.54
CA SER A 714 -5.83 5.22 -28.80
C SER A 714 -5.02 4.35 -29.74
N ASP A 715 -5.68 3.82 -30.77
CA ASP A 715 -5.02 2.99 -31.77
C ASP A 715 -4.16 3.89 -32.64
N VAL A 716 -4.59 5.14 -32.77
CA VAL A 716 -3.87 6.15 -33.56
C VAL A 716 -2.66 6.64 -32.80
N LEU A 717 -2.88 7.07 -31.55
CA LEU A 717 -1.79 7.56 -30.72
C LEU A 717 -0.66 6.54 -30.68
N LYS A 718 -1.04 5.27 -30.64
CA LYS A 718 -0.08 4.17 -30.61
C LYS A 718 0.53 3.94 -31.99
N ALA A 719 -0.06 4.55 -33.01
CA ALA A 719 0.43 4.42 -34.37
C ALA A 719 1.51 5.47 -34.64
N ARG A 720 1.34 6.66 -34.07
CA ARG A 720 2.31 7.75 -34.24
C ARG A 720 3.60 7.49 -33.46
N ALA A 721 3.46 6.82 -32.32
CA ALA A 721 4.62 6.51 -31.47
C ALA A 721 5.48 5.43 -32.11
N LYS A 722 4.84 4.58 -32.90
CA LYS A 722 5.52 3.48 -33.59
C LYS A 722 6.06 3.96 -34.94
N ASP A 723 5.68 5.18 -35.32
CA ASP A 723 6.11 5.79 -36.57
C ASP A 723 5.45 7.15 -36.72
N PRO A 724 6.16 8.23 -36.39
CA PRO A 724 5.62 9.59 -36.49
C PRO A 724 5.06 9.92 -37.87
N ASN A 725 5.80 9.56 -38.92
CA ASN A 725 5.37 9.83 -40.28
C ASN A 725 4.34 8.83 -40.78
N ILE A 726 3.16 8.83 -40.16
CA ILE A 726 2.08 7.93 -40.54
C ILE A 726 0.80 8.73 -40.78
N SER A 727 0.30 8.65 -42.01
CA SER A 727 -0.91 9.36 -42.39
C SER A 727 -2.05 8.99 -41.44
N ALA A 728 -2.86 9.98 -41.08
CA ALA A 728 -3.98 9.76 -40.17
C ALA A 728 -4.81 8.57 -40.65
N ALA A 729 -5.03 8.50 -41.96
CA ALA A 729 -5.81 7.41 -42.55
C ALA A 729 -5.17 6.05 -42.29
N MET A 730 -3.86 5.97 -42.50
CA MET A 730 -3.13 4.72 -42.27
C MET A 730 -2.58 4.68 -40.85
N ALA A 731 -3.36 5.22 -39.92
CA ALA A 731 -3.00 5.24 -38.51
C ALA A 731 -4.26 4.97 -37.71
N MET A 732 -5.41 5.24 -38.33
CA MET A 732 -6.70 5.03 -37.70
C MET A 732 -7.43 3.84 -38.33
N PHE A 733 -7.15 3.58 -39.60
CA PHE A 733 -7.77 2.46 -40.30
C PHE A 733 -6.73 1.57 -40.96
N GLY A 734 -5.48 1.73 -40.56
CA GLY A 734 -4.41 0.91 -41.13
C GLY A 734 -4.73 -0.57 -41.02
N LYS A 735 -4.96 -1.04 -39.80
CA LYS A 735 -5.27 -2.44 -39.55
C LYS A 735 -6.61 -2.86 -40.13
N GLN A 736 -7.49 -1.89 -40.32
CA GLN A 736 -8.83 -2.16 -40.86
C GLN A 736 -8.91 -1.90 -42.36
N ALA A 737 -7.77 -1.76 -43.03
CA ALA A 737 -7.74 -1.50 -44.46
C ALA A 737 -6.90 -2.51 -45.24
N ALA A 738 -6.80 -2.29 -46.55
CA ALA A 738 -6.04 -3.17 -47.43
C ALA A 738 -4.88 -2.43 -48.08
N SER A 739 -4.81 -1.12 -47.86
CA SER A 739 -3.74 -0.29 -48.41
C SER A 739 -3.81 1.09 -47.77
N GLU A 740 -3.18 2.08 -48.37
CA GLU A 740 -3.22 3.42 -47.82
C GLU A 740 -4.31 4.24 -48.49
N ALA A 741 -4.60 3.92 -49.75
CA ALA A 741 -5.65 4.61 -50.48
C ALA A 741 -6.98 4.10 -49.96
N HIS A 742 -7.02 2.81 -49.65
CA HIS A 742 -8.22 2.16 -49.13
C HIS A 742 -8.51 2.68 -47.72
N ALA A 743 -7.46 3.10 -47.02
CA ALA A 743 -7.60 3.64 -45.68
C ALA A 743 -7.98 5.11 -45.75
N GLU A 744 -7.58 5.76 -46.84
CA GLU A 744 -7.89 7.17 -47.04
C GLU A 744 -9.38 7.36 -47.23
N GLU A 745 -10.01 6.42 -47.94
CA GLU A 745 -11.44 6.49 -48.19
C GLU A 745 -12.25 6.12 -46.97
N LEU A 746 -11.67 5.33 -46.08
CA LEU A 746 -12.36 4.95 -44.84
C LEU A 746 -12.37 6.17 -43.94
N LEU A 747 -11.24 6.87 -43.90
CA LEU A 747 -11.11 8.08 -43.10
C LEU A 747 -12.06 9.14 -43.65
N ALA A 748 -12.27 9.11 -44.95
CA ALA A 748 -13.17 10.07 -45.61
C ALA A 748 -14.57 9.80 -45.07
N ARG A 749 -14.95 8.53 -45.07
CA ARG A 749 -16.27 8.11 -44.56
C ARG A 749 -16.47 8.62 -43.14
N PHE A 750 -15.53 8.28 -42.26
CA PHE A 750 -15.61 8.69 -40.86
C PHE A 750 -15.91 10.18 -40.71
N LEU A 751 -14.98 11.00 -41.19
CA LEU A 751 -15.13 12.46 -41.11
C LEU A 751 -16.44 12.93 -41.73
N LYS A 752 -16.81 12.32 -42.85
CA LYS A 752 -18.05 12.69 -43.53
C LYS A 752 -19.23 12.42 -42.60
N ASP A 753 -19.37 11.16 -42.18
CA ASP A 753 -20.47 10.73 -41.32
C ASP A 753 -20.58 11.53 -40.02
N MET A 754 -19.47 11.75 -39.33
CA MET A 754 -19.51 12.49 -38.07
C MET A 754 -20.04 13.90 -38.22
N GLU A 755 -19.66 14.56 -39.32
CA GLU A 755 -20.11 15.92 -39.55
C GLU A 755 -21.60 15.95 -39.92
N THR A 756 -22.02 15.00 -40.75
CA THR A 756 -23.42 14.98 -41.16
C THR A 756 -24.37 14.53 -40.05
N LEU A 757 -23.92 13.61 -39.20
CA LEU A 757 -24.74 13.10 -38.11
C LEU A 757 -24.82 14.03 -36.89
N THR A 758 -23.90 15.00 -36.82
CA THR A 758 -23.92 15.93 -35.69
C THR A 758 -24.48 17.29 -36.09
N SER A 759 -24.48 17.59 -37.38
CA SER A 759 -24.99 18.87 -37.86
C SER A 759 -26.45 18.78 -38.28
N THR A 760 -26.86 17.57 -38.67
CA THR A 760 -28.24 17.34 -39.10
C THR A 760 -28.89 16.22 -38.30
N VAL A 761 -30.17 16.43 -37.97
CA VAL A 761 -30.94 15.45 -37.20
C VAL A 761 -32.35 15.30 -37.74
N PRO A 762 -32.90 14.09 -37.68
CA PRO A 762 -34.27 13.83 -38.17
C PRO A 762 -35.27 14.18 -37.08
N VAL A 763 -36.41 14.71 -37.49
CA VAL A 763 -37.46 15.11 -36.57
C VAL A 763 -38.81 14.56 -37.02
N LYS A 764 -39.65 14.22 -36.03
CA LYS A 764 -40.97 13.68 -36.30
C LYS A 764 -41.98 14.82 -36.42
N ARG A 765 -42.43 15.09 -37.64
CA ARG A 765 -43.40 16.15 -37.86
C ARG A 765 -44.64 15.59 -38.53
N LYS A 766 -45.59 15.16 -37.70
CA LYS A 766 -46.84 14.60 -38.19
C LYS A 766 -46.62 13.27 -38.90
N GLY A 767 -45.96 12.34 -38.21
CA GLY A 767 -45.70 11.03 -38.76
C GLY A 767 -44.59 10.96 -39.79
N VAL A 768 -44.25 12.10 -40.37
CA VAL A 768 -43.20 12.15 -41.38
C VAL A 768 -41.85 12.58 -40.81
N LEU A 769 -40.78 12.07 -41.40
CA LEU A 769 -39.43 12.40 -40.96
C LEU A 769 -38.89 13.55 -41.78
N GLU A 770 -38.36 14.55 -41.09
CA GLU A 770 -37.79 15.73 -41.75
C GLU A 770 -36.45 16.07 -41.11
N LEU A 771 -35.50 16.50 -41.93
CA LEU A 771 -34.19 16.86 -41.44
C LEU A 771 -34.13 18.35 -41.08
N GLN A 772 -33.41 18.64 -40.01
CA GLN A 772 -33.23 20.01 -39.55
C GLN A 772 -31.79 20.20 -39.09
N SER A 773 -31.22 21.36 -39.37
CA SER A 773 -29.86 21.64 -38.95
C SER A 773 -29.91 21.84 -37.45
N THR A 774 -28.84 21.47 -36.77
CA THR A 774 -28.77 21.62 -35.32
C THR A 774 -28.03 22.92 -35.01
N GLY A 775 -27.14 23.31 -35.91
CA GLY A 775 -26.36 24.51 -35.72
C GLY A 775 -25.15 24.19 -34.87
N THR A 776 -25.13 22.97 -34.32
CA THR A 776 -24.04 22.52 -33.48
C THR A 776 -23.21 21.46 -34.18
N GLY A 777 -23.03 21.61 -35.49
CA GLY A 777 -22.26 20.66 -36.25
C GLY A 777 -20.93 20.35 -35.60
N ALA A 778 -20.34 19.20 -35.94
CA ALA A 778 -19.06 18.81 -35.36
C ALA A 778 -17.94 18.67 -36.38
N LYS A 779 -16.88 19.46 -36.23
CA LYS A 779 -15.75 19.37 -37.13
C LYS A 779 -14.53 20.16 -36.71
N GLY A 780 -13.38 19.80 -37.30
CA GLY A 780 -12.13 20.45 -36.99
C GLY A 780 -11.05 19.41 -36.77
N LYS A 781 -9.79 19.83 -36.83
CA LYS A 781 -8.66 18.93 -36.63
C LYS A 781 -8.92 18.07 -35.40
N ILE A 782 -9.01 16.76 -35.59
CA ILE A 782 -9.27 15.86 -34.48
C ILE A 782 -8.01 15.57 -33.67
N ASN A 783 -8.13 15.69 -32.35
CA ASN A 783 -7.02 15.43 -31.43
C ASN A 783 -7.26 14.08 -30.78
N PRO A 784 -6.60 13.02 -31.30
CA PRO A 784 -6.74 11.66 -30.78
C PRO A 784 -6.46 11.49 -29.28
N LYS A 785 -6.13 12.58 -28.62
CA LYS A 785 -5.84 12.56 -27.19
C LYS A 785 -7.03 13.01 -26.36
N THR A 786 -7.63 14.14 -26.76
CA THR A 786 -8.77 14.69 -26.04
C THR A 786 -10.08 14.57 -26.81
N TYR A 787 -10.04 13.96 -27.99
CA TYR A 787 -11.25 13.81 -28.80
C TYR A 787 -12.41 13.33 -27.96
N THR A 788 -13.53 14.04 -28.05
CA THR A 788 -14.70 13.68 -27.27
C THR A 788 -15.99 14.15 -27.94
N ILE A 789 -17.01 13.31 -27.90
CA ILE A 789 -18.30 13.67 -28.47
C ILE A 789 -19.14 14.04 -27.25
N LYS A 790 -19.35 15.34 -27.06
CA LYS A 790 -20.09 15.86 -25.93
C LYS A 790 -21.58 16.09 -26.18
N GLY A 791 -22.23 16.67 -25.17
CA GLY A 791 -23.65 16.98 -25.19
C GLY A 791 -24.42 17.09 -26.49
N GLU A 792 -24.49 18.30 -27.04
CA GLU A 792 -25.22 18.56 -28.30
C GLU A 792 -24.89 17.65 -29.46
N GLN A 793 -23.64 17.18 -29.52
CA GLN A 793 -23.24 16.28 -30.59
C GLN A 793 -23.66 14.84 -30.28
N LEU A 794 -23.72 14.50 -29.00
CA LEU A 794 -24.15 13.16 -28.57
C LEU A 794 -25.65 13.06 -28.80
N LYS A 795 -26.33 14.17 -28.56
CA LYS A 795 -27.78 14.27 -28.74
C LYS A 795 -28.13 14.04 -30.21
N ALA A 796 -27.34 14.64 -31.10
CA ALA A 796 -27.56 14.51 -32.53
C ALA A 796 -27.35 13.07 -32.99
N LEU A 797 -26.23 12.47 -32.58
CA LEU A 797 -25.94 11.09 -32.95
C LEU A 797 -27.12 10.23 -32.49
N GLN A 798 -27.63 10.57 -31.32
CA GLN A 798 -28.75 9.85 -30.73
C GLN A 798 -30.04 9.99 -31.51
N GLU A 799 -30.37 11.20 -31.94
CA GLU A 799 -31.59 11.43 -32.71
C GLU A 799 -31.53 10.64 -34.00
N ASN A 800 -30.36 10.60 -34.62
CA ASN A 800 -30.18 9.86 -35.87
C ASN A 800 -30.35 8.36 -35.61
N MET A 801 -29.71 7.87 -34.55
CA MET A 801 -29.81 6.46 -34.20
C MET A 801 -31.28 6.09 -33.95
N LEU A 802 -31.95 6.90 -33.14
CA LEU A 802 -33.34 6.67 -32.79
C LEU A 802 -34.27 6.43 -33.98
N HIS A 803 -34.38 7.42 -34.87
CA HIS A 803 -35.28 7.34 -36.04
C HIS A 803 -34.87 6.51 -37.24
N PHE A 804 -33.58 6.33 -37.45
CA PHE A 804 -33.12 5.57 -38.60
C PHE A 804 -32.70 4.14 -38.31
N PHE A 805 -32.57 3.78 -37.03
CA PHE A 805 -32.16 2.42 -36.67
C PHE A 805 -33.00 1.78 -35.57
N VAL A 806 -33.18 2.48 -34.45
CA VAL A 806 -33.95 1.94 -33.33
C VAL A 806 -35.42 1.76 -33.62
N GLU A 807 -36.04 2.76 -34.27
CA GLU A 807 -37.46 2.70 -34.62
C GLU A 807 -37.73 1.41 -35.41
N PRO A 808 -37.00 1.20 -36.51
CA PRO A 808 -37.27 -0.05 -37.23
C PRO A 808 -36.94 -1.28 -36.41
N LEU A 809 -35.91 -1.19 -35.55
CA LEU A 809 -35.54 -2.32 -34.70
C LEU A 809 -36.70 -2.72 -33.79
N ARG A 810 -37.34 -1.71 -33.20
CA ARG A 810 -38.48 -1.92 -32.31
C ARG A 810 -39.62 -2.58 -33.08
N ASN A 811 -39.83 -2.16 -34.33
CA ASN A 811 -40.88 -2.75 -35.15
C ASN A 811 -40.52 -4.22 -35.36
N GLY A 812 -39.24 -4.45 -35.64
CA GLY A 812 -38.76 -5.82 -35.85
C GLY A 812 -38.95 -6.68 -34.63
N ILE A 813 -38.64 -6.13 -33.46
CA ILE A 813 -38.80 -6.86 -32.22
C ILE A 813 -40.27 -7.22 -32.01
N THR A 814 -41.17 -6.25 -32.14
CA THR A 814 -42.59 -6.51 -31.96
C THR A 814 -43.10 -7.61 -32.90
N GLN A 815 -42.63 -7.56 -34.14
CA GLN A 815 -43.02 -8.55 -35.11
C GLN A 815 -42.52 -9.94 -34.72
N THR A 816 -41.38 -9.98 -34.03
CA THR A 816 -40.78 -11.23 -33.60
C THR A 816 -41.39 -11.82 -32.31
N VAL A 817 -41.53 -11.02 -31.25
CA VAL A 817 -42.10 -11.53 -30.00
C VAL A 817 -43.62 -11.60 -30.03
N GLY A 818 -44.23 -10.91 -30.99
CA GLY A 818 -45.67 -10.93 -31.12
C GLY A 818 -46.38 -9.69 -30.59
N GLU A 819 -47.31 -9.16 -31.37
CA GLU A 819 -48.04 -7.97 -30.93
C GLU A 819 -48.90 -8.28 -29.73
N SER A 820 -49.31 -9.55 -29.60
CA SER A 820 -50.15 -9.95 -28.49
C SER A 820 -49.39 -9.81 -27.17
N LEU A 821 -48.10 -10.14 -27.18
CA LEU A 821 -47.28 -10.03 -25.98
C LEU A 821 -47.11 -8.56 -25.66
N VAL A 822 -46.95 -7.74 -26.69
CA VAL A 822 -46.78 -6.32 -26.46
C VAL A 822 -48.04 -5.74 -25.83
N TYR A 823 -49.21 -6.20 -26.29
CA TYR A 823 -50.46 -5.71 -25.73
C TYR A 823 -50.55 -6.11 -24.25
N SER A 824 -50.23 -7.34 -23.93
CA SER A 824 -50.26 -7.83 -22.55
C SER A 824 -49.35 -7.01 -21.64
N THR A 825 -48.13 -6.75 -22.08
CA THR A 825 -47.21 -5.98 -21.26
C THR A 825 -47.69 -4.54 -21.03
N GLU A 826 -48.39 -3.97 -22.01
CA GLU A 826 -48.90 -2.60 -21.87
C GLU A 826 -50.02 -2.54 -20.81
N GLN A 827 -50.92 -3.53 -20.84
CA GLN A 827 -52.01 -3.55 -19.86
C GLN A 827 -51.42 -3.80 -18.48
N LEU A 828 -50.45 -4.70 -18.40
CA LEU A 828 -49.79 -4.99 -17.14
C LEU A 828 -49.16 -3.71 -16.61
N GLN A 829 -48.43 -3.01 -17.48
CA GLN A 829 -47.76 -1.78 -17.06
C GLN A 829 -48.78 -0.76 -16.55
N LYS A 830 -49.86 -0.58 -17.31
CA LYS A 830 -50.90 0.39 -16.95
C LYS A 830 -51.57 0.05 -15.61
N ALA A 831 -51.97 -1.20 -15.45
CA ALA A 831 -52.60 -1.64 -14.22
C ALA A 831 -51.73 -1.41 -12.99
N THR A 832 -50.50 -1.92 -13.02
CA THR A 832 -49.58 -1.76 -11.91
C THR A 832 -49.17 -0.31 -11.65
N GLN A 833 -49.16 0.50 -12.70
CA GLN A 833 -48.82 1.92 -12.56
C GLN A 833 -49.99 2.63 -11.85
N ILE A 834 -51.20 2.43 -12.37
CA ILE A 834 -52.37 3.06 -11.78
C ILE A 834 -52.46 2.71 -10.30
N GLN A 835 -52.32 1.42 -10.00
CA GLN A 835 -52.40 0.95 -8.63
C GLN A 835 -51.31 1.57 -7.75
N SER A 836 -50.09 1.71 -8.27
CA SER A 836 -49.00 2.30 -7.50
C SER A 836 -49.20 3.79 -7.25
N VAL A 837 -49.86 4.48 -8.18
CA VAL A 837 -50.13 5.91 -8.03
C VAL A 837 -51.10 6.12 -6.87
N VAL A 838 -52.15 5.30 -6.81
CA VAL A 838 -53.13 5.40 -5.75
C VAL A 838 -52.49 5.07 -4.40
N LEU A 839 -51.69 4.01 -4.35
CA LEU A 839 -51.02 3.60 -3.13
C LEU A 839 -50.13 4.72 -2.61
N GLU A 840 -49.32 5.27 -3.51
CA GLU A 840 -48.41 6.35 -3.17
C GLU A 840 -49.16 7.57 -2.62
N ASP A 841 -50.17 8.00 -3.36
CA ASP A 841 -50.95 9.17 -2.98
C ASP A 841 -51.67 8.99 -1.65
N MET A 842 -52.43 7.90 -1.54
CA MET A 842 -53.18 7.64 -0.32
C MET A 842 -52.26 7.58 0.89
N PHE A 843 -51.11 6.92 0.74
CA PHE A 843 -50.15 6.80 1.84
C PHE A 843 -49.67 8.20 2.27
N LYS A 844 -49.37 9.07 1.30
CA LYS A 844 -48.90 10.41 1.65
C LYS A 844 -49.99 11.20 2.37
N GLN A 845 -51.24 11.07 1.93
CA GLN A 845 -52.34 11.78 2.56
C GLN A 845 -52.58 11.27 3.97
N ARG A 846 -52.57 9.95 4.15
CA ARG A 846 -52.77 9.38 5.47
C ARG A 846 -51.68 9.94 6.39
N VAL A 847 -50.48 10.12 5.84
CA VAL A 847 -49.36 10.67 6.59
C VAL A 847 -49.61 12.14 6.90
N GLN A 848 -50.07 12.88 5.89
CA GLN A 848 -50.35 14.31 6.02
C GLN A 848 -51.42 14.56 7.08
N GLU A 849 -52.44 13.72 7.10
CA GLU A 849 -53.53 13.85 8.06
C GLU A 849 -53.03 13.56 9.48
N LYS A 850 -52.13 12.59 9.61
CA LYS A 850 -51.60 12.26 10.93
C LYS A 850 -50.69 13.35 11.47
N LEU A 851 -49.93 13.98 10.58
CA LEU A 851 -49.03 15.05 11.01
C LEU A 851 -49.83 16.29 11.45
N ALA A 852 -50.92 16.58 10.74
CA ALA A 852 -51.75 17.73 11.08
C ALA A 852 -52.42 17.46 12.42
N GLU A 853 -52.56 16.18 12.72
CA GLU A 853 -53.17 15.72 13.96
C GLU A 853 -52.11 15.80 15.08
N LYS A 854 -50.84 15.67 14.70
CA LYS A 854 -49.74 15.71 15.66
C LYS A 854 -49.40 17.15 16.04
N ALA A 855 -49.60 18.07 15.10
CA ALA A 855 -49.31 19.47 15.34
C ALA A 855 -50.19 20.02 16.45
N LYS A 856 -51.18 19.24 16.85
CA LYS A 856 -52.09 19.64 17.90
C LYS A 856 -51.70 18.90 19.17
N ASP A 857 -50.43 18.53 19.26
CA ASP A 857 -49.90 17.81 20.40
C ASP A 857 -48.64 18.51 20.92
N PRO A 858 -48.76 19.19 22.06
CA PRO A 858 -47.66 19.92 22.71
C PRO A 858 -46.34 19.17 22.88
N THR A 859 -46.39 17.86 23.04
CA THR A 859 -45.17 17.06 23.22
C THR A 859 -44.46 16.82 21.89
N TRP A 860 -45.24 16.80 20.81
CA TRP A 860 -44.72 16.58 19.47
C TRP A 860 -44.11 17.84 18.89
N LYS A 861 -43.05 17.68 18.10
CA LYS A 861 -42.41 18.81 17.46
C LYS A 861 -42.16 18.50 15.99
N LYS A 862 -42.33 19.50 15.13
CA LYS A 862 -42.12 19.31 13.70
C LYS A 862 -40.64 18.99 13.52
N GLY A 863 -40.37 17.86 12.86
CA GLY A 863 -39.01 17.41 12.68
C GLY A 863 -39.08 16.01 13.23
N ASP A 864 -39.89 15.86 14.27
CA ASP A 864 -40.14 14.55 14.84
C ASP A 864 -41.04 14.06 13.72
N PHE A 865 -41.09 12.77 13.46
CA PHE A 865 -41.96 12.36 12.37
C PHE A 865 -43.11 11.61 13.00
N LEU A 866 -43.47 10.48 12.43
CA LEU A 866 -44.54 9.67 12.97
C LEU A 866 -43.82 8.51 13.64
N THR A 867 -44.55 7.72 14.40
CA THR A 867 -43.96 6.57 15.07
C THR A 867 -44.03 5.37 14.13
N GLN A 868 -43.31 4.30 14.46
CA GLN A 868 -43.34 3.12 13.61
C GLN A 868 -44.74 2.52 13.63
N LYS A 869 -45.43 2.65 14.76
CA LYS A 869 -46.77 2.11 14.90
C LYS A 869 -47.75 2.88 14.03
N GLU A 870 -47.60 4.20 13.98
CA GLU A 870 -48.48 5.02 13.15
C GLU A 870 -48.21 4.71 11.69
N LEU A 871 -46.97 4.41 11.36
CA LEU A 871 -46.63 4.07 9.97
C LEU A 871 -47.17 2.69 9.65
N ASN A 872 -47.07 1.77 10.60
CA ASN A 872 -47.58 0.41 10.40
C ASN A 872 -49.08 0.45 10.19
N ASP A 873 -49.75 1.36 10.89
CA ASP A 873 -51.20 1.48 10.76
C ASP A 873 -51.56 2.00 9.38
N ILE A 874 -50.87 3.04 8.94
CA ILE A 874 -51.13 3.64 7.64
C ILE A 874 -50.94 2.63 6.51
N GLN A 875 -49.93 1.77 6.66
CA GLN A 875 -49.62 0.76 5.67
C GLN A 875 -50.71 -0.32 5.66
N ALA A 876 -51.16 -0.71 6.84
CA ALA A 876 -52.20 -1.73 6.97
C ALA A 876 -53.49 -1.22 6.32
N SER A 877 -53.75 0.07 6.45
CA SER A 877 -54.96 0.65 5.89
C SER A 877 -55.00 0.59 4.36
N LEU A 878 -53.88 0.25 3.75
CA LEU A 878 -53.80 0.14 2.29
C LEU A 878 -54.03 -1.28 1.82
N ASN A 879 -54.12 -2.21 2.77
CA ASN A 879 -54.32 -3.61 2.44
C ASN A 879 -55.52 -3.88 1.52
N ASN A 880 -56.62 -3.16 1.72
CA ASN A 880 -57.79 -3.39 0.89
C ASN A 880 -57.54 -3.04 -0.58
N LEU A 881 -56.41 -2.38 -0.84
CA LEU A 881 -56.05 -1.99 -2.21
C LEU A 881 -55.10 -3.01 -2.84
N ALA A 882 -54.92 -4.14 -2.16
CA ALA A 882 -54.08 -5.23 -2.67
C ALA A 882 -52.68 -4.82 -3.14
N PRO A 883 -51.90 -4.17 -2.28
CA PRO A 883 -50.56 -3.76 -2.68
C PRO A 883 -49.67 -4.94 -3.12
N MET A 884 -50.00 -6.15 -2.66
CA MET A 884 -49.18 -7.32 -3.00
C MET A 884 -49.79 -8.19 -4.09
N ILE A 885 -48.94 -8.71 -4.96
CA ILE A 885 -49.37 -9.63 -6.01
C ILE A 885 -48.92 -11.00 -5.53
N GLU A 886 -49.84 -11.95 -5.48
CA GLU A 886 -49.51 -13.30 -5.03
C GLU A 886 -49.64 -14.29 -6.16
N THR A 887 -48.74 -15.27 -6.19
CA THR A 887 -48.78 -16.28 -7.25
C THR A 887 -49.09 -17.62 -6.60
N GLY A 888 -48.85 -17.68 -5.29
CA GLY A 888 -49.07 -18.91 -4.56
C GLY A 888 -47.73 -19.42 -4.05
N SER A 889 -46.65 -19.01 -4.71
CA SER A 889 -45.31 -19.43 -4.31
C SER A 889 -44.32 -18.26 -4.27
N GLN A 890 -44.80 -17.08 -4.67
CA GLN A 890 -43.95 -15.87 -4.67
C GLN A 890 -44.84 -14.68 -4.40
N THR A 891 -44.26 -13.64 -3.80
CA THR A 891 -44.98 -12.42 -3.49
C THR A 891 -44.22 -11.23 -4.09
N PHE A 892 -44.95 -10.35 -4.77
CA PHE A 892 -44.33 -9.19 -5.39
C PHE A 892 -45.00 -7.92 -4.89
N TYR A 893 -44.18 -6.95 -4.51
CA TYR A 893 -44.67 -5.65 -4.03
C TYR A 893 -44.03 -4.65 -4.98
N ILE A 894 -44.70 -4.39 -6.10
CA ILE A 894 -44.18 -3.50 -7.12
C ILE A 894 -43.95 -2.04 -6.68
N ALA A 895 -44.92 -1.47 -5.97
CA ALA A 895 -44.82 -0.08 -5.53
C ALA A 895 -43.85 0.15 -4.38
N GLY A 896 -43.48 -0.91 -3.66
CA GLY A 896 -42.59 -0.80 -2.52
C GLY A 896 -41.27 -0.06 -2.75
N SER A 897 -40.95 0.87 -1.86
CA SER A 897 -39.69 1.62 -1.96
C SER A 897 -39.30 2.34 -0.68
N GLU A 898 -38.16 3.01 -0.76
CA GLU A 898 -37.61 3.79 0.33
C GLU A 898 -37.28 5.15 -0.28
N ASN A 899 -38.16 6.13 -0.07
CA ASN A 899 -37.94 7.46 -0.64
C ASN A 899 -37.99 8.56 0.42
N ALA A 900 -37.46 9.72 0.07
CA ALA A 900 -37.44 10.86 0.99
C ALA A 900 -38.61 11.82 0.74
N GLU A 901 -39.39 11.51 -0.29
CA GLU A 901 -40.54 12.35 -0.63
C GLU A 901 -41.69 12.32 0.35
N VAL A 902 -41.80 11.27 1.15
CA VAL A 902 -42.90 11.17 2.11
C VAL A 902 -42.67 12.03 3.35
N ALA A 903 -41.46 11.98 3.91
CA ALA A 903 -41.16 12.78 5.09
C ALA A 903 -40.73 14.17 4.67
N ASN A 904 -40.08 14.25 3.52
CA ASN A 904 -39.59 15.51 2.96
C ASN A 904 -38.95 16.43 4.00
N GLN A 905 -37.91 15.94 4.66
CA GLN A 905 -37.20 16.72 5.69
C GLN A 905 -35.86 16.08 5.97
N VAL A 906 -35.04 16.77 6.75
CA VAL A 906 -33.74 16.24 7.11
C VAL A 906 -33.93 15.35 8.32
N LEU A 907 -33.17 14.27 8.40
CA LEU A 907 -33.25 13.38 9.55
C LEU A 907 -32.19 13.80 10.57
N ALA A 908 -31.00 14.10 10.05
CA ALA A 908 -29.88 14.51 10.89
C ALA A 908 -28.73 15.08 10.06
N THR A 909 -27.85 15.83 10.72
CA THR A 909 -26.67 16.41 10.08
C THR A 909 -25.54 16.08 11.06
N ASN A 910 -24.29 16.35 10.67
CA ASN A 910 -23.20 16.12 11.62
C ASN A 910 -23.14 17.42 12.42
N LEU A 911 -22.22 17.50 13.38
CA LEU A 911 -22.10 18.69 14.22
C LEU A 911 -21.56 19.95 13.54
N ASP A 912 -21.25 19.86 12.25
CA ASP A 912 -20.75 21.01 11.51
C ASP A 912 -21.85 21.54 10.60
N ASP A 913 -23.08 21.14 10.90
CA ASP A 913 -24.23 21.54 10.09
C ASP A 913 -24.12 21.02 8.64
N ARG A 914 -23.39 19.94 8.45
CA ARG A 914 -23.24 19.37 7.12
C ARG A 914 -23.64 17.88 7.11
N MET A 915 -23.41 17.20 5.99
CA MET A 915 -23.78 15.78 5.87
C MET A 915 -25.24 15.63 6.28
N ARG A 916 -26.10 16.46 5.70
CA ARG A 916 -27.53 16.45 5.99
C ARG A 916 -28.21 15.27 5.32
N VAL A 917 -28.53 14.26 6.11
CA VAL A 917 -29.17 13.04 5.63
C VAL A 917 -30.69 13.20 5.59
N PRO A 918 -31.28 13.11 4.39
CA PRO A 918 -32.74 13.24 4.30
C PRO A 918 -33.39 12.05 4.97
N MET A 919 -34.56 12.27 5.56
CA MET A 919 -35.29 11.20 6.23
C MET A 919 -36.06 10.34 5.22
N SER A 920 -35.54 9.14 4.96
CA SER A 920 -36.17 8.22 4.01
C SER A 920 -37.12 7.33 4.77
N ILE A 921 -38.23 6.99 4.12
CA ILE A 921 -39.25 6.15 4.74
C ILE A 921 -39.64 5.02 3.79
N TYR A 922 -39.91 3.85 4.36
CA TYR A 922 -40.33 2.70 3.58
C TYR A 922 -41.78 2.95 3.20
N ALA A 923 -42.04 3.16 1.91
CA ALA A 923 -43.40 3.46 1.49
C ALA A 923 -43.59 3.27 -0.02
N PRO A 924 -44.86 3.12 -0.45
CA PRO A 924 -45.14 2.93 -1.89
C PRO A 924 -44.83 4.18 -2.71
N ALA A 925 -44.38 3.96 -3.93
CA ALA A 925 -44.03 5.02 -4.86
C ALA A 925 -44.47 4.52 -6.23
N GLN A 926 -44.62 5.43 -7.19
CA GLN A 926 -45.02 5.03 -8.54
C GLN A 926 -44.15 3.90 -9.07
N ALA A 927 -44.73 3.03 -9.86
CA ALA A 927 -43.99 1.90 -10.42
C ALA A 927 -43.37 2.21 -11.78
N GLY A 928 -44.05 3.03 -12.58
CA GLY A 928 -43.54 3.34 -13.90
C GLY A 928 -43.74 2.11 -14.76
N VAL A 929 -42.65 1.50 -15.20
CA VAL A 929 -42.73 0.30 -16.03
C VAL A 929 -42.17 -0.92 -15.29
N ALA A 930 -41.81 -0.73 -14.02
CA ALA A 930 -41.25 -1.81 -13.21
C ALA A 930 -42.14 -3.05 -13.18
N GLY A 931 -43.46 -2.85 -13.35
CA GLY A 931 -44.37 -3.98 -13.34
C GLY A 931 -43.99 -5.06 -14.32
N ILE A 932 -43.44 -4.67 -15.46
CA ILE A 932 -43.05 -5.63 -16.50
C ILE A 932 -41.87 -6.51 -16.05
N PRO A 933 -40.73 -5.89 -15.67
CA PRO A 933 -39.56 -6.65 -15.22
C PRO A 933 -39.95 -7.54 -14.04
N PHE A 934 -40.57 -6.93 -13.04
CA PHE A 934 -40.99 -7.68 -11.85
C PHE A 934 -41.69 -8.98 -12.15
N MET A 935 -42.78 -8.90 -12.89
CA MET A 935 -43.56 -10.08 -13.24
C MET A 935 -42.92 -11.04 -14.24
N THR A 936 -42.18 -10.50 -15.20
CA THR A 936 -41.53 -11.34 -16.22
C THR A 936 -40.34 -12.09 -15.66
N ILE A 937 -39.49 -11.37 -14.93
CA ILE A 937 -38.32 -11.99 -14.31
C ILE A 937 -38.83 -12.89 -13.21
N GLY A 938 -39.72 -12.35 -12.38
CA GLY A 938 -40.27 -13.10 -11.25
C GLY A 938 -40.96 -14.41 -11.58
N THR A 939 -41.95 -14.39 -12.47
CA THR A 939 -42.65 -15.64 -12.78
C THR A 939 -41.93 -16.42 -13.87
N GLY A 940 -40.86 -15.84 -14.39
CA GLY A 940 -40.09 -16.50 -15.43
C GLY A 940 -38.89 -17.21 -14.84
N ASP A 941 -37.70 -16.65 -15.03
CA ASP A 941 -36.50 -17.31 -14.51
C ASP A 941 -36.52 -17.42 -12.99
N GLY A 942 -37.14 -16.46 -12.31
CA GLY A 942 -37.22 -16.50 -10.87
C GLY A 942 -37.94 -17.75 -10.36
N MET A 943 -39.14 -18.00 -10.86
CA MET A 943 -39.92 -19.19 -10.45
C MET A 943 -39.21 -20.47 -10.90
N MET A 944 -38.59 -20.44 -12.07
CA MET A 944 -37.90 -21.62 -12.54
C MET A 944 -36.77 -22.07 -11.60
N MET A 945 -35.89 -21.14 -11.21
CA MET A 945 -34.78 -21.49 -10.33
C MET A 945 -35.30 -21.95 -8.98
N GLN A 946 -36.36 -21.28 -8.51
CA GLN A 946 -36.97 -21.63 -7.24
C GLN A 946 -37.46 -23.09 -7.29
N THR A 947 -38.16 -23.43 -8.37
CA THR A 947 -38.67 -24.77 -8.61
C THR A 947 -37.50 -25.76 -8.68
N LEU A 948 -36.48 -25.39 -9.44
CA LEU A 948 -35.29 -26.21 -9.61
C LEU A 948 -34.62 -26.54 -8.26
N SER A 949 -34.66 -25.61 -7.31
CA SER A 949 -34.05 -25.84 -6.01
C SER A 949 -34.89 -26.68 -5.07
N THR A 950 -36.18 -26.79 -5.33
CA THR A 950 -37.05 -27.50 -4.41
C THR A 950 -37.84 -28.69 -4.95
N MET A 951 -37.86 -28.84 -6.27
CA MET A 951 -38.58 -29.93 -6.91
C MET A 951 -38.02 -31.29 -6.46
N LYS A 952 -38.79 -32.33 -6.73
CA LYS A 952 -38.39 -33.70 -6.37
C LYS A 952 -37.13 -34.05 -7.16
N GLY A 953 -36.12 -34.59 -6.47
CA GLY A 953 -34.89 -34.93 -7.17
C GLY A 953 -34.13 -33.69 -7.65
N ALA A 954 -34.31 -32.58 -6.93
CA ALA A 954 -33.65 -31.33 -7.28
C ALA A 954 -32.14 -31.54 -7.38
N PRO A 955 -31.53 -31.08 -8.48
CA PRO A 955 -30.08 -31.24 -8.65
C PRO A 955 -29.30 -30.65 -7.48
N LYS A 956 -28.27 -31.38 -7.05
CA LYS A 956 -27.43 -30.93 -5.95
C LYS A 956 -26.11 -30.41 -6.50
N ASN A 957 -25.38 -29.70 -5.66
CA ASN A 957 -24.08 -29.18 -6.06
C ASN A 957 -24.02 -28.38 -7.37
N THR A 958 -24.92 -27.42 -7.53
CA THR A 958 -24.92 -26.58 -8.71
C THR A 958 -24.69 -25.14 -8.27
N LEU A 959 -24.47 -24.27 -9.25
CA LEU A 959 -24.35 -22.85 -8.98
C LEU A 959 -25.36 -22.26 -9.95
N LYS A 960 -26.44 -21.73 -9.40
CA LYS A 960 -27.51 -21.12 -10.18
C LYS A 960 -27.22 -19.64 -10.39
N ILE A 961 -27.33 -19.20 -11.64
CA ILE A 961 -27.07 -17.81 -11.95
C ILE A 961 -28.21 -17.16 -12.70
N PHE A 962 -29.41 -17.27 -12.11
CA PHE A 962 -30.61 -16.66 -12.65
C PHE A 962 -31.24 -17.28 -13.89
N ASP A 963 -30.51 -17.30 -15.00
CA ASP A 963 -31.06 -17.88 -16.22
C ASP A 963 -30.17 -18.99 -16.80
N GLY A 964 -29.33 -19.55 -15.95
CA GLY A 964 -28.41 -20.60 -16.34
C GLY A 964 -27.88 -21.25 -15.07
N MET A 965 -27.50 -22.52 -15.15
CA MET A 965 -27.00 -23.23 -13.97
C MET A 965 -25.75 -24.05 -14.25
N ASN A 966 -24.72 -23.89 -13.42
CA ASN A 966 -23.47 -24.64 -13.58
C ASN A 966 -23.64 -26.00 -12.92
N ILE A 967 -23.39 -27.04 -13.71
CA ILE A 967 -23.56 -28.43 -13.29
C ILE A 967 -22.26 -29.23 -13.35
N GLY A 968 -22.05 -30.09 -12.35
CA GLY A 968 -20.85 -30.92 -12.33
C GLY A 968 -20.90 -31.90 -13.50
N LEU A 969 -19.75 -32.18 -14.11
CA LEU A 969 -19.71 -33.08 -15.26
C LEU A 969 -20.33 -34.46 -15.11
N ASN A 970 -20.56 -34.88 -13.88
CA ASN A 970 -21.14 -36.19 -13.61
C ASN A 970 -22.68 -36.20 -13.66
N ASP A 971 -23.31 -35.05 -13.47
CA ASP A 971 -24.78 -35.00 -13.46
C ASP A 971 -25.38 -34.08 -14.54
N ILE A 972 -24.61 -33.79 -15.59
CA ILE A 972 -25.12 -32.89 -16.60
C ILE A 972 -26.43 -33.32 -17.26
N THR A 973 -26.59 -34.61 -17.52
CA THR A 973 -27.81 -35.09 -18.15
C THR A 973 -29.08 -34.94 -17.29
N ASP A 974 -29.06 -35.50 -16.09
CA ASP A 974 -30.25 -35.42 -15.24
C ASP A 974 -30.54 -34.02 -14.71
N ALA A 975 -29.50 -33.26 -14.35
CA ALA A 975 -29.73 -31.92 -13.86
C ALA A 975 -30.32 -31.05 -14.96
N SER A 976 -29.84 -31.19 -16.20
CA SER A 976 -30.39 -30.33 -17.23
C SER A 976 -31.81 -30.74 -17.61
N ARG A 977 -32.15 -32.02 -17.45
CA ARG A 977 -33.53 -32.43 -17.77
C ARG A 977 -34.47 -31.89 -16.69
N LYS A 978 -33.99 -31.85 -15.44
CA LYS A 978 -34.81 -31.31 -14.34
C LYS A 978 -34.96 -29.79 -14.59
N ALA A 979 -33.91 -29.17 -15.11
CA ALA A 979 -33.94 -27.72 -15.38
C ALA A 979 -35.02 -27.46 -16.42
N ASN A 980 -35.06 -28.29 -17.46
CA ASN A 980 -36.09 -28.11 -18.48
C ASN A 980 -37.46 -28.42 -17.89
N GLU A 981 -37.52 -29.33 -16.92
CA GLU A 981 -38.81 -29.61 -16.30
C GLU A 981 -39.23 -28.38 -15.48
N ALA A 982 -38.26 -27.77 -14.80
CA ALA A 982 -38.51 -26.59 -13.99
C ALA A 982 -39.02 -25.47 -14.90
N VAL A 983 -38.48 -25.37 -16.10
CA VAL A 983 -38.92 -24.35 -17.04
C VAL A 983 -40.37 -24.58 -17.38
N TYR A 984 -40.70 -25.83 -17.68
CA TYR A 984 -42.07 -26.21 -18.02
C TYR A 984 -43.00 -25.83 -16.86
N THR A 985 -42.52 -26.05 -15.64
CA THR A 985 -43.31 -25.72 -14.47
C THR A 985 -43.60 -24.22 -14.39
N SER A 986 -42.60 -23.38 -14.67
CA SER A 986 -42.83 -21.95 -14.61
C SER A 986 -43.76 -21.50 -15.75
N TRP A 987 -43.77 -22.25 -16.84
CA TRP A 987 -44.62 -21.91 -17.97
C TRP A 987 -46.09 -22.23 -17.73
N GLN A 988 -46.41 -22.70 -16.53
CA GLN A 988 -47.80 -22.97 -16.16
C GLN A 988 -48.27 -21.77 -15.34
N GLY A 989 -47.38 -20.80 -15.17
CA GLY A 989 -47.71 -19.60 -14.42
C GLY A 989 -48.58 -18.69 -15.26
N ASN A 990 -49.08 -17.63 -14.65
CA ASN A 990 -49.95 -16.69 -15.36
C ASN A 990 -49.83 -15.37 -14.61
N PRO A 991 -48.75 -14.63 -14.84
CA PRO A 991 -48.53 -13.35 -14.17
C PRO A 991 -49.66 -12.32 -14.35
N ILE A 992 -50.33 -12.35 -15.49
CA ILE A 992 -51.42 -11.41 -15.75
C ILE A 992 -52.58 -11.76 -14.84
N LYS A 993 -52.84 -13.04 -14.66
CA LYS A 993 -53.92 -13.46 -13.78
C LYS A 993 -53.61 -12.98 -12.37
N ASN A 994 -52.36 -13.14 -11.94
CA ASN A 994 -51.99 -12.71 -10.59
C ASN A 994 -52.19 -11.21 -10.46
N VAL A 995 -51.81 -10.45 -11.50
CA VAL A 995 -51.97 -9.00 -11.46
C VAL A 995 -53.46 -8.68 -11.47
N TYR A 996 -54.22 -9.40 -12.28
CA TYR A 996 -55.65 -9.20 -12.37
C TYR A 996 -56.33 -9.31 -11.00
N GLU A 997 -56.04 -10.40 -10.31
CA GLU A 997 -56.63 -10.66 -9.00
C GLU A 997 -56.36 -9.50 -8.03
N SER A 998 -55.14 -9.00 -8.06
CA SER A 998 -54.77 -7.90 -7.17
C SER A 998 -55.47 -6.61 -7.62
N TYR A 999 -55.44 -6.35 -8.93
CA TYR A 999 -56.05 -5.16 -9.51
C TYR A 999 -57.56 -5.11 -9.31
N ALA A 1000 -58.22 -6.26 -9.39
CA ALA A 1000 -59.67 -6.35 -9.21
C ALA A 1000 -60.07 -6.01 -7.78
N LYS A 1001 -59.28 -6.44 -6.81
CA LYS A 1001 -59.59 -6.15 -5.42
C LYS A 1001 -59.45 -4.63 -5.26
N PHE A 1002 -58.37 -4.11 -5.83
CA PHE A 1002 -58.07 -2.69 -5.81
C PHE A 1002 -59.23 -1.87 -6.38
N MET A 1003 -59.74 -2.29 -7.53
CA MET A 1003 -60.82 -1.58 -8.19
C MET A 1003 -62.11 -1.52 -7.39
N LYS A 1004 -62.36 -2.49 -6.51
CA LYS A 1004 -63.59 -2.44 -5.75
C LYS A 1004 -63.48 -1.71 -4.43
N ASN A 1005 -62.28 -1.22 -4.10
CA ASN A 1005 -62.10 -0.48 -2.85
C ASN A 1005 -61.54 0.91 -3.07
N VAL A 1006 -61.07 1.17 -4.29
CA VAL A 1006 -60.50 2.46 -4.60
C VAL A 1006 -61.56 3.55 -4.75
N ASP A 1007 -61.18 4.77 -4.36
CA ASP A 1007 -62.04 5.94 -4.48
C ASP A 1007 -61.19 6.99 -5.18
N PHE A 1008 -61.39 7.13 -6.49
CA PHE A 1008 -60.63 8.08 -7.28
C PHE A 1008 -60.88 9.54 -6.91
N SER A 1009 -61.98 9.79 -6.20
CA SER A 1009 -62.30 11.15 -5.83
C SER A 1009 -61.38 11.62 -4.71
N LYS A 1010 -60.83 10.68 -3.96
CA LYS A 1010 -59.94 11.02 -2.85
C LYS A 1010 -58.51 11.35 -3.28
N LEU A 1011 -58.21 11.12 -4.55
CA LEU A 1011 -56.86 11.39 -5.06
C LEU A 1011 -56.61 12.87 -5.35
N SER A 1012 -55.40 13.31 -5.03
CA SER A 1012 -54.99 14.69 -5.28
C SER A 1012 -55.03 14.88 -6.78
N PRO A 1013 -55.13 16.14 -7.26
CA PRO A 1013 -55.17 16.33 -8.71
C PRO A 1013 -53.92 15.81 -9.43
N GLU A 1014 -52.80 15.79 -8.72
CA GLU A 1014 -51.55 15.31 -9.30
C GLU A 1014 -51.64 13.83 -9.62
N ALA A 1015 -52.13 13.05 -8.64
CA ALA A 1015 -52.26 11.61 -8.81
C ALA A 1015 -53.29 11.27 -9.89
N LEU A 1016 -54.42 11.94 -9.84
CA LEU A 1016 -55.51 11.72 -10.80
C LEU A 1016 -55.04 11.95 -12.24
N GLU A 1017 -54.09 12.85 -12.43
CA GLU A 1017 -53.57 13.14 -13.77
C GLU A 1017 -52.66 11.99 -14.21
N ALA A 1018 -51.83 11.52 -13.29
CA ALA A 1018 -50.91 10.42 -13.57
C ALA A 1018 -51.75 9.25 -14.07
N ILE A 1019 -52.82 8.96 -13.34
CA ILE A 1019 -53.72 7.88 -13.70
C ILE A 1019 -54.30 8.10 -15.09
N GLY A 1020 -54.69 9.34 -15.38
CA GLY A 1020 -55.25 9.66 -16.67
C GLY A 1020 -54.30 9.29 -17.81
N LYS A 1021 -53.01 9.50 -17.58
CA LYS A 1021 -52.00 9.19 -18.59
C LYS A 1021 -51.96 7.69 -18.89
N SER A 1022 -52.12 6.87 -17.86
CA SER A 1022 -52.09 5.42 -18.04
C SER A 1022 -53.40 4.85 -18.57
N ALA A 1023 -54.51 5.31 -18.03
CA ALA A 1023 -55.81 4.80 -18.42
C ALA A 1023 -56.50 5.53 -19.58
N LEU A 1024 -56.12 6.77 -19.83
CA LEU A 1024 -56.75 7.55 -20.90
C LEU A 1024 -55.85 7.87 -22.09
N GLU A 1025 -56.49 8.07 -23.23
CA GLU A 1025 -55.78 8.42 -24.46
C GLU A 1025 -55.32 9.87 -24.31
N TYR A 1026 -54.14 10.19 -24.84
CA TYR A 1026 -53.58 11.54 -24.74
C TYR A 1026 -54.57 12.66 -25.07
N ASP A 1027 -55.67 12.31 -25.73
CA ASP A 1027 -56.69 13.28 -26.13
C ASP A 1027 -57.87 13.39 -25.16
N GLN A 1028 -57.70 12.91 -23.94
CA GLN A 1028 -58.80 12.96 -22.98
C GLN A 1028 -58.39 13.28 -21.54
N ARG A 1029 -57.15 13.74 -21.35
CA ARG A 1029 -56.67 14.08 -20.02
C ARG A 1029 -57.23 15.41 -19.52
N GLU A 1030 -56.86 16.48 -20.20
CA GLU A 1030 -57.26 17.85 -19.87
C GLU A 1030 -58.57 18.09 -19.11
N ASN A 1031 -59.67 17.51 -19.61
CA ASN A 1031 -60.98 17.70 -18.98
C ASN A 1031 -61.52 16.44 -18.31
N ALA A 1032 -60.65 15.45 -18.12
CA ALA A 1032 -61.05 14.19 -17.51
C ALA A 1032 -61.65 14.34 -16.11
N THR A 1033 -62.85 13.83 -15.93
CA THR A 1033 -63.51 13.90 -14.63
C THR A 1033 -63.14 12.66 -13.83
N VAL A 1034 -63.21 12.76 -12.51
CA VAL A 1034 -62.87 11.63 -11.66
C VAL A 1034 -63.66 10.41 -12.14
N ASP A 1035 -64.90 10.63 -12.55
CA ASP A 1035 -65.75 9.54 -13.03
C ASP A 1035 -65.32 9.00 -14.39
N ASP A 1036 -64.58 9.80 -15.15
CA ASP A 1036 -64.11 9.39 -16.47
C ASP A 1036 -62.94 8.41 -16.33
N ILE A 1037 -61.92 8.83 -15.60
CA ILE A 1037 -60.73 8.00 -15.41
C ILE A 1037 -61.08 6.73 -14.61
N ALA A 1038 -62.11 6.82 -13.78
CA ALA A 1038 -62.53 5.68 -12.98
C ALA A 1038 -63.10 4.60 -13.89
N ASN A 1039 -63.86 5.03 -14.89
CA ASN A 1039 -64.46 4.10 -15.83
C ASN A 1039 -63.39 3.53 -16.76
N ALA A 1040 -62.33 4.30 -16.99
CA ALA A 1040 -61.24 3.88 -17.84
C ALA A 1040 -60.40 2.85 -17.11
N ALA A 1041 -60.22 3.06 -15.81
CA ALA A 1041 -59.45 2.14 -15.00
C ALA A 1041 -60.18 0.79 -14.94
N SER A 1042 -61.51 0.85 -14.86
CA SER A 1042 -62.32 -0.38 -14.80
C SER A 1042 -62.26 -1.13 -16.12
N LEU A 1043 -61.90 -0.43 -17.19
CA LEU A 1043 -61.80 -1.07 -18.48
C LEU A 1043 -60.54 -1.93 -18.53
N ILE A 1044 -59.49 -1.46 -17.87
CA ILE A 1044 -58.23 -2.20 -17.81
C ILE A 1044 -58.43 -3.51 -17.06
N GLU A 1045 -59.28 -3.49 -16.03
CA GLU A 1045 -59.56 -4.70 -15.27
C GLU A 1045 -60.10 -5.77 -16.22
N ARG A 1046 -61.01 -5.36 -17.09
CA ARG A 1046 -61.61 -6.28 -18.05
C ARG A 1046 -60.55 -6.77 -19.05
N ASN A 1047 -59.69 -5.87 -19.50
CA ASN A 1047 -58.63 -6.23 -20.44
C ASN A 1047 -57.74 -7.30 -19.81
N LEU A 1048 -57.39 -7.08 -18.53
CA LEU A 1048 -56.56 -8.02 -17.80
C LEU A 1048 -57.26 -9.37 -17.64
N ARG A 1049 -58.54 -9.33 -17.27
CA ARG A 1049 -59.30 -10.56 -17.09
C ARG A 1049 -59.34 -11.41 -18.36
N ASN A 1050 -59.52 -10.76 -19.50
CA ASN A 1050 -59.57 -11.50 -20.76
C ASN A 1050 -58.20 -12.05 -21.12
N ILE A 1051 -57.17 -11.22 -20.94
CA ILE A 1051 -55.80 -11.66 -21.23
C ILE A 1051 -55.48 -12.92 -20.42
N ALA A 1052 -55.77 -12.84 -19.13
CA ALA A 1052 -55.51 -13.94 -18.19
C ALA A 1052 -56.28 -15.19 -18.54
N LEU A 1053 -57.50 -15.01 -19.01
CA LEU A 1053 -58.33 -16.14 -19.41
C LEU A 1053 -57.67 -16.86 -20.60
N GLY A 1054 -57.24 -16.08 -21.59
CA GLY A 1054 -56.60 -16.66 -22.76
C GLY A 1054 -55.34 -17.43 -22.41
N VAL A 1055 -54.50 -16.82 -21.59
CA VAL A 1055 -53.25 -17.44 -21.16
C VAL A 1055 -53.53 -18.77 -20.50
N ASP A 1056 -54.54 -18.77 -19.63
CA ASP A 1056 -54.92 -19.97 -18.91
C ASP A 1056 -55.33 -21.07 -19.88
N ILE A 1057 -56.08 -20.72 -20.92
CA ILE A 1057 -56.50 -21.71 -21.90
C ILE A 1057 -55.32 -22.20 -22.73
N ARG A 1058 -54.47 -21.29 -23.17
CA ARG A 1058 -53.30 -21.66 -23.97
C ARG A 1058 -52.42 -22.66 -23.24
N HIS A 1059 -52.20 -22.41 -21.94
CA HIS A 1059 -51.37 -23.31 -21.14
C HIS A 1059 -51.98 -24.70 -21.00
N LYS A 1060 -53.29 -24.75 -20.76
CA LYS A 1060 -53.98 -26.03 -20.62
C LYS A 1060 -53.94 -26.83 -21.92
N VAL A 1061 -54.25 -26.17 -23.02
CA VAL A 1061 -54.26 -26.81 -24.33
C VAL A 1061 -52.88 -27.31 -24.75
N LEU A 1062 -51.87 -26.48 -24.53
CA LEU A 1062 -50.51 -26.82 -24.88
C LEU A 1062 -50.03 -28.05 -24.11
N ASP A 1063 -50.48 -28.18 -22.86
CA ASP A 1063 -50.11 -29.32 -22.02
C ASP A 1063 -50.73 -30.63 -22.52
N LYS A 1064 -51.76 -30.54 -23.35
CA LYS A 1064 -52.42 -31.72 -23.89
C LYS A 1064 -51.67 -32.29 -25.09
N VAL A 1065 -50.74 -31.50 -25.63
CA VAL A 1065 -49.96 -31.89 -26.79
C VAL A 1065 -48.58 -32.42 -26.40
N ASN A 1066 -47.95 -33.18 -27.30
CA ASN A 1066 -46.63 -33.75 -27.06
C ASN A 1066 -45.56 -32.68 -27.27
N LEU A 1067 -44.88 -32.33 -26.19
CA LEU A 1067 -43.84 -31.29 -26.19
C LEU A 1067 -42.46 -31.74 -25.73
N SER A 1068 -41.43 -31.19 -26.37
CA SER A 1068 -40.07 -31.47 -25.97
C SER A 1068 -39.54 -30.10 -25.58
N ILE A 1069 -39.08 -29.95 -24.35
CA ILE A 1069 -38.59 -28.65 -23.88
C ILE A 1069 -37.10 -28.66 -23.61
N ASP A 1070 -36.37 -27.84 -24.35
CA ASP A 1070 -34.94 -27.75 -24.16
C ASP A 1070 -34.49 -26.29 -24.18
N GLN A 1071 -35.06 -25.51 -23.26
CA GLN A 1071 -34.76 -24.09 -23.13
C GLN A 1071 -33.46 -23.87 -22.38
N MET A 1072 -33.14 -24.75 -21.43
CA MET A 1072 -31.90 -24.67 -20.65
C MET A 1072 -30.97 -25.59 -21.42
N ALA A 1073 -30.54 -25.14 -22.58
CA ALA A 1073 -29.73 -25.95 -23.48
C ALA A 1073 -28.21 -26.06 -23.30
N ALA A 1074 -27.64 -27.04 -23.99
CA ALA A 1074 -26.21 -27.33 -24.02
C ALA A 1074 -26.02 -28.83 -24.09
N VAL A 1075 -26.54 -29.51 -23.08
CA VAL A 1075 -26.40 -30.95 -22.92
C VAL A 1075 -27.19 -31.81 -23.88
N GLY A 1076 -28.41 -31.40 -24.21
CA GLY A 1076 -29.24 -32.18 -25.10
C GLY A 1076 -30.10 -33.15 -24.31
N ALA A 1077 -30.62 -32.68 -23.18
CA ALA A 1077 -31.48 -33.49 -22.33
C ALA A 1077 -32.79 -32.75 -22.13
N PRO A 1078 -33.69 -32.80 -23.13
CA PRO A 1078 -34.99 -32.12 -23.04
C PRO A 1078 -36.00 -32.81 -22.16
N TYR A 1079 -36.90 -32.01 -21.60
CA TYR A 1079 -37.95 -32.54 -20.77
C TYR A 1079 -39.13 -32.86 -21.68
N GLN A 1080 -39.70 -34.05 -21.52
CA GLN A 1080 -40.87 -34.48 -22.30
C GLN A 1080 -42.11 -34.38 -21.41
N ASN A 1081 -43.15 -33.68 -21.88
CA ASN A 1081 -44.37 -33.55 -21.08
C ASN A 1081 -45.33 -34.71 -21.31
N ASN A 1082 -44.99 -35.56 -22.26
CA ASN A 1082 -45.83 -36.72 -22.59
C ASN A 1082 -47.29 -36.33 -22.85
N GLY A 1083 -47.49 -35.28 -23.65
CA GLY A 1083 -48.84 -34.87 -23.98
C GLY A 1083 -49.43 -36.02 -24.78
N LYS A 1084 -50.73 -36.25 -24.69
CA LYS A 1084 -51.35 -37.35 -25.41
C LYS A 1084 -51.64 -37.06 -26.87
N ILE A 1085 -52.04 -35.82 -27.18
CA ILE A 1085 -52.34 -35.44 -28.55
C ILE A 1085 -51.03 -35.30 -29.33
N ASP A 1086 -50.86 -36.13 -30.36
CA ASP A 1086 -49.66 -36.12 -31.18
C ASP A 1086 -49.72 -35.12 -32.32
N LEU A 1087 -48.80 -34.15 -32.34
CA LEU A 1087 -48.77 -33.14 -33.39
C LEU A 1087 -47.57 -33.29 -34.31
N SER A 1088 -47.01 -34.50 -34.39
CA SER A 1088 -45.86 -34.73 -35.25
C SER A 1088 -46.31 -34.77 -36.71
N ASN A 1089 -45.35 -34.67 -37.63
CA ASN A 1089 -45.65 -34.70 -39.06
C ASN A 1089 -46.67 -33.62 -39.45
N MET A 1090 -46.55 -32.47 -38.82
CA MET A 1090 -47.45 -31.35 -39.08
C MET A 1090 -46.65 -30.07 -39.24
N THR A 1091 -47.16 -29.17 -40.06
CA THR A 1091 -46.52 -27.89 -40.27
C THR A 1091 -47.01 -26.94 -39.18
N PRO A 1092 -46.28 -25.84 -38.93
CA PRO A 1092 -46.69 -24.88 -37.90
C PRO A 1092 -48.15 -24.44 -38.12
N GLU A 1093 -48.53 -24.26 -39.39
CA GLU A 1093 -49.88 -23.84 -39.71
C GLU A 1093 -50.89 -24.89 -39.27
N GLN A 1094 -50.58 -26.16 -39.54
CA GLN A 1094 -51.43 -27.27 -39.15
C GLN A 1094 -51.56 -27.36 -37.62
N GLN A 1095 -50.42 -27.29 -36.93
CA GLN A 1095 -50.42 -27.36 -35.48
C GLN A 1095 -51.22 -26.23 -34.84
N ALA A 1096 -51.07 -25.02 -35.37
CA ALA A 1096 -51.80 -23.88 -34.83
C ALA A 1096 -53.31 -24.11 -34.98
N ASP A 1097 -53.71 -24.74 -36.10
CA ASP A 1097 -55.12 -25.00 -36.32
C ASP A 1097 -55.67 -25.99 -35.30
N GLU A 1098 -54.90 -27.03 -35.01
CA GLU A 1098 -55.31 -28.03 -34.03
C GLU A 1098 -55.32 -27.45 -32.62
N LEU A 1099 -54.32 -26.64 -32.31
CA LEU A 1099 -54.24 -26.03 -30.99
C LEU A 1099 -55.40 -25.07 -30.79
N ASN A 1100 -55.76 -24.34 -31.84
CA ASN A 1100 -56.87 -23.40 -31.75
C ASN A 1100 -58.18 -24.14 -31.65
N LYS A 1101 -58.22 -25.33 -32.21
CA LYS A 1101 -59.41 -26.15 -32.14
C LYS A 1101 -59.58 -26.50 -30.67
N LEU A 1102 -58.50 -26.98 -30.05
CA LEU A 1102 -58.51 -27.34 -28.63
C LEU A 1102 -58.88 -26.13 -27.80
N PHE A 1103 -58.41 -24.96 -28.23
CA PHE A 1103 -58.68 -23.71 -27.54
C PHE A 1103 -60.18 -23.39 -27.61
N ARG A 1104 -60.69 -23.25 -28.84
CA ARG A 1104 -62.11 -22.95 -29.02
C ARG A 1104 -62.97 -23.96 -28.30
N GLU A 1105 -62.50 -25.21 -28.26
CA GLU A 1105 -63.22 -26.26 -27.58
C GLU A 1105 -63.27 -25.96 -26.08
N GLU A 1106 -62.11 -25.65 -25.52
CA GLU A 1106 -62.00 -25.34 -24.10
C GLU A 1106 -62.83 -24.10 -23.78
N LEU A 1107 -62.76 -23.11 -24.66
CA LEU A 1107 -63.49 -21.86 -24.48
C LEU A 1107 -64.97 -22.16 -24.23
N GLU A 1108 -65.50 -23.16 -24.92
CA GLU A 1108 -66.90 -23.55 -24.74
C GLU A 1108 -67.11 -24.20 -23.38
N ALA A 1109 -66.18 -25.07 -22.99
CA ALA A 1109 -66.28 -25.74 -21.70
C ALA A 1109 -66.49 -24.70 -20.60
N ARG A 1110 -65.79 -23.58 -20.72
CA ARG A 1110 -65.91 -22.50 -19.74
C ARG A 1110 -67.27 -21.83 -19.88
N LYS A 1111 -67.60 -21.45 -21.11
CA LYS A 1111 -68.88 -20.79 -21.42
C LYS A 1111 -70.07 -21.58 -20.86
N GLN A 1112 -69.90 -22.90 -20.78
CA GLN A 1112 -70.96 -23.77 -20.28
C GLN A 1112 -70.59 -24.37 -18.92
N THR C 17 15.71 43.39 29.67
CA THR C 17 15.30 42.18 30.44
C THR C 17 13.83 42.23 30.81
N GLU C 18 13.35 43.41 31.20
CA GLU C 18 11.95 43.58 31.56
C GLU C 18 11.14 43.71 30.27
N GLU C 19 11.78 44.22 29.23
CA GLU C 19 11.15 44.39 27.92
C GLU C 19 11.01 43.03 27.26
N LEU C 20 12.01 42.18 27.48
CA LEU C 20 12.04 40.83 26.92
C LEU C 20 10.86 40.05 27.51
N LYS C 21 10.60 40.28 28.80
CA LYS C 21 9.51 39.63 29.50
C LYS C 21 8.16 40.11 28.96
N GLU C 22 7.99 41.43 28.88
CA GLU C 22 6.75 42.03 28.40
C GLU C 22 6.48 41.66 26.95
N GLY C 23 7.55 41.43 26.19
CA GLY C 23 7.40 41.06 24.80
C GLY C 23 6.68 39.73 24.63
N ILE C 24 7.22 38.67 25.21
CA ILE C 24 6.61 37.35 25.09
C ILE C 24 5.24 37.30 25.76
N ASP C 25 5.06 38.05 26.83
CA ASP C 25 3.77 38.04 27.49
C ASP C 25 2.72 38.68 26.58
N ALA C 26 3.15 39.48 25.61
CA ALA C 26 2.24 40.14 24.70
C ALA C 26 1.73 39.17 23.64
N VAL C 27 2.58 38.23 23.25
CA VAL C 27 2.20 37.24 22.25
C VAL C 27 1.34 36.16 22.89
N TYR C 28 1.62 35.85 24.16
CA TYR C 28 0.88 34.83 24.91
C TYR C 28 0.33 35.39 26.22
N PRO C 29 -0.56 36.38 26.13
CA PRO C 29 -1.16 37.03 27.30
C PRO C 29 -2.00 36.16 28.24
N SER C 30 -2.75 35.22 27.68
CA SER C 30 -3.65 34.40 28.50
C SER C 30 -3.15 33.08 29.09
N LEU C 31 -1.89 32.71 28.86
CA LEU C 31 -1.41 31.45 29.45
C LEU C 31 -1.58 31.50 30.97
N VAL C 32 -1.82 30.34 31.59
CA VAL C 32 -2.03 30.26 33.03
C VAL C 32 -0.78 30.55 33.88
N GLY C 33 -0.99 31.21 35.00
CA GLY C 33 0.12 31.50 35.90
C GLY C 33 0.81 32.83 35.64
N THR C 34 1.67 33.24 36.55
CA THR C 34 2.39 34.49 36.38
C THR C 34 3.82 34.19 35.94
N ALA C 35 4.35 35.01 35.04
CA ALA C 35 5.72 34.83 34.57
C ALA C 35 6.73 35.38 35.57
N ASP C 36 6.71 34.85 36.79
CA ASP C 36 7.62 35.28 37.84
C ASP C 36 8.15 34.06 38.57
N SER C 37 9.44 33.81 38.46
CA SER C 37 10.04 32.65 39.11
C SER C 37 9.78 32.59 40.62
N LYS C 38 9.77 33.74 41.28
CA LYS C 38 9.55 33.79 42.73
C LYS C 38 8.10 33.99 43.13
N ALA C 39 7.23 34.21 42.15
CA ALA C 39 5.82 34.43 42.42
C ALA C 39 5.17 33.30 43.24
N GLU C 40 4.14 33.67 43.99
CA GLU C 40 3.39 32.72 44.80
C GLU C 40 2.28 32.22 43.89
N GLY C 41 1.92 30.95 44.01
CA GLY C 41 0.88 30.41 43.16
C GLY C 41 1.45 29.80 41.90
N ILE C 42 0.60 29.59 40.89
CA ILE C 42 1.05 29.00 39.64
C ILE C 42 1.94 29.93 38.82
N LYS C 43 3.10 29.42 38.43
CA LYS C 43 4.07 30.17 37.64
C LYS C 43 4.08 29.60 36.24
N ASN C 44 4.12 30.46 35.23
CA ASN C 44 4.14 29.95 33.86
C ASN C 44 5.58 29.77 33.38
N TYR C 45 6.02 28.52 33.26
CA TYR C 45 7.39 28.25 32.84
C TYR C 45 7.65 28.31 31.35
N PHE C 46 6.63 28.61 30.56
CA PHE C 46 6.83 28.75 29.12
C PHE C 46 7.38 30.16 28.93
N LYS C 47 6.69 31.13 29.51
CA LYS C 47 7.10 32.52 29.42
C LYS C 47 8.41 32.74 30.15
N LEU C 48 8.66 31.98 31.20
CA LEU C 48 9.91 32.13 31.93
C LEU C 48 11.05 31.46 31.17
N SER C 49 10.74 30.51 30.30
CA SER C 49 11.78 29.80 29.57
C SER C 49 12.10 30.25 28.17
N PHE C 50 11.18 30.96 27.53
CA PHE C 50 11.42 31.41 26.16
C PHE C 50 11.21 32.91 25.96
N THR C 51 11.77 33.45 24.88
CA THR C 51 11.64 34.86 24.56
C THR C 51 11.55 35.02 23.05
N LEU C 52 11.02 36.15 22.60
CA LEU C 52 10.91 36.41 21.17
C LEU C 52 12.30 36.72 20.64
N PRO C 53 12.65 36.17 19.46
CA PRO C 53 13.99 36.46 18.92
C PRO C 53 14.07 37.86 18.32
N GLU C 54 15.28 38.43 18.26
CA GLU C 54 15.44 39.76 17.70
C GLU C 54 14.93 39.76 16.26
N GLU C 55 15.24 38.69 15.53
CA GLU C 55 14.82 38.53 14.15
C GLU C 55 13.82 37.38 14.06
N GLN C 56 12.70 37.62 13.39
CA GLN C 56 11.67 36.59 13.24
C GLN C 56 12.27 35.29 12.69
N LYS C 57 11.95 34.18 13.34
CA LYS C 57 12.43 32.88 12.90
C LYS C 57 11.29 32.07 12.30
N SER C 58 10.10 32.22 12.85
CA SER C 58 8.93 31.50 12.34
C SER C 58 7.83 32.46 11.94
N ARG C 59 7.16 32.18 10.82
CA ARG C 59 6.08 33.02 10.35
C ARG C 59 4.75 32.71 11.06
N THR C 60 4.74 31.76 11.99
CA THR C 60 3.49 31.45 12.69
C THR C 60 3.39 32.21 14.02
N VAL C 61 4.51 32.78 14.48
CA VAL C 61 4.48 33.54 15.71
C VAL C 61 3.50 34.69 15.49
N GLY C 62 2.59 34.88 16.44
CA GLY C 62 1.61 35.95 16.33
C GLY C 62 0.30 35.53 15.66
N SER C 63 0.31 34.40 14.96
CA SER C 63 -0.89 33.93 14.28
C SER C 63 -1.89 33.27 15.22
N GLU C 64 -3.15 33.67 15.12
CA GLU C 64 -4.19 33.11 15.97
C GLU C 64 -4.61 31.68 15.58
N ALA C 65 -4.42 31.33 14.30
CA ALA C 65 -4.79 30.00 13.84
C ALA C 65 -3.78 29.51 12.81
N PRO C 66 -2.56 29.18 13.26
CA PRO C 66 -1.49 28.70 12.38
C PRO C 66 -1.89 27.63 11.38
N LEU C 67 -2.70 26.66 11.81
CA LEU C 67 -3.13 25.60 10.89
C LEU C 67 -3.96 26.13 9.73
N LYS C 68 -4.85 27.08 10.00
CA LYS C 68 -5.66 27.62 8.92
C LYS C 68 -4.88 28.64 8.07
N ASP C 69 -4.00 29.39 8.71
CA ASP C 69 -3.21 30.39 8.00
C ASP C 69 -2.16 29.76 7.08
N VAL C 70 -1.64 28.61 7.49
CA VAL C 70 -0.65 27.93 6.67
C VAL C 70 -1.36 27.15 5.58
N ALA C 71 -2.53 26.61 5.88
CA ALA C 71 -3.28 25.87 4.87
C ALA C 71 -3.69 26.88 3.80
N GLN C 72 -3.93 28.12 4.24
CA GLN C 72 -4.32 29.21 3.36
C GLN C 72 -3.15 29.55 2.43
N ALA C 73 -1.95 29.61 3.01
CA ALA C 73 -0.74 29.91 2.26
C ALA C 73 -0.44 28.81 1.25
N LEU C 74 -0.82 27.57 1.58
CA LEU C 74 -0.58 26.44 0.71
C LEU C 74 -1.73 26.18 -0.26
N SER C 75 -2.70 27.08 -0.31
CA SER C 75 -3.84 26.88 -1.20
C SER C 75 -3.54 27.23 -2.65
N SER C 76 -2.53 28.05 -2.89
CA SER C 76 -2.15 28.42 -4.25
C SER C 76 -0.73 28.98 -4.27
N ARG C 77 -0.09 28.95 -5.44
CA ARG C 77 1.27 29.45 -5.57
C ARG C 77 1.36 30.92 -5.21
N ALA C 78 0.37 31.69 -5.64
CA ALA C 78 0.34 33.13 -5.36
C ALA C 78 0.27 33.38 -3.86
N ARG C 79 -0.61 32.66 -3.17
CA ARG C 79 -0.73 32.84 -1.73
C ARG C 79 0.54 32.36 -1.04
N TYR C 80 1.20 31.36 -1.63
CA TYR C 80 2.43 30.83 -1.03
C TYR C 80 3.55 31.85 -1.13
N GLU C 81 3.61 32.52 -2.28
CA GLU C 81 4.66 33.50 -2.51
C GLU C 81 4.47 34.75 -1.67
N LEU C 82 3.22 35.11 -1.38
CA LEU C 82 2.94 36.29 -0.58
C LEU C 82 3.17 36.03 0.91
N PHE C 83 2.88 34.80 1.35
CA PHE C 83 3.07 34.42 2.74
C PHE C 83 4.56 34.30 3.06
N THR C 84 5.35 33.90 2.06
CA THR C 84 6.79 33.74 2.23
C THR C 84 7.62 34.92 1.74
N GLU C 85 6.97 35.89 1.13
CA GLU C 85 7.66 37.08 0.62
C GLU C 85 8.71 36.72 -0.43
N LYS C 86 8.38 35.77 -1.29
CA LYS C 86 9.29 35.34 -2.35
C LYS C 86 8.54 35.50 -3.66
N GLU C 87 9.15 36.20 -4.62
CA GLU C 87 8.50 36.41 -5.91
C GLU C 87 8.08 35.11 -6.58
N THR C 88 8.95 34.11 -6.55
CA THR C 88 8.65 32.83 -7.18
C THR C 88 8.83 31.64 -6.25
N ALA C 89 7.81 30.79 -6.20
CA ALA C 89 7.85 29.60 -5.37
C ALA C 89 8.48 28.45 -6.14
N ASN C 90 9.06 27.50 -5.41
CA ASN C 90 9.66 26.32 -6.01
C ASN C 90 8.65 25.81 -7.05
N PRO C 91 9.05 25.73 -8.33
CA PRO C 91 8.15 25.26 -9.39
C PRO C 91 7.53 23.87 -9.18
N ALA C 92 8.07 23.11 -8.23
CA ALA C 92 7.52 21.78 -7.96
C ALA C 92 6.21 21.90 -7.20
N PHE C 93 5.96 23.09 -6.64
CA PHE C 93 4.74 23.37 -5.88
C PHE C 93 3.67 23.74 -6.91
N ASN C 94 3.04 22.72 -7.48
CA ASN C 94 2.03 22.90 -8.51
C ASN C 94 0.64 22.44 -8.12
N GLY C 95 -0.23 22.33 -9.12
CA GLY C 95 -1.61 21.92 -8.89
C GLY C 95 -1.75 20.61 -8.16
N GLU C 96 -1.03 19.58 -8.59
CA GLU C 96 -1.11 18.28 -7.95
C GLU C 96 -0.58 18.27 -6.52
N VAL C 97 0.54 18.94 -6.29
CA VAL C 97 1.12 19.00 -4.95
C VAL C 97 0.19 19.79 -4.04
N ILE C 98 -0.32 20.90 -4.55
CA ILE C 98 -1.23 21.74 -3.79
C ILE C 98 -2.42 20.93 -3.28
N LYS C 99 -3.02 20.11 -4.14
CA LYS C 99 -4.15 19.28 -3.73
C LYS C 99 -3.77 18.38 -2.55
N ARG C 100 -2.61 17.73 -2.64
CA ARG C 100 -2.14 16.83 -1.59
C ARG C 100 -1.98 17.51 -0.25
N TYR C 101 -1.38 18.70 -0.24
CA TYR C 101 -1.20 19.41 1.01
C TYR C 101 -2.55 19.83 1.62
N LYS C 102 -3.51 20.16 0.76
CA LYS C 102 -4.84 20.55 1.26
C LYS C 102 -5.36 19.41 2.13
N GLU C 103 -5.22 18.18 1.63
CA GLU C 103 -5.67 17.02 2.38
C GLU C 103 -4.83 16.85 3.65
N LEU C 104 -3.52 17.01 3.53
CA LEU C 104 -2.64 16.88 4.69
C LEU C 104 -3.01 17.89 5.78
N MET C 105 -3.44 19.07 5.37
CA MET C 105 -3.83 20.09 6.35
C MET C 105 -5.10 19.62 7.07
N GLU C 106 -6.03 19.05 6.31
CA GLU C 106 -7.28 18.52 6.85
C GLU C 106 -6.92 17.48 7.91
N HIS C 107 -5.94 16.65 7.58
CA HIS C 107 -5.48 15.62 8.49
C HIS C 107 -4.92 16.30 9.76
N GLY C 108 -4.18 17.40 9.58
CA GLY C 108 -3.64 18.11 10.72
C GLY C 108 -4.72 18.58 11.70
N GLU C 109 -5.91 18.87 11.19
CA GLU C 109 -7.05 19.28 12.02
C GLU C 109 -7.43 18.07 12.86
N GLY C 110 -7.28 16.89 12.25
CA GLY C 110 -7.60 15.66 12.93
C GLY C 110 -6.64 15.46 14.10
N ILE C 111 -5.35 15.69 13.85
CA ILE C 111 -4.34 15.55 14.89
C ILE C 111 -4.63 16.53 16.03
N ALA C 112 -4.97 17.76 15.68
CA ALA C 112 -5.27 18.77 16.70
C ALA C 112 -6.45 18.30 17.56
N ASP C 113 -7.47 17.73 16.93
CA ASP C 113 -8.64 17.26 17.66
C ASP C 113 -8.29 16.14 18.64
N ILE C 114 -7.38 15.24 18.25
CA ILE C 114 -6.97 14.17 19.13
C ILE C 114 -6.22 14.77 20.34
N LEU C 115 -5.35 15.74 20.07
CA LEU C 115 -4.59 16.39 21.14
C LEU C 115 -5.49 17.12 22.15
N ARG C 116 -6.51 17.82 21.66
CA ARG C 116 -7.41 18.53 22.54
C ARG C 116 -8.15 17.55 23.46
N SER C 117 -8.57 16.42 22.91
CA SER C 117 -9.27 15.40 23.70
C SER C 117 -8.34 14.74 24.73
N ARG C 118 -7.11 14.45 24.32
CA ARG C 118 -6.17 13.83 25.25
C ARG C 118 -5.95 14.78 26.43
N LEU C 119 -5.96 16.09 26.18
CA LEU C 119 -5.77 17.04 27.26
C LEU C 119 -6.96 17.02 28.24
N ALA C 120 -8.18 17.01 27.71
CA ALA C 120 -9.37 17.01 28.57
C ALA C 120 -9.41 15.75 29.43
N LYS C 121 -9.00 14.62 28.86
CA LYS C 121 -8.98 13.38 29.61
C LYS C 121 -7.97 13.47 30.75
N PHE C 122 -6.79 14.03 30.46
CA PHE C 122 -5.75 14.19 31.46
C PHE C 122 -6.23 15.11 32.60
N LEU C 123 -6.92 16.19 32.26
CA LEU C 123 -7.40 17.12 33.28
C LEU C 123 -8.49 16.48 34.12
N ASN C 124 -9.32 15.66 33.49
CA ASN C 124 -10.40 15.01 34.20
C ASN C 124 -9.91 13.89 35.13
N THR C 125 -8.98 13.08 34.66
CA THR C 125 -8.45 11.97 35.44
C THR C 125 -7.74 12.44 36.72
N LYS C 126 -8.08 11.78 37.83
CA LYS C 126 -7.50 12.11 39.14
C LYS C 126 -7.68 13.56 39.54
N ASP C 127 -8.72 14.20 38.97
CA ASP C 127 -9.04 15.60 39.27
C ASP C 127 -7.86 16.53 39.10
N VAL C 128 -6.94 16.19 38.21
CA VAL C 128 -5.77 17.03 37.96
C VAL C 128 -6.18 18.44 37.63
N GLY C 129 -7.21 18.59 36.81
CA GLY C 129 -7.67 19.92 36.44
C GLY C 129 -8.14 20.72 37.66
N LYS C 130 -8.97 20.11 38.49
CA LYS C 130 -9.47 20.81 39.66
C LYS C 130 -8.31 21.15 40.60
N ARG C 131 -7.38 20.21 40.79
CA ARG C 131 -6.26 20.43 41.69
C ARG C 131 -5.30 21.49 41.18
N PHE C 132 -5.22 21.61 39.86
CA PHE C 132 -4.34 22.60 39.25
C PHE C 132 -4.95 23.97 39.52
N ALA C 133 -6.26 24.08 39.31
CA ALA C 133 -6.96 25.34 39.54
C ALA C 133 -6.90 25.73 41.02
N GLN C 134 -6.78 24.73 41.90
CA GLN C 134 -6.68 24.97 43.34
C GLN C 134 -5.25 25.34 43.72
N GLY C 135 -4.35 25.34 42.74
CA GLY C 135 -2.97 25.71 43.01
C GLY C 135 -1.92 24.62 43.13
N THR C 136 -2.26 23.37 42.87
CA THR C 136 -1.22 22.37 42.97
C THR C 136 -0.39 22.59 41.69
N GLU C 137 0.93 22.64 41.84
CA GLU C 137 1.82 22.90 40.70
C GLU C 137 2.00 21.72 39.74
N ALA C 138 0.90 21.30 39.13
CA ALA C 138 0.92 20.18 38.20
C ALA C 138 1.76 20.51 36.96
N ASN C 139 1.88 21.80 36.65
CA ASN C 139 2.65 22.24 35.49
C ASN C 139 4.15 22.02 35.71
N ARG C 140 4.51 21.46 36.86
CA ARG C 140 5.91 21.22 37.15
C ARG C 140 6.20 19.72 37.24
N TRP C 141 5.16 18.90 37.11
CA TRP C 141 5.30 17.44 37.13
C TRP C 141 5.94 17.01 35.82
N VAL C 142 6.52 15.82 35.78
CA VAL C 142 7.15 15.33 34.56
C VAL C 142 6.13 15.11 33.46
N GLY C 143 4.88 14.82 33.83
CA GLY C 143 3.85 14.60 32.82
C GLY C 143 2.89 15.77 32.68
N GLY C 144 3.15 16.88 33.36
CA GLY C 144 2.23 18.01 33.26
C GLY C 144 2.81 19.32 32.76
N LYS C 145 4.00 19.27 32.17
CA LYS C 145 4.63 20.50 31.68
C LYS C 145 3.85 21.18 30.56
N LEU C 146 2.96 20.43 29.91
CA LEU C 146 2.16 21.04 28.86
C LEU C 146 1.14 22.01 29.45
N LEU C 147 0.86 21.91 30.75
CA LEU C 147 -0.10 22.84 31.37
C LEU C 147 0.48 24.24 31.34
N ASN C 148 1.75 24.38 30.94
CA ASN C 148 2.36 25.69 30.84
C ASN C 148 1.89 26.39 29.58
N ILE C 149 1.25 25.65 28.67
CA ILE C 149 0.74 26.26 27.45
C ILE C 149 -0.76 26.17 27.31
N VAL C 150 -1.46 26.08 28.45
CA VAL C 150 -2.92 26.05 28.44
C VAL C 150 -3.46 27.36 28.99
N GLU C 151 -4.73 27.61 28.74
CA GLU C 151 -5.41 28.82 29.20
C GLU C 151 -6.67 28.40 29.94
N GLN C 152 -7.07 29.17 30.94
CA GLN C 152 -8.27 28.84 31.71
C GLN C 152 -9.51 29.00 30.82
N ASP C 153 -10.38 28.00 30.87
CA ASP C 153 -11.60 27.96 30.07
C ASP C 153 -12.77 27.51 30.95
N GLY C 154 -13.54 28.46 31.44
CA GLY C 154 -14.66 28.08 32.30
C GLY C 154 -14.08 27.38 33.52
N ASP C 155 -14.64 26.24 33.88
CA ASP C 155 -14.16 25.48 35.02
C ASP C 155 -13.06 24.49 34.62
N THR C 156 -12.36 24.76 33.52
CA THR C 156 -11.30 23.85 33.08
C THR C 156 -10.22 24.62 32.34
N PHE C 157 -9.46 23.92 31.49
CA PHE C 157 -8.38 24.54 30.73
C PHE C 157 -8.36 24.03 29.31
N LYS C 158 -7.72 24.79 28.43
CA LYS C 158 -7.62 24.41 27.02
C LYS C 158 -6.30 24.90 26.47
N TYR C 159 -5.82 24.23 25.44
CA TYR C 159 -4.56 24.61 24.80
C TYR C 159 -4.61 26.03 24.22
N ASN C 160 -3.47 26.68 24.26
CA ASN C 160 -3.34 27.98 23.62
C ASN C 160 -3.30 27.46 22.16
N GLU C 161 -4.25 27.89 21.34
CA GLU C 161 -4.32 27.42 19.96
C GLU C 161 -3.14 27.72 19.06
N GLN C 162 -2.44 28.83 19.31
CA GLN C 162 -1.30 29.20 18.48
C GLN C 162 -0.17 28.18 18.67
N LEU C 163 0.13 27.87 19.93
CA LEU C 163 1.19 26.91 20.21
C LEU C 163 0.81 25.50 19.79
N LEU C 164 -0.44 25.12 20.05
CA LEU C 164 -0.93 23.79 19.71
C LEU C 164 -0.83 23.53 18.22
N GLN C 165 -1.44 24.41 17.45
CA GLN C 165 -1.46 24.28 15.99
C GLN C 165 -0.10 24.34 15.34
N THR C 166 0.78 25.19 15.86
CA THR C 166 2.14 25.32 15.33
C THR C 166 2.89 24.02 15.53
N ALA C 167 2.65 23.39 16.69
CA ALA C 167 3.29 22.12 17.00
C ALA C 167 2.77 21.03 16.06
N VAL C 168 1.49 21.09 15.71
CA VAL C 168 0.93 20.10 14.78
C VAL C 168 1.60 20.25 13.43
N LEU C 169 1.79 21.50 12.98
CA LEU C 169 2.44 21.72 11.68
C LEU C 169 3.81 21.06 11.72
N ALA C 170 4.49 21.16 12.86
CA ALA C 170 5.81 20.56 13.02
C ALA C 170 5.66 19.03 12.93
N GLY C 171 4.62 18.51 13.59
CA GLY C 171 4.39 17.08 13.55
C GLY C 171 4.15 16.60 12.13
N LEU C 172 3.41 17.38 11.34
CA LEU C 172 3.11 17.01 9.96
C LEU C 172 4.39 16.96 9.11
N GLN C 173 5.23 17.98 9.23
CA GLN C 173 6.47 18.01 8.48
C GLN C 173 7.28 16.79 8.88
N TRP C 174 7.42 16.60 10.20
CA TRP C 174 8.16 15.47 10.75
C TRP C 174 7.67 14.17 10.10
N ARG C 175 6.36 13.96 10.12
CA ARG C 175 5.75 12.77 9.54
C ARG C 175 6.16 12.54 8.08
N LEU C 176 6.33 13.63 7.34
CA LEU C 176 6.70 13.53 5.94
C LEU C 176 8.18 13.25 5.66
N THR C 177 9.07 13.81 6.47
CA THR C 177 10.50 13.66 6.23
C THR C 177 11.43 13.10 7.31
N ALA C 178 10.94 12.89 8.52
CA ALA C 178 11.78 12.36 9.59
C ALA C 178 12.55 11.11 9.13
N THR C 179 11.85 10.17 8.53
CA THR C 179 12.48 8.94 8.09
C THR C 179 13.71 9.14 7.23
N SER C 180 13.61 9.99 6.22
CA SER C 180 14.72 10.24 5.31
C SER C 180 15.86 11.00 5.98
N ASN C 181 15.78 11.18 7.30
CA ASN C 181 16.82 11.90 8.01
C ASN C 181 17.39 11.15 9.21
N THR C 182 16.80 10.01 9.54
CA THR C 182 17.27 9.20 10.66
C THR C 182 18.65 8.63 10.37
N ALA C 183 19.43 8.42 11.43
CA ALA C 183 20.77 7.85 11.26
C ALA C 183 20.64 6.33 11.16
N ILE C 184 21.54 5.70 10.40
CA ILE C 184 21.51 4.24 10.27
C ILE C 184 22.08 3.56 11.52
N LYS C 185 21.36 2.55 12.02
CA LYS C 185 21.78 1.81 13.20
C LYS C 185 22.55 0.55 12.86
N ASP C 186 23.73 0.43 13.45
CA ASP C 186 24.60 -0.72 13.25
C ASP C 186 24.46 -1.68 14.43
N ALA C 187 25.05 -2.86 14.30
CA ALA C 187 24.99 -3.87 15.36
C ALA C 187 25.26 -3.28 16.74
N LYS C 188 26.28 -2.43 16.84
CA LYS C 188 26.62 -1.80 18.11
C LYS C 188 25.48 -0.90 18.60
N ASP C 189 24.76 -0.30 17.65
CA ASP C 189 23.62 0.55 17.98
C ASP C 189 22.51 -0.30 18.58
N VAL C 190 22.16 -1.37 17.86
CA VAL C 190 21.11 -2.29 18.30
C VAL C 190 21.51 -3.01 19.58
N ALA C 191 22.80 -3.35 19.69
CA ALA C 191 23.32 -4.03 20.87
C ALA C 191 23.07 -3.16 22.10
N ALA C 192 23.39 -1.87 21.98
CA ALA C 192 23.21 -0.92 23.07
C ALA C 192 21.73 -0.74 23.42
N ILE C 193 20.91 -0.45 22.42
CA ILE C 193 19.48 -0.26 22.63
C ILE C 193 18.88 -1.47 23.33
N THR C 194 19.09 -2.65 22.75
CA THR C 194 18.56 -3.89 23.28
C THR C 194 19.26 -4.40 24.54
N GLY C 195 20.57 -4.18 24.62
CA GLY C 195 21.31 -4.64 25.78
C GLY C 195 21.69 -6.10 25.60
N ILE C 196 21.59 -6.57 24.36
CA ILE C 196 21.95 -7.93 24.02
C ILE C 196 23.33 -7.91 23.38
N ASP C 197 24.16 -8.89 23.73
CA ASP C 197 25.50 -8.95 23.18
C ASP C 197 25.47 -8.83 21.67
N GLN C 198 26.21 -7.84 21.16
CA GLN C 198 26.28 -7.56 19.73
C GLN C 198 26.42 -8.82 18.88
N ALA C 199 27.20 -9.78 19.35
CA ALA C 199 27.43 -11.03 18.62
C ALA C 199 26.30 -12.05 18.78
N LEU C 200 25.42 -11.82 19.74
CA LEU C 200 24.31 -12.74 20.00
C LEU C 200 22.98 -12.31 19.40
N LEU C 201 22.95 -11.12 18.80
CA LEU C 201 21.73 -10.59 18.20
C LEU C 201 21.19 -11.50 17.09
N PRO C 202 19.92 -11.94 17.22
CA PRO C 202 19.35 -12.81 16.19
C PRO C 202 19.19 -12.07 14.87
N GLU C 203 19.38 -12.80 13.77
CA GLU C 203 19.28 -12.22 12.43
C GLU C 203 18.01 -11.41 12.24
N GLY C 204 18.12 -10.28 11.56
CA GLY C 204 16.96 -9.43 11.33
C GLY C 204 16.66 -8.44 12.45
N LEU C 205 17.11 -8.76 13.66
CA LEU C 205 16.87 -7.88 14.81
C LEU C 205 17.46 -6.49 14.59
N VAL C 206 18.65 -6.44 13.99
CA VAL C 206 19.31 -5.17 13.72
C VAL C 206 18.54 -4.41 12.64
N GLU C 207 17.87 -5.17 11.77
CA GLU C 207 17.09 -4.57 10.70
C GLU C 207 15.80 -4.00 11.30
N GLN C 208 15.19 -4.78 12.19
CA GLN C 208 13.97 -4.37 12.85
C GLN C 208 14.15 -3.07 13.60
N PHE C 209 15.34 -2.88 14.17
CA PHE C 209 15.63 -1.67 14.93
C PHE C 209 16.16 -0.52 14.05
N ASP C 210 16.49 -0.83 12.81
CA ASP C 210 16.99 0.18 11.88
C ASP C 210 15.88 0.55 10.91
N THR C 211 14.69 0.03 11.16
CA THR C 211 13.51 0.30 10.33
C THR C 211 12.48 1.02 11.19
N GLY C 212 12.87 1.33 12.41
CA GLY C 212 11.99 2.02 13.32
C GLY C 212 12.84 2.91 14.19
N MET C 213 12.20 3.83 14.91
CA MET C 213 12.94 4.73 15.78
C MET C 213 12.65 4.38 17.23
N THR C 214 13.63 4.58 18.09
CA THR C 214 13.42 4.33 19.50
C THR C 214 12.62 5.52 20.02
N LEU C 215 12.08 5.40 21.23
CA LEU C 215 11.30 6.48 21.79
C LEU C 215 12.08 7.78 21.80
N THR C 216 13.30 7.74 22.34
CA THR C 216 14.10 8.95 22.39
C THR C 216 14.44 9.50 21.00
N GLU C 217 14.67 8.60 20.05
CA GLU C 217 14.98 9.01 18.69
C GLU C 217 13.84 9.83 18.08
N ALA C 218 12.62 9.30 18.16
CA ALA C 218 11.45 9.97 17.61
C ALA C 218 11.06 11.25 18.35
N VAL C 219 10.99 11.18 19.68
CA VAL C 219 10.60 12.36 20.45
C VAL C 219 11.64 13.47 20.30
N SER C 220 12.90 13.09 20.33
CA SER C 220 13.99 14.04 20.18
C SER C 220 13.82 14.81 18.86
N SER C 221 13.70 14.05 17.77
CA SER C 221 13.52 14.61 16.44
C SER C 221 12.31 15.56 16.35
N LEU C 222 11.16 15.07 16.82
CA LEU C 222 9.94 15.87 16.81
C LEU C 222 10.05 17.11 17.67
N ALA C 223 10.60 16.96 18.86
CA ALA C 223 10.74 18.08 19.78
C ALA C 223 11.60 19.18 19.17
N GLN C 224 12.60 18.78 18.38
CA GLN C 224 13.48 19.77 17.75
C GLN C 224 12.67 20.61 16.75
N LYS C 225 11.85 19.92 15.95
CA LYS C 225 11.00 20.57 14.97
C LYS C 225 10.00 21.52 15.64
N ILE C 226 9.33 21.01 16.67
CA ILE C 226 8.35 21.83 17.38
C ILE C 226 9.00 23.11 17.93
N GLU C 227 10.11 22.96 18.65
CA GLU C 227 10.79 24.12 19.21
C GLU C 227 11.15 25.10 18.11
N SER C 228 11.60 24.57 16.97
CA SER C 228 11.98 25.38 15.82
C SER C 228 10.80 26.20 15.27
N TYR C 229 9.65 25.54 15.06
CA TYR C 229 8.48 26.21 14.52
C TYR C 229 7.87 27.18 15.52
N TRP C 230 8.04 26.92 16.82
CA TRP C 230 7.50 27.85 17.81
C TRP C 230 8.30 29.14 17.64
N GLY C 231 9.49 28.99 17.03
CA GLY C 231 10.34 30.12 16.72
C GLY C 231 10.74 31.08 17.82
N LEU C 232 10.91 30.57 19.03
CA LEU C 232 11.31 31.41 20.13
C LEU C 232 12.76 31.13 20.47
N SER C 233 13.31 31.84 21.45
CA SER C 233 14.70 31.63 21.87
C SER C 233 14.72 31.23 23.34
N ARG C 234 15.58 30.27 23.68
CA ARG C 234 15.68 29.82 25.06
C ARG C 234 16.32 30.87 25.96
N ASN C 235 15.75 31.03 27.15
CA ASN C 235 16.26 31.95 28.14
C ASN C 235 17.43 31.22 28.80
N PRO C 236 18.65 31.77 28.71
CA PRO C 236 19.81 31.11 29.31
C PRO C 236 19.73 30.90 30.83
N ASN C 237 18.81 31.58 31.49
CA ASN C 237 18.66 31.45 32.94
C ASN C 237 17.46 30.64 33.41
N ALA C 238 16.81 29.93 32.49
CA ALA C 238 15.65 29.11 32.82
C ALA C 238 16.08 27.65 32.94
N PRO C 239 15.50 26.90 33.90
CA PRO C 239 15.85 25.50 34.08
C PRO C 239 15.61 24.66 32.82
N LEU C 240 16.54 23.77 32.51
CA LEU C 240 16.42 22.92 31.34
C LEU C 240 15.21 22.01 31.39
N GLY C 241 14.66 21.82 32.59
CA GLY C 241 13.49 20.98 32.74
C GLY C 241 12.30 21.57 32.00
N TYR C 242 12.37 22.86 31.70
CA TYR C 242 11.29 23.53 31.01
C TYR C 242 11.67 23.93 29.59
N THR C 243 12.89 24.42 29.38
CA THR C 243 13.28 24.80 28.03
C THR C 243 13.30 23.56 27.13
N LYS C 244 13.81 22.45 27.65
CA LYS C 244 13.82 21.19 26.90
C LYS C 244 12.52 20.44 27.18
N GLY C 245 12.06 20.50 28.43
CA GLY C 245 10.87 19.80 28.84
C GLY C 245 9.58 20.14 28.12
N ILE C 246 9.24 21.41 28.04
CA ILE C 246 8.00 21.82 27.38
C ILE C 246 7.91 21.28 25.95
N PRO C 247 8.91 21.57 25.10
CA PRO C 247 8.84 21.07 23.73
C PRO C 247 8.82 19.54 23.67
N THR C 248 9.52 18.90 24.60
CA THR C 248 9.56 17.45 24.61
C THR C 248 8.22 16.89 25.04
N ALA C 249 7.57 17.54 26.01
CA ALA C 249 6.25 17.11 26.45
C ALA C 249 5.28 17.18 25.26
N MET C 250 5.40 18.24 24.45
CA MET C 250 4.54 18.43 23.29
C MET C 250 4.78 17.34 22.25
N ALA C 251 6.07 17.03 22.01
CA ALA C 251 6.45 16.01 21.04
C ALA C 251 5.91 14.65 21.44
N ALA C 252 6.02 14.32 22.73
CA ALA C 252 5.53 13.05 23.25
C ALA C 252 4.03 12.94 23.01
N GLU C 253 3.31 14.05 23.17
CA GLU C 253 1.87 14.04 22.93
C GLU C 253 1.55 13.86 21.46
N ILE C 254 2.36 14.47 20.58
CA ILE C 254 2.13 14.34 19.15
C ILE C 254 2.48 12.92 18.68
N LEU C 255 3.50 12.34 19.29
CA LEU C 255 3.88 10.97 18.94
C LEU C 255 2.73 10.05 19.34
N ALA C 256 2.13 10.31 20.50
CA ALA C 256 0.99 9.49 20.95
C ALA C 256 -0.20 9.71 20.00
N ALA C 257 -0.43 10.96 19.60
CA ALA C 257 -1.53 11.25 18.69
C ALA C 257 -1.33 10.51 17.37
N PHE C 258 -0.10 10.52 16.86
CA PHE C 258 0.21 9.82 15.62
C PHE C 258 -0.02 8.30 15.75
N VAL C 259 0.21 7.73 16.92
CA VAL C 259 -0.06 6.31 17.13
C VAL C 259 -1.57 6.09 17.03
N GLU C 260 -2.35 7.01 17.59
CA GLU C 260 -3.80 6.90 17.55
C GLU C 260 -4.35 7.12 16.14
N SER C 261 -3.64 7.90 15.32
CA SER C 261 -4.11 8.18 13.97
C SER C 261 -3.56 7.20 12.93
N THR C 262 -2.66 6.34 13.36
CA THR C 262 -2.04 5.36 12.48
C THR C 262 -0.92 5.94 11.61
N ASP C 263 -0.61 7.23 11.79
CA ASP C 263 0.48 7.84 11.03
C ASP C 263 1.77 7.17 11.50
N VAL C 264 1.75 6.69 12.73
CA VAL C 264 2.90 6.01 13.34
C VAL C 264 2.43 4.69 13.93
N VAL C 265 3.27 3.67 13.84
CA VAL C 265 2.94 2.35 14.40
C VAL C 265 3.89 2.09 15.56
N GLU C 266 3.33 1.75 16.72
CA GLU C 266 4.14 1.50 17.92
C GLU C 266 4.23 0.01 18.19
N ASN C 267 5.44 -0.45 18.47
CA ASN C 267 5.67 -1.86 18.77
C ASN C 267 6.66 -1.96 19.93
N ILE C 268 6.21 -2.49 21.06
CA ILE C 268 7.08 -2.62 22.21
C ILE C 268 7.69 -4.03 22.18
N VAL C 269 8.95 -4.11 21.79
CA VAL C 269 9.66 -5.37 21.69
C VAL C 269 10.08 -5.93 23.05
N ASP C 270 9.61 -7.13 23.34
CA ASP C 270 9.92 -7.82 24.58
C ASP C 270 11.25 -8.56 24.43
N MET C 271 12.30 -8.07 25.06
CA MET C 271 13.62 -8.69 24.97
C MET C 271 13.75 -10.07 25.63
N SER C 272 12.89 -10.38 26.59
CA SER C 272 12.97 -11.67 27.27
C SER C 272 12.67 -12.81 26.28
N GLU C 273 12.17 -12.45 25.11
CA GLU C 273 11.86 -13.43 24.07
C GLU C 273 13.16 -13.90 23.45
N ILE C 274 14.11 -12.97 23.30
CA ILE C 274 15.41 -13.27 22.74
C ILE C 274 16.26 -13.87 23.84
N ASP C 275 16.43 -13.11 24.92
CA ASP C 275 17.21 -13.55 26.07
C ASP C 275 16.30 -13.56 27.29
N PRO C 276 16.09 -14.74 27.89
CA PRO C 276 15.23 -14.85 29.06
C PRO C 276 15.74 -14.03 30.25
N ASP C 277 17.01 -13.65 30.20
CA ASP C 277 17.62 -12.85 31.27
C ASP C 277 17.42 -11.34 31.09
N ASN C 278 16.99 -10.94 29.90
CA ASN C 278 16.78 -9.52 29.59
C ASN C 278 15.32 -9.14 29.91
N LYS C 279 15.16 -8.24 30.88
CA LYS C 279 13.82 -7.80 31.28
C LYS C 279 13.36 -6.53 30.57
N LYS C 280 14.15 -6.04 29.62
CA LYS C 280 13.79 -4.83 28.88
C LYS C 280 12.73 -5.03 27.83
N THR C 281 11.82 -4.05 27.74
CA THR C 281 10.76 -4.04 26.73
C THR C 281 11.02 -2.69 26.07
N ILE C 282 11.42 -2.74 24.81
CA ILE C 282 11.77 -1.54 24.07
C ILE C 282 10.77 -1.09 23.00
N GLY C 283 10.41 0.18 23.03
CA GLY C 283 9.47 0.69 22.06
C GLY C 283 10.11 1.05 20.72
N LEU C 284 9.42 0.71 19.64
CA LEU C 284 9.87 1.02 18.28
C LEU C 284 8.73 1.74 17.55
N TYR C 285 9.05 2.87 16.94
CA TYR C 285 8.06 3.67 16.24
C TYR C 285 8.36 3.72 14.75
N THR C 286 7.39 3.32 13.94
CA THR C 286 7.57 3.31 12.50
C THR C 286 6.57 4.21 11.82
N ILE C 287 7.07 5.23 11.12
CA ILE C 287 6.19 6.14 10.41
C ILE C 287 5.63 5.40 9.21
N THR C 288 4.31 5.52 8.99
CA THR C 288 3.68 4.85 7.87
C THR C 288 4.21 5.47 6.57
N GLU C 289 4.59 4.64 5.63
CA GLU C 289 5.14 5.11 4.35
C GLU C 289 4.11 5.71 3.39
N LEU C 290 4.46 6.84 2.78
CA LEU C 290 3.60 7.47 1.79
C LEU C 290 3.76 6.64 0.52
N ASP C 291 2.71 6.51 -0.28
CA ASP C 291 2.83 5.75 -1.53
C ASP C 291 3.97 6.34 -2.33
N SER C 292 4.72 5.50 -3.02
CA SER C 292 5.84 5.98 -3.82
C SER C 292 5.37 6.94 -4.92
N PHE C 293 4.09 6.86 -5.27
CA PHE C 293 3.53 7.73 -6.32
C PHE C 293 2.81 8.98 -5.79
N ASP C 294 2.86 9.20 -4.48
CA ASP C 294 2.22 10.37 -3.89
C ASP C 294 2.90 11.63 -4.42
N PRO C 295 2.14 12.54 -5.05
CA PRO C 295 2.68 13.78 -5.61
C PRO C 295 3.49 14.60 -4.62
N ILE C 296 3.13 14.48 -3.36
CA ILE C 296 3.77 15.22 -2.28
C ILE C 296 5.25 14.84 -2.17
N ASN C 297 5.62 13.67 -2.67
CA ASN C 297 7.01 13.24 -2.62
C ASN C 297 7.92 14.19 -3.39
N SER C 298 7.37 14.85 -4.42
CA SER C 298 8.16 15.75 -5.24
C SER C 298 8.45 17.09 -4.61
N PHE C 299 7.81 17.38 -3.47
CA PHE C 299 8.03 18.62 -2.73
C PHE C 299 7.46 18.44 -1.32
N PRO C 300 8.13 17.62 -0.50
CA PRO C 300 7.75 17.30 0.88
C PRO C 300 8.10 18.31 1.95
N THR C 301 8.67 19.45 1.56
CA THR C 301 9.06 20.46 2.53
C THR C 301 8.29 21.78 2.40
N ALA C 302 7.08 21.73 1.86
CA ALA C 302 6.28 22.95 1.71
C ALA C 302 5.98 23.60 3.06
N ILE C 303 5.60 22.79 4.05
CA ILE C 303 5.32 23.35 5.37
C ILE C 303 6.56 24.02 5.95
N GLU C 304 7.66 23.28 5.98
CA GLU C 304 8.94 23.78 6.48
C GLU C 304 9.38 25.11 5.86
N GLU C 305 9.35 25.18 4.53
CA GLU C 305 9.80 26.38 3.84
C GLU C 305 8.83 27.56 3.97
N ALA C 306 7.59 27.28 4.35
CA ALA C 306 6.59 28.34 4.54
C ALA C 306 6.68 28.85 5.98
N VAL C 307 6.92 27.95 6.92
CA VAL C 307 6.99 28.30 8.33
C VAL C 307 8.29 28.99 8.75
N LEU C 308 9.43 28.36 8.45
CA LEU C 308 10.73 28.92 8.82
C LEU C 308 11.31 29.94 7.83
N VAL C 309 11.79 31.06 8.35
CA VAL C 309 12.41 32.08 7.49
C VAL C 309 13.67 31.45 6.92
N ASN C 310 14.25 30.51 7.67
CA ASN C 310 15.45 29.81 7.25
C ASN C 310 15.26 28.31 7.40
N PRO C 311 14.56 27.68 6.45
CA PRO C 311 14.31 26.24 6.51
C PRO C 311 15.58 25.42 6.50
N THR C 312 15.55 24.30 7.21
CA THR C 312 16.69 23.41 7.25
C THR C 312 16.42 22.29 6.26
N GLU C 313 15.15 21.92 6.11
CA GLU C 313 14.77 20.84 5.20
C GLU C 313 14.36 21.38 3.84
N LYS C 314 15.23 21.17 2.86
CA LYS C 314 15.01 21.66 1.50
C LYS C 314 16.15 21.21 0.59
N MET C 315 15.95 21.39 -0.70
CA MET C 315 16.98 21.06 -1.68
C MET C 315 17.63 22.37 -2.10
N PHE C 316 18.92 22.36 -2.35
CA PHE C 316 19.62 23.57 -2.73
C PHE C 316 19.90 23.54 -4.24
N PHE C 317 19.20 24.37 -4.99
CA PHE C 317 19.35 24.45 -6.45
C PHE C 317 20.06 25.72 -6.88
N GLY C 318 20.82 25.63 -7.98
CA GLY C 318 21.52 26.77 -8.52
C GLY C 318 22.28 27.64 -7.54
N ASP C 319 21.92 28.92 -7.48
CA ASP C 319 22.57 29.88 -6.59
C ASP C 319 22.26 29.69 -5.12
N ASP C 320 21.19 28.96 -4.82
CA ASP C 320 20.79 28.72 -3.44
C ASP C 320 21.72 27.67 -2.85
N ILE C 321 22.77 28.12 -2.18
CA ILE C 321 23.75 27.19 -1.59
C ILE C 321 23.60 27.05 -0.07
N PRO C 322 23.86 25.86 0.44
CA PRO C 322 23.75 25.59 1.89
C PRO C 322 24.70 26.44 2.74
N PRO C 323 24.25 26.82 3.96
CA PRO C 323 25.14 27.62 4.80
C PRO C 323 26.22 26.70 5.38
N VAL C 324 27.27 27.29 5.94
CA VAL C 324 28.35 26.50 6.52
C VAL C 324 28.11 26.30 8.01
N ALA C 325 28.07 25.04 8.44
CA ALA C 325 27.84 24.68 9.84
C ALA C 325 28.91 25.30 10.71
N ASN C 326 28.52 25.77 11.87
CA ASN C 326 29.47 26.40 12.77
C ASN C 326 30.09 25.45 13.78
N THR C 327 29.35 24.42 14.19
CA THR C 327 29.87 23.48 15.15
C THR C 327 29.86 22.03 14.68
N GLN C 328 30.76 21.26 15.25
CA GLN C 328 30.92 19.85 14.95
C GLN C 328 29.58 19.15 15.13
N LEU C 329 29.25 18.25 14.20
CA LEU C 329 27.98 17.53 14.24
C LEU C 329 27.76 16.87 15.61
N ARG C 330 26.80 17.39 16.37
CA ARG C 330 26.46 16.89 17.70
C ARG C 330 27.57 17.04 18.73
N ASN C 331 28.27 18.17 18.68
CA ASN C 331 29.35 18.47 19.61
C ASN C 331 29.42 19.98 19.73
N PRO C 332 28.36 20.60 20.29
CA PRO C 332 28.21 22.04 20.48
C PRO C 332 29.43 22.75 21.07
N ALA C 333 30.17 22.08 21.94
CA ALA C 333 31.35 22.68 22.54
C ALA C 333 32.51 22.75 21.55
N VAL C 334 32.36 22.08 20.42
CA VAL C 334 33.39 22.06 19.41
C VAL C 334 33.01 22.86 18.19
N ARG C 335 33.74 23.92 17.92
CA ARG C 335 33.47 24.72 16.74
C ARG C 335 34.30 24.21 15.56
N ASN C 336 33.72 24.21 14.37
CA ASN C 336 34.45 23.77 13.20
C ASN C 336 35.57 24.79 13.04
N THR C 337 36.82 24.35 12.89
CA THR C 337 37.92 25.28 12.73
C THR C 337 37.72 26.06 11.43
N PRO C 338 38.52 27.13 11.22
CA PRO C 338 38.38 27.92 10.00
C PRO C 338 38.75 27.10 8.77
N GLU C 339 39.68 26.16 8.93
CA GLU C 339 40.07 25.34 7.79
C GLU C 339 38.97 24.32 7.50
N GLN C 340 38.30 23.83 8.54
CA GLN C 340 37.22 22.87 8.36
C GLN C 340 36.03 23.59 7.73
N LYS C 341 35.80 24.84 8.12
CA LYS C 341 34.67 25.58 7.54
C LYS C 341 34.92 25.80 6.05
N ALA C 342 36.17 26.13 5.69
CA ALA C 342 36.50 26.34 4.29
C ALA C 342 36.34 25.03 3.49
N ALA C 343 36.70 23.89 4.10
CA ALA C 343 36.56 22.63 3.39
C ALA C 343 35.07 22.37 3.15
N LEU C 344 34.28 22.54 4.22
CA LEU C 344 32.84 22.33 4.12
C LEU C 344 32.26 23.22 3.03
N LYS C 345 32.69 24.50 3.02
CA LYS C 345 32.21 25.44 2.03
C LYS C 345 32.55 24.97 0.62
N ALA C 346 33.79 24.49 0.45
CA ALA C 346 34.25 23.99 -0.84
C ALA C 346 33.41 22.83 -1.36
N GLU C 347 33.07 21.90 -0.49
CA GLU C 347 32.26 20.75 -0.89
C GLU C 347 30.80 21.13 -1.13
N GLN C 348 30.29 22.11 -0.39
CA GLN C 348 28.91 22.50 -0.59
C GLN C 348 28.74 23.28 -1.89
N ALA C 349 29.82 23.89 -2.37
CA ALA C 349 29.77 24.67 -3.61
C ALA C 349 29.73 23.79 -4.85
N THR C 350 30.18 22.55 -4.72
CA THR C 350 30.19 21.64 -5.86
C THR C 350 28.80 21.45 -6.42
N GLU C 351 28.71 21.47 -7.75
CA GLU C 351 27.42 21.28 -8.42
C GLU C 351 27.19 19.84 -8.85
N PHE C 352 26.07 19.27 -8.45
CA PHE C 352 25.74 17.92 -8.84
C PHE C 352 24.65 17.97 -9.92
N TYR C 353 24.73 17.06 -10.87
CA TYR C 353 23.75 17.00 -11.96
C TYR C 353 23.20 15.62 -12.19
N VAL C 354 21.93 15.57 -12.59
CA VAL C 354 21.27 14.31 -12.88
C VAL C 354 21.81 13.76 -14.20
N HIS C 355 22.12 12.47 -14.21
CA HIS C 355 22.58 11.81 -15.42
C HIS C 355 21.35 11.11 -15.98
N THR C 356 20.69 11.76 -16.95
CA THR C 356 19.45 11.24 -17.53
C THR C 356 19.45 9.80 -18.00
N PRO C 357 20.51 9.34 -18.67
CA PRO C 357 20.54 7.96 -19.14
C PRO C 357 20.32 6.92 -18.05
N MET C 358 21.00 7.09 -16.91
CA MET C 358 20.87 6.14 -15.81
C MET C 358 19.50 6.22 -15.17
N VAL C 359 18.97 7.42 -15.05
CA VAL C 359 17.63 7.57 -14.48
C VAL C 359 16.65 6.83 -15.37
N GLN C 360 16.81 6.99 -16.67
CA GLN C 360 15.93 6.32 -17.63
C GLN C 360 16.09 4.81 -17.54
N PHE C 361 17.32 4.35 -17.38
CA PHE C 361 17.57 2.92 -17.27
C PHE C 361 16.90 2.36 -16.00
N TYR C 362 17.04 3.07 -14.88
CA TYR C 362 16.42 2.63 -13.63
C TYR C 362 14.91 2.54 -13.83
N GLU C 363 14.32 3.62 -14.36
CA GLU C 363 12.88 3.69 -14.62
C GLU C 363 12.35 2.53 -15.43
N THR C 364 13.01 2.24 -16.54
CA THR C 364 12.64 1.16 -17.46
C THR C 364 12.79 -0.21 -16.79
N LEU C 365 13.93 -0.44 -16.16
CA LEU C 365 14.12 -1.70 -15.46
C LEU C 365 12.95 -1.84 -14.48
N GLY C 366 12.68 -0.76 -13.76
CA GLY C 366 11.60 -0.73 -12.78
C GLY C 366 12.06 -1.13 -11.40
N LYS C 367 11.36 -0.68 -10.37
CA LYS C 367 11.75 -1.00 -9.00
C LYS C 367 11.84 -2.51 -8.74
N ASP C 368 10.88 -3.27 -9.27
CA ASP C 368 10.87 -4.72 -9.06
C ASP C 368 12.04 -5.48 -9.67
N ARG C 369 12.48 -5.10 -10.87
CA ARG C 369 13.62 -5.77 -11.47
C ARG C 369 14.92 -5.30 -10.83
N ILE C 370 14.93 -4.07 -10.34
CA ILE C 370 16.10 -3.53 -9.67
C ILE C 370 16.29 -4.36 -8.40
N LEU C 371 15.18 -4.69 -7.74
CA LEU C 371 15.22 -5.47 -6.52
C LEU C 371 15.66 -6.89 -6.85
N GLU C 372 15.17 -7.43 -7.96
CA GLU C 372 15.54 -8.78 -8.36
C GLU C 372 17.00 -8.85 -8.77
N LEU C 373 17.51 -7.74 -9.31
CA LEU C 373 18.88 -7.69 -9.77
C LEU C 373 19.87 -7.27 -8.69
N MET C 374 19.54 -6.22 -7.95
CA MET C 374 20.43 -5.70 -6.91
C MET C 374 20.00 -6.02 -5.49
N GLY C 375 18.78 -6.52 -5.33
CA GLY C 375 18.30 -6.84 -4.00
C GLY C 375 18.15 -8.34 -3.84
N ALA C 376 17.05 -8.76 -3.23
CA ALA C 376 16.77 -10.17 -3.02
C ALA C 376 15.58 -10.60 -3.86
N GLY C 377 15.03 -9.66 -4.64
CA GLY C 377 13.90 -9.97 -5.49
C GLY C 377 12.65 -10.33 -4.69
N THR C 378 11.79 -11.14 -5.28
CA THR C 378 10.55 -11.58 -4.63
C THR C 378 10.86 -12.67 -3.61
N LEU C 379 10.39 -12.49 -2.38
CA LEU C 379 10.63 -13.45 -1.31
C LEU C 379 9.43 -14.36 -1.04
N ASN C 380 9.66 -15.67 -1.17
CA ASN C 380 8.63 -16.67 -0.92
C ASN C 380 8.95 -17.36 0.41
N LYS C 381 8.41 -16.81 1.50
CA LYS C 381 8.66 -17.34 2.83
C LYS C 381 8.70 -18.87 2.95
N GLU C 382 7.62 -19.52 2.56
CA GLU C 382 7.52 -20.97 2.64
C GLU C 382 8.72 -21.73 2.09
N LEU C 383 9.63 -21.03 1.43
CA LEU C 383 10.82 -21.67 0.88
C LEU C 383 12.12 -21.04 1.38
N LEU C 384 12.02 -20.30 2.48
CA LEU C 384 13.18 -19.63 3.05
C LEU C 384 13.29 -19.84 4.56
N ASN C 385 14.51 -19.77 5.07
CA ASN C 385 14.76 -19.92 6.51
C ASN C 385 14.34 -18.64 7.20
N ASP C 386 13.66 -18.77 8.33
CA ASP C 386 13.18 -17.61 9.09
C ASP C 386 14.23 -16.51 9.25
N ASN C 387 15.46 -16.89 9.62
CA ASN C 387 16.50 -15.89 9.80
C ASN C 387 16.97 -15.33 8.46
N HIS C 388 17.16 -16.23 7.50
CA HIS C 388 17.61 -15.84 6.18
C HIS C 388 16.64 -14.82 5.57
N ALA C 389 15.35 -15.13 5.61
CA ALA C 389 14.33 -14.23 5.08
C ALA C 389 14.45 -12.84 5.66
N LYS C 390 14.81 -12.75 6.95
CA LYS C 390 14.96 -11.47 7.63
C LYS C 390 16.10 -10.64 7.02
N SER C 391 17.16 -11.31 6.59
CA SER C 391 18.31 -10.62 5.99
C SER C 391 17.90 -10.12 4.60
N LEU C 392 17.29 -11.01 3.83
CA LEU C 392 16.84 -10.66 2.48
C LEU C 392 15.91 -9.44 2.52
N GLU C 393 14.98 -9.44 3.47
CA GLU C 393 14.05 -8.32 3.60
C GLU C 393 14.79 -7.02 3.89
N GLY C 394 15.89 -7.11 4.64
CA GLY C 394 16.68 -5.92 4.92
C GLY C 394 17.39 -5.45 3.66
N LYS C 395 17.98 -6.40 2.94
CA LYS C 395 18.68 -6.09 1.71
C LYS C 395 17.74 -5.40 0.74
N ASN C 396 16.50 -5.85 0.69
CA ASN C 396 15.49 -5.27 -0.19
C ASN C 396 15.04 -3.86 0.19
N ARG C 397 14.77 -3.64 1.48
CA ARG C 397 14.29 -2.33 1.89
C ARG C 397 15.35 -1.27 1.63
N SER C 398 16.62 -1.64 1.74
CA SER C 398 17.70 -0.68 1.51
C SER C 398 17.77 -0.25 0.05
N VAL C 399 17.62 -1.21 -0.86
CA VAL C 399 17.65 -0.91 -2.29
C VAL C 399 16.36 -0.18 -2.66
N GLU C 400 15.25 -0.67 -2.12
CA GLU C 400 13.96 -0.07 -2.39
C GLU C 400 13.89 1.38 -1.92
N ASP C 401 14.35 1.63 -0.69
CA ASP C 401 14.32 2.98 -0.14
C ASP C 401 15.19 3.96 -0.91
N SER C 402 16.39 3.55 -1.31
CA SER C 402 17.25 4.45 -2.05
C SER C 402 16.64 4.71 -3.44
N TYR C 403 15.99 3.70 -3.99
CA TYR C 403 15.34 3.85 -5.30
C TYR C 403 14.23 4.90 -5.14
N ASN C 404 13.32 4.68 -4.21
CA ASN C 404 12.22 5.62 -3.97
C ASN C 404 12.72 7.03 -3.72
N GLN C 405 13.75 7.14 -2.89
CA GLN C 405 14.33 8.42 -2.55
C GLN C 405 14.91 9.11 -3.79
N LEU C 406 15.61 8.35 -4.62
CA LEU C 406 16.18 8.91 -5.83
C LEU C 406 15.12 9.58 -6.69
N PHE C 407 14.04 8.85 -6.96
CA PHE C 407 13.00 9.39 -7.81
C PHE C 407 12.15 10.50 -7.25
N SER C 408 12.04 10.61 -5.93
CA SER C 408 11.26 11.71 -5.39
C SER C 408 12.17 12.93 -5.63
N VAL C 409 13.47 12.72 -5.50
CA VAL C 409 14.43 13.80 -5.75
C VAL C 409 14.37 14.18 -7.24
N ILE C 410 14.33 13.17 -8.11
CA ILE C 410 14.27 13.41 -9.54
C ILE C 410 13.01 14.21 -9.88
N GLU C 411 11.90 13.81 -9.28
CA GLU C 411 10.64 14.51 -9.49
C GLU C 411 10.73 16.01 -9.18
N GLN C 412 11.43 16.38 -8.09
CA GLN C 412 11.56 17.79 -7.76
C GLN C 412 12.53 18.50 -8.71
N VAL C 413 13.63 17.82 -9.05
CA VAL C 413 14.62 18.39 -9.96
C VAL C 413 13.99 18.67 -11.33
N ARG C 414 13.31 17.67 -11.87
CA ARG C 414 12.68 17.79 -13.18
C ARG C 414 11.72 18.98 -13.29
N ALA C 415 11.21 19.46 -12.17
CA ALA C 415 10.30 20.59 -12.21
C ALA C 415 11.00 21.95 -12.24
N GLN C 416 12.28 21.97 -11.90
CA GLN C 416 13.03 23.24 -11.88
C GLN C 416 13.26 23.88 -13.24
N SER C 417 13.22 23.08 -14.29
CA SER C 417 13.42 23.58 -15.65
C SER C 417 13.00 22.48 -16.61
N GLU C 418 13.09 22.71 -17.92
CA GLU C 418 12.70 21.69 -18.86
C GLU C 418 13.84 20.75 -19.25
N ASP C 419 15.05 21.09 -18.86
CA ASP C 419 16.21 20.22 -19.12
C ASP C 419 16.81 19.85 -17.77
N ILE C 420 16.38 18.71 -17.25
CA ILE C 420 16.83 18.21 -15.95
C ILE C 420 18.34 18.11 -15.76
N SER C 421 19.07 17.72 -16.80
CA SER C 421 20.52 17.56 -16.69
C SER C 421 21.32 18.86 -16.51
N THR C 422 20.66 20.01 -16.61
CA THR C 422 21.36 21.27 -16.43
C THR C 422 20.99 21.96 -15.11
N VAL C 423 20.17 21.29 -14.29
CA VAL C 423 19.77 21.87 -13.00
C VAL C 423 20.86 21.55 -12.00
N PRO C 424 21.54 22.58 -11.48
CA PRO C 424 22.62 22.35 -10.50
C PRO C 424 22.05 21.98 -9.12
N ILE C 425 22.61 20.98 -8.48
CA ILE C 425 22.17 20.55 -7.15
C ILE C 425 23.34 20.66 -6.17
N HIS C 426 23.07 21.24 -4.99
CA HIS C 426 24.10 21.36 -3.97
C HIS C 426 23.67 20.54 -2.78
N TYR C 427 24.65 20.02 -2.04
CA TYR C 427 24.38 19.21 -0.87
C TYR C 427 25.06 19.78 0.37
N ALA C 428 24.33 19.78 1.47
CA ALA C 428 24.88 20.29 2.71
C ALA C 428 25.75 19.20 3.32
N TYR C 429 26.83 19.63 3.97
CA TYR C 429 27.75 18.72 4.63
C TYR C 429 28.02 19.23 6.05
N ASN C 430 28.61 18.38 6.88
CA ASN C 430 29.03 18.79 8.20
C ASN C 430 30.16 17.88 8.63
N MET C 431 30.96 18.39 9.55
CA MET C 431 32.10 17.68 10.08
C MET C 431 31.62 16.81 11.25
N THR C 432 31.95 15.52 11.24
CA THR C 432 31.55 14.63 12.34
C THR C 432 32.58 14.68 13.46
N ARG C 433 32.30 13.97 14.56
CA ARG C 433 33.19 13.94 15.73
C ARG C 433 34.60 13.46 15.37
N VAL C 434 34.71 12.62 14.35
CA VAL C 434 36.02 12.09 13.95
C VAL C 434 36.65 12.85 12.79
N GLY C 435 36.07 14.00 12.47
CA GLY C 435 36.62 14.85 11.42
C GLY C 435 36.32 14.54 9.97
N ARG C 436 35.30 13.73 9.71
CA ARG C 436 34.94 13.42 8.33
C ARG C 436 33.85 14.36 7.83
N MET C 437 33.88 14.67 6.53
CA MET C 437 32.89 15.55 5.92
C MET C 437 31.76 14.69 5.42
N GLN C 438 30.70 14.61 6.20
CA GLN C 438 29.56 13.78 5.88
C GLN C 438 28.42 14.54 5.25
N MET C 439 27.94 14.02 4.12
CA MET C 439 26.83 14.62 3.40
C MET C 439 25.53 14.39 4.17
N LEU C 440 24.81 15.45 4.49
CA LEU C 440 23.54 15.32 5.21
C LEU C 440 22.56 14.48 4.40
N GLY C 441 21.72 13.72 5.09
CA GLY C 441 20.76 12.90 4.38
C GLY C 441 21.07 11.43 4.48
N LYS C 442 20.03 10.61 4.46
CA LYS C 442 20.18 9.17 4.57
C LYS C 442 20.64 8.53 3.26
N TYR C 443 20.03 8.94 2.15
CA TYR C 443 20.36 8.41 0.84
C TYR C 443 20.77 9.52 -0.13
N ASN C 444 22.07 9.79 -0.19
CA ASN C 444 22.60 10.83 -1.06
C ASN C 444 23.74 10.20 -1.89
N PRO C 445 24.34 10.97 -2.81
CA PRO C 445 25.43 10.43 -3.63
C PRO C 445 26.58 9.81 -2.81
N GLN C 446 26.89 10.41 -1.67
CA GLN C 446 27.97 9.90 -0.84
C GLN C 446 27.63 8.57 -0.15
N SER C 447 26.39 8.47 0.34
CA SER C 447 25.97 7.29 1.08
C SER C 447 25.26 6.16 0.34
N ALA C 448 24.68 6.46 -0.82
CA ALA C 448 23.94 5.44 -1.56
C ALA C 448 24.50 5.19 -2.96
N LYS C 449 24.88 3.95 -3.20
CA LYS C 449 25.45 3.58 -4.49
C LYS C 449 24.48 3.77 -5.63
N LEU C 450 23.20 3.45 -5.41
CA LEU C 450 22.21 3.60 -6.47
C LEU C 450 22.12 5.08 -6.85
N VAL C 451 22.09 5.94 -5.84
CA VAL C 451 21.99 7.38 -6.07
C VAL C 451 23.26 7.93 -6.72
N ARG C 452 24.40 7.39 -6.30
CA ARG C 452 25.70 7.82 -6.79
C ARG C 452 25.89 7.68 -8.31
N GLU C 453 25.10 6.82 -8.95
CA GLU C 453 25.25 6.65 -10.39
C GLU C 453 24.22 7.43 -11.20
N ALA C 454 23.36 8.18 -10.50
CA ALA C 454 22.32 8.96 -11.17
C ALA C 454 22.50 10.46 -10.94
N ILE C 455 23.20 10.82 -9.86
CA ILE C 455 23.44 12.21 -9.52
C ILE C 455 24.91 12.39 -9.20
N LEU C 456 25.63 13.07 -10.06
CA LEU C 456 27.05 13.26 -9.81
C LEU C 456 27.65 14.59 -10.24
N PRO C 457 28.80 14.95 -9.64
CA PRO C 457 29.49 16.20 -9.93
C PRO C 457 30.53 16.03 -11.03
N THR C 458 30.79 14.78 -11.39
CA THR C 458 31.79 14.49 -12.38
C THR C 458 31.30 14.66 -13.82
N LYS C 459 32.17 15.24 -14.64
CA LYS C 459 31.85 15.48 -16.04
C LYS C 459 33.13 15.51 -16.85
N ALA C 460 33.06 15.07 -18.09
CA ALA C 460 34.22 15.11 -18.96
C ALA C 460 33.81 15.11 -20.43
N THR C 461 34.69 15.67 -21.25
CA THR C 461 34.48 15.70 -22.70
C THR C 461 35.68 14.96 -23.26
N LEU C 462 35.42 13.84 -23.92
CA LEU C 462 36.51 13.02 -24.45
C LEU C 462 36.44 12.78 -25.94
N ASP C 463 37.60 12.71 -26.57
CA ASP C 463 37.67 12.40 -27.99
C ASP C 463 37.99 10.92 -28.01
N LEU C 464 36.97 10.11 -28.22
CA LEU C 464 37.16 8.67 -28.23
C LEU C 464 37.19 8.13 -29.64
N SER C 465 37.38 9.01 -30.62
CA SER C 465 37.43 8.60 -32.01
C SER C 465 38.66 7.76 -32.31
N ASN C 466 39.67 7.89 -31.45
CA ASN C 466 40.92 7.14 -31.62
C ASN C 466 41.25 6.41 -30.34
N GLN C 467 41.17 5.08 -30.35
CA GLN C 467 41.45 4.28 -29.17
C GLN C 467 42.88 4.31 -28.66
N ASN C 468 43.80 4.83 -29.46
CA ASN C 468 45.20 4.90 -29.07
C ASN C 468 45.57 6.15 -28.27
N ASN C 469 44.64 7.10 -28.15
CA ASN C 469 44.94 8.33 -27.41
C ASN C 469 44.58 8.27 -25.92
N GLU C 470 45.12 9.21 -25.15
CA GLU C 470 44.87 9.24 -23.72
C GLU C 470 43.42 9.37 -23.28
N ASP C 471 42.60 10.10 -24.03
CA ASP C 471 41.20 10.26 -23.64
C ASP C 471 40.52 8.87 -23.59
N PHE C 472 40.84 8.02 -24.56
CA PHE C 472 40.25 6.69 -24.59
C PHE C 472 40.80 5.80 -23.47
N SER C 473 42.06 6.02 -23.10
CA SER C 473 42.66 5.24 -22.04
C SER C 473 41.96 5.63 -20.74
N ALA C 474 41.70 6.93 -20.58
CA ALA C 474 41.02 7.43 -19.39
C ALA C 474 39.66 6.75 -19.31
N PHE C 475 38.98 6.72 -20.44
CA PHE C 475 37.67 6.12 -20.56
C PHE C 475 37.78 4.65 -20.13
N GLN C 476 38.75 3.92 -20.67
CA GLN C 476 38.94 2.51 -20.32
C GLN C 476 39.20 2.35 -18.82
N LEU C 477 40.05 3.20 -18.24
CA LEU C 477 40.36 3.10 -16.82
C LEU C 477 39.07 3.16 -15.99
N GLY C 478 38.20 4.12 -16.30
CA GLY C 478 36.95 4.25 -15.59
C GLY C 478 36.04 3.05 -15.79
N LEU C 479 35.98 2.52 -17.01
CA LEU C 479 35.14 1.37 -17.30
C LEU C 479 35.66 0.12 -16.57
N ALA C 480 36.97 -0.10 -16.67
CA ALA C 480 37.60 -1.24 -16.04
C ALA C 480 37.38 -1.25 -14.53
N GLN C 481 37.57 -0.09 -13.90
CA GLN C 481 37.40 -0.01 -12.45
C GLN C 481 35.95 -0.30 -12.04
N ALA C 482 35.00 0.24 -12.80
CA ALA C 482 33.59 0.02 -12.49
C ALA C 482 33.22 -1.46 -12.67
N LEU C 483 33.93 -2.16 -13.54
CA LEU C 483 33.64 -3.57 -13.79
C LEU C 483 34.44 -4.52 -12.92
N ASP C 484 35.02 -3.99 -11.85
CA ASP C 484 35.79 -4.77 -10.90
C ASP C 484 37.15 -5.32 -11.33
N ILE C 485 37.77 -4.69 -12.33
CA ILE C 485 39.11 -5.07 -12.73
C ILE C 485 39.93 -4.24 -11.72
N LYS C 486 40.90 -4.86 -11.05
CA LYS C 486 41.68 -4.12 -10.05
C LYS C 486 42.74 -3.27 -10.72
N VAL C 487 42.30 -2.11 -11.22
CA VAL C 487 43.15 -1.19 -11.95
C VAL C 487 44.42 -0.67 -11.26
N HIS C 488 44.43 -0.57 -9.93
CA HIS C 488 45.62 -0.07 -9.28
C HIS C 488 46.70 -1.15 -9.16
N THR C 489 46.37 -2.38 -9.53
CA THR C 489 47.32 -3.48 -9.42
C THR C 489 48.03 -3.81 -10.73
N MET C 490 47.72 -3.08 -11.80
CA MET C 490 48.32 -3.35 -13.10
C MET C 490 48.50 -2.06 -13.89
N THR C 491 49.37 -2.09 -14.89
CA THR C 491 49.63 -0.93 -15.73
C THR C 491 48.42 -0.68 -16.66
N ARG C 492 48.39 0.50 -17.27
CA ARG C 492 47.29 0.85 -18.19
C ARG C 492 47.22 -0.12 -19.35
N GLU C 493 48.40 -0.49 -19.88
CA GLU C 493 48.48 -1.40 -21.01
C GLU C 493 47.84 -2.75 -20.69
N VAL C 494 48.18 -3.29 -19.52
CA VAL C 494 47.67 -4.57 -19.07
C VAL C 494 46.17 -4.49 -18.80
N MET C 495 45.71 -3.43 -18.12
CA MET C 495 44.29 -3.32 -17.84
C MET C 495 43.51 -3.14 -19.14
N SER C 496 44.13 -2.48 -20.12
CA SER C 496 43.48 -2.26 -21.41
C SER C 496 43.19 -3.61 -22.09
N ASP C 497 44.14 -4.53 -22.04
CA ASP C 497 43.92 -5.84 -22.63
C ASP C 497 42.87 -6.62 -21.87
N GLU C 498 42.88 -6.49 -20.55
CA GLU C 498 41.90 -7.18 -19.73
C GLU C 498 40.49 -6.66 -20.00
N LEU C 499 40.34 -5.34 -20.03
CA LEU C 499 39.03 -4.74 -20.29
C LEU C 499 38.51 -5.16 -21.64
N THR C 500 39.36 -5.07 -22.66
CA THR C 500 38.96 -5.44 -24.01
C THR C 500 38.44 -6.87 -24.05
N LYS C 501 39.16 -7.77 -23.39
CA LYS C 501 38.78 -9.18 -23.35
C LYS C 501 37.42 -9.34 -22.67
N LEU C 502 37.23 -8.61 -21.59
CA LEU C 502 35.98 -8.66 -20.85
C LEU C 502 34.78 -8.09 -21.64
N LEU C 503 35.01 -7.02 -22.39
CA LEU C 503 33.95 -6.38 -23.18
C LEU C 503 33.47 -7.24 -24.36
N GLU C 504 34.40 -7.93 -25.00
CA GLU C 504 34.05 -8.77 -26.14
C GLU C 504 33.72 -10.19 -25.70
N GLY C 505 33.97 -10.46 -24.42
CA GLY C 505 33.70 -11.77 -23.88
C GLY C 505 32.36 -11.86 -23.17
N ASN C 506 32.41 -12.09 -21.87
CA ASN C 506 31.21 -12.22 -21.06
C ASN C 506 30.24 -11.03 -21.04
N LEU C 507 30.75 -9.81 -21.17
CA LEU C 507 29.89 -8.62 -21.15
C LEU C 507 29.16 -8.31 -22.45
N LYS C 508 29.66 -8.86 -23.56
CA LYS C 508 29.07 -8.64 -24.88
C LYS C 508 27.55 -8.67 -24.94
N PRO C 509 26.91 -9.76 -24.46
CA PRO C 509 25.45 -9.85 -24.49
C PRO C 509 24.78 -8.67 -23.80
N ALA C 510 25.32 -8.30 -22.64
CA ALA C 510 24.80 -7.18 -21.86
C ALA C 510 25.02 -5.86 -22.61
N ILE C 511 26.18 -5.73 -23.24
CA ILE C 511 26.51 -4.53 -24.01
C ILE C 511 25.59 -4.42 -25.19
N ASP C 512 25.37 -5.53 -25.90
CA ASP C 512 24.48 -5.52 -27.06
C ASP C 512 23.11 -5.05 -26.64
N MET C 513 22.66 -5.50 -25.46
CA MET C 513 21.36 -5.09 -24.95
C MET C 513 21.34 -3.61 -24.58
N MET C 514 22.43 -3.09 -24.01
CA MET C 514 22.45 -1.68 -23.64
C MET C 514 22.49 -0.80 -24.88
N VAL C 515 23.08 -1.30 -25.96
CA VAL C 515 23.15 -0.56 -27.22
C VAL C 515 21.74 -0.40 -27.77
N GLU C 516 20.94 -1.46 -27.68
CA GLU C 516 19.57 -1.42 -28.17
C GLU C 516 18.74 -0.51 -27.29
N PHE C 517 19.03 -0.52 -25.99
CA PHE C 517 18.29 0.34 -25.08
C PHE C 517 18.57 1.79 -25.45
N ASN C 518 19.83 2.12 -25.67
CA ASN C 518 20.20 3.49 -26.03
C ASN C 518 19.83 3.80 -27.47
N THR C 519 19.17 2.88 -28.14
CA THR C 519 18.76 3.10 -29.52
C THR C 519 17.25 3.28 -29.60
N THR C 520 16.51 2.48 -28.85
CA THR C 520 15.04 2.56 -28.88
C THR C 520 14.41 2.88 -27.53
N GLY C 521 15.21 2.80 -26.48
CA GLY C 521 14.68 3.10 -25.16
C GLY C 521 14.01 1.92 -24.50
N SER C 522 14.09 0.74 -25.09
CA SER C 522 13.43 -0.43 -24.51
C SER C 522 14.39 -1.50 -24.01
N LEU C 523 13.88 -2.36 -23.14
CA LEU C 523 14.65 -3.46 -22.59
C LEU C 523 13.86 -4.75 -22.77
N PRO C 524 14.54 -5.88 -22.93
CA PRO C 524 13.86 -7.17 -23.10
C PRO C 524 13.28 -7.71 -21.80
N GLU C 525 12.31 -8.62 -21.90
CA GLU C 525 11.71 -9.21 -20.71
C GLU C 525 12.74 -9.92 -19.85
N ASN C 526 13.84 -10.36 -20.44
CA ASN C 526 14.87 -11.06 -19.68
C ASN C 526 16.08 -10.21 -19.35
N ALA C 527 15.89 -8.91 -19.24
CA ALA C 527 16.99 -8.00 -18.95
C ALA C 527 17.77 -8.40 -17.69
N VAL C 528 17.05 -8.78 -16.62
CA VAL C 528 17.72 -9.15 -15.39
C VAL C 528 18.66 -10.36 -15.56
N ASP C 529 18.19 -11.37 -16.28
CA ASP C 529 19.00 -12.57 -16.51
C ASP C 529 20.21 -12.26 -17.38
N VAL C 530 20.02 -11.40 -18.37
CA VAL C 530 21.08 -10.99 -19.28
C VAL C 530 22.19 -10.29 -18.51
N LEU C 531 21.80 -9.34 -17.65
CA LEU C 531 22.76 -8.58 -16.86
C LEU C 531 23.47 -9.46 -15.84
N ASN C 532 22.69 -10.23 -15.10
CA ASN C 532 23.21 -11.14 -14.09
C ASN C 532 24.23 -12.09 -14.66
N THR C 533 23.86 -12.75 -15.74
CA THR C 533 24.72 -13.71 -16.41
C THR C 533 26.02 -13.07 -16.89
N ALA C 534 25.89 -11.88 -17.48
CA ALA C 534 27.06 -11.17 -17.99
C ALA C 534 27.98 -10.65 -16.90
N LEU C 535 27.40 -10.05 -15.87
CA LEU C 535 28.19 -9.47 -14.79
C LEU C 535 28.77 -10.44 -13.77
N GLY C 536 28.02 -11.48 -13.43
CA GLY C 536 28.55 -12.41 -12.44
C GLY C 536 28.83 -11.65 -11.16
N ASP C 537 29.97 -11.92 -10.54
CA ASP C 537 30.33 -11.27 -9.29
C ASP C 537 30.74 -9.79 -9.42
N ARG C 538 30.73 -9.27 -10.64
CA ARG C 538 31.11 -7.88 -10.88
C ARG C 538 29.89 -6.96 -10.76
N LYS C 539 28.72 -7.56 -10.56
CA LYS C 539 27.49 -6.81 -10.45
C LYS C 539 27.52 -5.76 -9.33
N SER C 540 27.14 -4.53 -9.68
CA SER C 540 27.09 -3.39 -8.75
C SER C 540 26.46 -2.25 -9.54
N PHE C 541 26.08 -1.17 -8.87
CA PHE C 541 25.47 -0.05 -9.59
C PHE C 541 26.46 0.65 -10.52
N VAL C 542 27.70 0.82 -10.07
CA VAL C 542 28.71 1.48 -10.90
C VAL C 542 28.97 0.61 -12.12
N ALA C 543 28.75 -0.70 -11.99
CA ALA C 543 28.95 -1.62 -13.12
C ALA C 543 27.90 -1.33 -14.20
N LEU C 544 26.68 -1.03 -13.79
CA LEU C 544 25.59 -0.70 -14.70
C LEU C 544 25.91 0.60 -15.42
N MET C 545 26.52 1.54 -14.70
CA MET C 545 26.92 2.81 -15.28
C MET C 545 27.95 2.54 -16.39
N ALA C 546 28.92 1.67 -16.11
CA ALA C 546 29.93 1.32 -17.11
C ALA C 546 29.28 0.74 -18.38
N LEU C 547 28.36 -0.21 -18.22
CA LEU C 547 27.70 -0.77 -19.40
C LEU C 547 26.92 0.32 -20.12
N MET C 548 26.22 1.12 -19.34
CA MET C 548 25.44 2.21 -19.88
C MET C 548 26.33 3.16 -20.68
N GLU C 549 27.40 3.65 -20.06
CA GLU C 549 28.26 4.60 -20.78
C GLU C 549 29.01 4.01 -21.96
N TYR C 550 29.46 2.76 -21.86
CA TYR C 550 30.18 2.17 -22.98
C TYR C 550 29.23 2.04 -24.16
N SER C 551 28.00 1.59 -23.90
CA SER C 551 27.02 1.44 -24.95
C SER C 551 26.68 2.81 -25.54
N ARG C 552 26.59 3.83 -24.69
CA ARG C 552 26.28 5.15 -25.19
C ARG C 552 27.41 5.61 -26.14
N TYR C 553 28.64 5.24 -25.84
CA TYR C 553 29.78 5.58 -26.68
C TYR C 553 29.64 4.83 -28.03
N LEU C 554 29.23 3.56 -27.97
CA LEU C 554 29.06 2.79 -29.19
C LEU C 554 28.04 3.38 -30.18
N VAL C 555 26.97 3.96 -29.67
CA VAL C 555 25.95 4.55 -30.54
C VAL C 555 26.07 6.07 -30.70
N ALA C 556 27.00 6.68 -29.98
CA ALA C 556 27.23 8.12 -30.02
C ALA C 556 27.49 8.64 -31.43
N GLU C 557 26.77 9.69 -31.82
CA GLU C 557 26.94 10.28 -33.15
C GLU C 557 28.23 11.10 -33.23
N ASP C 558 28.69 11.61 -32.09
CA ASP C 558 29.90 12.42 -32.07
C ASP C 558 30.90 11.86 -31.06
N LYS C 559 31.54 10.77 -31.45
CA LYS C 559 32.53 10.10 -30.61
C LYS C 559 33.74 11.00 -30.36
N SER C 560 33.89 12.03 -31.19
CA SER C 560 35.01 12.96 -31.08
C SER C 560 34.91 13.97 -29.94
N ALA C 561 33.73 14.08 -29.34
CA ALA C 561 33.51 15.00 -28.22
C ALA C 561 32.40 14.39 -27.37
N PHE C 562 32.69 13.19 -26.86
CA PHE C 562 31.75 12.45 -26.05
C PHE C 562 31.73 13.01 -24.64
N VAL C 563 30.53 13.33 -24.15
CA VAL C 563 30.39 13.89 -22.82
C VAL C 563 29.90 12.81 -21.86
N THR C 564 30.59 12.64 -20.75
CA THR C 564 30.20 11.60 -19.81
C THR C 564 30.55 11.91 -18.36
N PRO C 565 29.74 11.42 -17.43
CA PRO C 565 29.97 11.62 -16.01
C PRO C 565 30.81 10.48 -15.39
N LEU C 566 31.11 9.45 -16.19
CA LEU C 566 31.91 8.31 -15.75
C LEU C 566 33.13 8.80 -15.02
N TYR C 567 33.40 8.21 -13.85
CA TYR C 567 34.51 8.66 -13.05
C TYR C 567 35.50 7.55 -12.74
N VAL C 568 36.61 7.96 -12.17
CA VAL C 568 37.61 7.01 -11.73
C VAL C 568 37.76 7.40 -10.27
N GLU C 569 37.79 6.41 -9.40
CA GLU C 569 37.98 6.73 -8.02
C GLU C 569 39.43 6.59 -7.62
N ALA C 570 40.02 7.68 -7.14
CA ALA C 570 41.37 7.65 -6.62
C ALA C 570 41.06 7.03 -5.27
N ASP C 571 41.38 5.74 -5.10
CA ASP C 571 41.05 5.03 -3.89
C ASP C 571 42.21 4.66 -2.97
N GLY C 572 42.03 4.93 -1.68
CA GLY C 572 43.06 4.62 -0.70
C GLY C 572 43.32 3.12 -0.61
N VAL C 573 44.58 2.73 -0.51
CA VAL C 573 44.93 1.32 -0.41
C VAL C 573 45.15 0.98 1.08
N THR C 574 44.22 0.21 1.66
CA THR C 574 44.29 -0.18 3.09
C THR C 574 44.61 1.11 3.83
N ASN C 575 43.84 2.13 3.48
CA ASN C 575 43.96 3.49 4.01
C ASN C 575 44.06 3.67 5.53
N GLY C 576 43.09 3.15 6.28
CA GLY C 576 43.11 3.30 7.73
C GLY C 576 44.38 2.78 8.37
N PRO C 577 44.73 1.50 8.15
CA PRO C 577 45.93 0.89 8.70
C PRO C 577 47.23 1.59 8.28
N ILE C 578 47.32 1.98 7.01
CA ILE C 578 48.52 2.66 6.52
C ILE C 578 48.68 4.02 7.20
N ASN C 579 47.58 4.79 7.31
CA ASN C 579 47.65 6.08 7.99
C ASN C 579 48.11 5.87 9.43
N ALA C 580 47.53 4.89 10.09
CA ALA C 580 47.91 4.59 11.48
C ALA C 580 49.41 4.27 11.55
N MET C 581 49.89 3.43 10.64
CA MET C 581 51.30 3.07 10.62
C MET C 581 52.23 4.24 10.38
N MET C 582 51.82 5.20 9.55
CA MET C 582 52.66 6.35 9.28
C MET C 582 52.58 7.40 10.40
N LEU C 583 51.36 7.68 10.86
CA LEU C 583 51.17 8.67 11.91
C LEU C 583 51.59 8.28 13.32
N MET C 584 51.58 6.99 13.64
CA MET C 584 51.90 6.60 15.00
C MET C 584 53.04 5.63 15.30
N THR C 585 53.70 5.11 14.27
CA THR C 585 54.83 4.22 14.53
C THR C 585 55.91 5.15 15.06
N GLY C 586 56.50 4.82 16.20
CA GLY C 586 57.50 5.72 16.75
C GLY C 586 58.95 5.35 17.02
N GLY C 587 59.41 4.16 16.65
CA GLY C 587 60.81 3.85 16.93
C GLY C 587 61.76 4.25 15.82
N LEU C 588 62.87 3.52 15.69
CA LEU C 588 63.82 3.78 14.62
C LEU C 588 63.22 3.04 13.43
N PHE C 589 63.74 3.26 12.24
CA PHE C 589 63.22 2.60 11.06
C PHE C 589 63.69 1.15 10.98
N THR C 590 62.84 0.27 10.48
CA THR C 590 63.19 -1.14 10.34
C THR C 590 62.81 -1.54 8.93
N PRO C 591 63.55 -2.49 8.32
CA PRO C 591 63.23 -2.94 6.96
C PRO C 591 61.82 -3.51 6.78
N ASP C 592 61.28 -4.17 7.80
CA ASP C 592 59.93 -4.74 7.68
C ASP C 592 58.92 -3.62 7.50
N TRP C 593 59.09 -2.56 8.27
CA TRP C 593 58.19 -1.41 8.19
C TRP C 593 58.24 -0.82 6.79
N ILE C 594 59.45 -0.68 6.24
CA ILE C 594 59.61 -0.13 4.90
C ILE C 594 58.87 -0.97 3.87
N ARG C 595 59.03 -2.29 3.93
CA ARG C 595 58.34 -3.19 3.01
C ARG C 595 56.82 -3.06 3.19
N ASN C 596 56.36 -3.08 4.43
CA ASN C 596 54.92 -3.00 4.68
C ASN C 596 54.28 -1.65 4.37
N ILE C 597 54.98 -0.56 4.63
CA ILE C 597 54.38 0.73 4.35
C ILE C 597 54.31 0.96 2.83
N ALA C 598 55.22 0.31 2.10
CA ALA C 598 55.25 0.42 0.64
C ALA C 598 53.95 -0.19 0.10
N LYS C 599 53.40 -1.15 0.84
CA LYS C 599 52.15 -1.78 0.42
C LYS C 599 51.04 -0.71 0.41
N GLY C 600 51.30 0.41 1.09
CA GLY C 600 50.33 1.49 1.15
C GLY C 600 50.65 2.69 0.27
N GLY C 601 51.59 2.55 -0.66
CA GLY C 601 51.88 3.66 -1.55
C GLY C 601 53.00 4.59 -1.12
N LEU C 602 53.71 4.24 -0.04
CA LEU C 602 54.84 5.05 0.40
C LEU C 602 56.11 4.41 -0.14
N PHE C 603 56.64 4.98 -1.21
CA PHE C 603 57.84 4.44 -1.84
C PHE C 603 59.08 5.29 -1.58
N ILE C 604 60.13 4.63 -1.09
CA ILE C 604 61.38 5.30 -0.77
C ILE C 604 62.43 4.92 -1.80
N GLY C 605 63.10 5.92 -2.37
CA GLY C 605 64.15 5.66 -3.33
C GLY C 605 63.68 5.04 -4.63
N SER C 606 62.55 5.53 -5.13
CA SER C 606 61.97 5.04 -6.38
C SER C 606 61.22 6.23 -6.97
N PRO C 607 61.95 7.19 -7.55
CA PRO C 607 61.31 8.36 -8.15
C PRO C 607 60.19 8.02 -9.12
N ASN C 608 59.04 8.69 -8.97
CA ASN C 608 57.90 8.49 -9.84
C ASN C 608 57.29 7.10 -9.81
N LYS C 609 57.64 6.30 -8.81
CA LYS C 609 57.08 4.96 -8.74
C LYS C 609 55.57 5.08 -8.42
N THR C 610 54.77 4.21 -9.06
CA THR C 610 53.32 4.19 -8.86
C THR C 610 52.90 2.89 -8.19
N MET C 611 51.67 2.87 -7.69
CA MET C 611 51.16 1.66 -7.06
C MET C 611 51.01 0.59 -8.12
N ASN C 612 50.64 1.01 -9.33
CA ASN C 612 50.46 0.06 -10.43
C ASN C 612 51.76 -0.68 -10.66
N GLU C 613 52.88 0.03 -10.60
CA GLU C 613 54.17 -0.60 -10.80
C GLU C 613 54.55 -1.46 -9.59
N HIS C 614 54.30 -0.95 -8.39
CA HIS C 614 54.63 -1.68 -7.18
C HIS C 614 53.91 -3.03 -7.13
N ARG C 615 52.62 -3.03 -7.43
CA ARG C 615 51.85 -4.26 -7.42
C ARG C 615 52.23 -5.22 -8.52
N SER C 616 52.64 -4.70 -9.67
CA SER C 616 53.01 -5.58 -10.77
C SER C 616 54.48 -6.03 -10.81
N THR C 617 55.39 -5.31 -10.16
CA THR C 617 56.79 -5.71 -10.21
C THR C 617 57.51 -5.84 -8.86
N ALA C 618 56.90 -5.32 -7.79
CA ALA C 618 57.54 -5.37 -6.48
C ALA C 618 56.90 -6.24 -5.41
N ASP C 619 55.61 -6.05 -5.17
CA ASP C 619 54.92 -6.79 -4.12
C ASP C 619 53.44 -6.85 -4.42
N ASN C 620 52.95 -8.03 -4.78
CA ASN C 620 51.54 -8.19 -5.08
C ASN C 620 50.65 -8.46 -3.87
N ASN C 621 51.22 -8.35 -2.67
CA ASN C 621 50.45 -8.60 -1.44
C ASN C 621 50.11 -7.31 -0.71
N ASP C 622 48.82 -7.00 -0.61
CA ASP C 622 48.43 -5.80 0.13
C ASP C 622 48.52 -6.13 1.61
N LEU C 623 48.24 -5.16 2.47
CA LEU C 623 48.32 -5.36 3.92
C LEU C 623 47.38 -6.46 4.45
N TYR C 624 46.23 -6.64 3.79
CA TYR C 624 45.28 -7.68 4.20
C TYR C 624 45.89 -9.05 3.99
N GLN C 625 46.45 -9.25 2.80
CA GLN C 625 47.09 -10.51 2.46
C GLN C 625 48.26 -10.75 3.40
N ALA C 626 48.98 -9.68 3.75
CA ALA C 626 50.13 -9.82 4.65
C ALA C 626 49.59 -10.27 6.01
N SER C 627 48.46 -9.71 6.43
CA SER C 627 47.86 -10.08 7.70
C SER C 627 47.41 -11.53 7.64
N THR C 628 46.89 -11.93 6.49
CA THR C 628 46.42 -13.28 6.29
C THR C 628 47.57 -14.29 6.31
N ASN C 629 48.68 -13.95 5.67
CA ASN C 629 49.84 -14.84 5.65
C ASN C 629 50.39 -15.00 7.07
N ALA C 630 50.33 -13.90 7.84
CA ALA C 630 50.80 -13.90 9.21
C ALA C 630 49.87 -14.74 10.08
N LEU C 631 48.58 -14.70 9.76
CA LEU C 631 47.60 -15.49 10.49
C LEU C 631 47.95 -16.97 10.33
N MET C 632 48.17 -17.39 9.09
CA MET C 632 48.51 -18.78 8.84
C MET C 632 49.77 -19.21 9.56
N GLU C 633 50.73 -18.31 9.70
CA GLU C 633 51.96 -18.62 10.38
C GLU C 633 51.71 -18.74 11.89
N SER C 634 50.83 -17.87 12.40
CA SER C 634 50.49 -17.89 13.83
C SER C 634 49.66 -19.10 14.17
N LEU C 635 48.75 -19.47 13.27
CA LEU C 635 47.89 -20.62 13.48
C LEU C 635 48.76 -21.88 13.43
N GLY C 636 49.78 -21.85 12.58
CA GLY C 636 50.68 -22.98 12.45
C GLY C 636 51.36 -23.23 13.78
N LYS C 637 51.83 -22.16 14.43
CA LYS C 637 52.49 -22.28 15.73
C LYS C 637 51.54 -22.74 16.83
N LEU C 638 50.26 -22.40 16.70
CA LEU C 638 49.28 -22.81 17.71
C LEU C 638 49.06 -24.32 17.62
N ARG C 639 48.69 -24.79 16.42
CA ARG C 639 48.48 -26.22 16.21
C ARG C 639 49.72 -26.99 16.61
N SER C 640 50.89 -26.45 16.26
CA SER C 640 52.16 -27.07 16.58
C SER C 640 52.33 -27.24 18.08
N ASN C 641 52.12 -26.17 18.83
CA ASN C 641 52.24 -26.22 20.28
C ASN C 641 51.42 -27.37 20.86
N TYR C 642 50.16 -27.45 20.46
CA TYR C 642 49.27 -28.50 20.95
C TYR C 642 49.31 -29.70 20.01
N ALA C 643 50.45 -29.88 19.36
CA ALA C 643 50.63 -30.99 18.42
C ALA C 643 50.24 -32.35 18.99
N SER C 644 50.43 -32.51 20.29
CA SER C 644 50.11 -33.77 20.96
C SER C 644 48.74 -33.80 21.62
N ASN C 645 48.13 -32.63 21.78
CA ASN C 645 46.81 -32.56 22.40
C ASN C 645 45.74 -32.86 21.35
N MET C 646 45.37 -34.14 21.21
CA MET C 646 44.38 -34.55 20.22
C MET C 646 43.03 -33.85 20.31
N PRO C 647 42.46 -33.70 21.52
CA PRO C 647 41.17 -33.02 21.62
C PRO C 647 41.22 -31.59 21.05
N ILE C 648 42.31 -30.90 21.33
CA ILE C 648 42.50 -29.53 20.83
C ILE C 648 42.60 -29.53 19.31
N GLN C 649 43.46 -30.37 18.75
CA GLN C 649 43.61 -30.44 17.30
C GLN C 649 42.26 -30.70 16.64
N SER C 650 41.47 -31.58 17.23
CA SER C 650 40.16 -31.92 16.68
C SER C 650 39.19 -30.74 16.73
N GLN C 651 39.25 -29.94 17.79
CA GLN C 651 38.40 -28.77 17.93
C GLN C 651 38.78 -27.79 16.82
N ILE C 652 40.09 -27.60 16.66
CA ILE C 652 40.62 -26.71 15.65
C ILE C 652 40.23 -27.19 14.26
N ASP C 653 40.41 -28.48 14.00
CA ASP C 653 40.06 -29.02 12.69
C ASP C 653 38.58 -28.81 12.40
N SER C 654 37.74 -28.97 13.42
CA SER C 654 36.29 -28.80 13.28
C SER C 654 35.92 -27.37 12.91
N LEU C 655 36.53 -26.41 13.60
CA LEU C 655 36.25 -25.00 13.33
C LEU C 655 36.65 -24.65 11.90
N LEU C 656 37.83 -25.13 11.49
CA LEU C 656 38.32 -24.87 10.15
C LEU C 656 37.40 -25.55 9.14
N SER C 657 36.95 -26.75 9.48
CA SER C 657 36.06 -27.50 8.62
C SER C 657 34.72 -26.77 8.43
N LEU C 658 34.16 -26.28 9.53
CA LEU C 658 32.88 -25.58 9.45
C LEU C 658 32.98 -24.31 8.61
N MET C 659 34.09 -23.60 8.75
CA MET C 659 34.32 -22.37 8.01
C MET C 659 34.55 -22.70 6.54
N ASP C 660 35.36 -23.72 6.29
CA ASP C 660 35.65 -24.15 4.93
C ASP C 660 34.36 -24.61 4.26
N LEU C 661 33.37 -24.95 5.07
CA LEU C 661 32.09 -25.41 4.58
C LEU C 661 31.22 -24.25 4.09
N PHE C 662 31.34 -23.08 4.71
CA PHE C 662 30.51 -21.94 4.31
C PHE C 662 31.18 -20.64 3.87
N LEU C 663 32.40 -20.36 4.33
CA LEU C 663 33.07 -19.12 3.95
C LEU C 663 34.03 -19.36 2.77
N PRO C 664 33.91 -18.53 1.72
CA PRO C 664 34.77 -18.65 0.53
C PRO C 664 36.24 -18.33 0.80
N ASP C 665 36.49 -17.55 1.84
CA ASP C 665 37.85 -17.16 2.18
C ASP C 665 38.66 -18.26 2.88
N ILE C 666 37.99 -19.34 3.27
CA ILE C 666 38.65 -20.45 3.95
C ILE C 666 38.60 -21.70 3.07
N ASN C 667 39.76 -22.29 2.80
CA ASN C 667 39.83 -23.50 1.97
C ASN C 667 40.70 -24.60 2.54
N LEU C 668 40.07 -25.70 2.92
CA LEU C 668 40.77 -26.85 3.47
C LEU C 668 40.94 -27.91 2.40
N GLY C 669 42.17 -28.08 1.92
CA GLY C 669 42.43 -29.07 0.88
C GLY C 669 42.43 -30.49 1.42
N GLU C 670 42.74 -31.45 0.56
CA GLU C 670 42.78 -32.86 0.96
C GLU C 670 43.91 -33.10 1.97
N ASN C 671 45.09 -32.58 1.66
CA ASN C 671 46.25 -32.73 2.53
C ASN C 671 45.91 -32.24 3.93
N GLY C 672 44.84 -31.47 4.02
CA GLY C 672 44.45 -30.91 5.29
C GLY C 672 45.11 -29.55 5.27
N ALA C 673 45.73 -29.25 4.13
CA ALA C 673 46.42 -27.98 3.92
C ALA C 673 45.41 -26.85 4.06
N LEU C 674 45.83 -25.77 4.70
CA LEU C 674 44.96 -24.64 4.92
C LEU C 674 45.29 -23.50 3.96
N GLU C 675 44.29 -23.01 3.25
CA GLU C 675 44.46 -21.92 2.33
C GLU C 675 43.51 -20.80 2.75
N LEU C 676 44.06 -19.66 3.14
CA LEU C 676 43.26 -18.53 3.57
C LEU C 676 43.37 -17.39 2.56
N LYS C 677 42.24 -16.75 2.27
CA LYS C 677 42.21 -15.65 1.33
C LYS C 677 42.17 -14.32 2.05
N ARG C 678 42.92 -13.35 1.54
CA ARG C 678 42.99 -12.02 2.12
C ARG C 678 41.66 -11.51 2.62
N GLY C 679 40.57 -11.99 2.02
CA GLY C 679 39.25 -11.56 2.43
C GLY C 679 38.93 -11.61 3.92
N ILE C 680 39.34 -12.67 4.62
CA ILE C 680 39.02 -12.78 6.05
C ILE C 680 39.70 -11.77 6.95
N ALA C 681 40.78 -11.15 6.47
CA ALA C 681 41.51 -10.18 7.27
C ALA C 681 41.06 -8.74 7.03
N LYS C 682 40.34 -8.51 5.94
CA LYS C 682 39.89 -7.16 5.59
C LYS C 682 39.22 -6.43 6.76
N ASN C 683 38.07 -6.91 7.19
CA ASN C 683 37.34 -6.26 8.29
C ASN C 683 38.11 -6.32 9.63
N PRO C 684 38.63 -7.51 9.99
CA PRO C 684 39.38 -7.65 11.25
C PRO C 684 40.50 -6.62 11.38
N LEU C 685 41.30 -6.48 10.34
CA LEU C 685 42.40 -5.51 10.37
C LEU C 685 41.83 -4.11 10.50
N THR C 686 40.85 -3.80 9.65
CA THR C 686 40.23 -2.50 9.66
C THR C 686 39.75 -2.10 11.03
N ILE C 687 38.90 -2.94 11.62
CA ILE C 687 38.34 -2.62 12.93
C ILE C 687 39.35 -2.77 14.05
N THR C 688 40.42 -3.52 13.82
CA THR C 688 41.44 -3.66 14.84
C THR C 688 42.13 -2.30 14.95
N ILE C 689 42.22 -1.59 13.83
CA ILE C 689 42.85 -0.27 13.81
C ILE C 689 41.93 0.74 14.51
N TYR C 690 40.62 0.50 14.41
CA TYR C 690 39.61 1.35 15.04
C TYR C 690 39.45 1.00 16.51
N GLY C 691 40.39 0.24 17.06
CA GLY C 691 40.36 -0.13 18.47
C GLY C 691 39.58 -1.35 18.92
N SER C 692 39.00 -2.10 17.99
CA SER C 692 38.22 -3.29 18.31
C SER C 692 38.91 -4.36 19.16
N GLY C 693 38.15 -4.98 20.06
CA GLY C 693 38.71 -6.04 20.88
C GLY C 693 38.63 -7.33 20.08
N ALA C 694 39.13 -8.42 20.65
CA ALA C 694 39.12 -9.71 19.96
C ALA C 694 37.74 -10.38 19.90
N ARG C 695 36.99 -10.35 21.00
CA ARG C 695 35.66 -10.97 21.01
C ARG C 695 34.80 -10.40 19.90
N GLY C 696 34.90 -9.09 19.69
CA GLY C 696 34.12 -8.44 18.65
C GLY C 696 34.41 -9.08 17.31
N ILE C 697 35.70 -9.26 17.00
CA ILE C 697 36.07 -9.86 15.72
C ILE C 697 35.57 -11.29 15.64
N ALA C 698 35.52 -11.98 16.78
CA ALA C 698 35.05 -13.37 16.79
C ALA C 698 33.56 -13.42 16.47
N GLY C 699 32.77 -12.56 17.11
CA GLY C 699 31.35 -12.54 16.85
C GLY C 699 31.05 -12.29 15.38
N LYS C 700 31.81 -11.40 14.77
CA LYS C 700 31.62 -11.06 13.36
C LYS C 700 31.79 -12.32 12.50
N LEU C 701 32.90 -13.02 12.70
CA LEU C 701 33.18 -14.23 11.94
C LEU C 701 32.09 -15.29 12.08
N VAL C 702 31.61 -15.52 13.29
CA VAL C 702 30.55 -16.49 13.50
C VAL C 702 29.32 -16.06 12.71
N SER C 703 28.99 -14.78 12.79
CA SER C 703 27.84 -14.22 12.08
C SER C 703 27.92 -14.55 10.60
N SER C 704 29.11 -14.48 10.04
CA SER C 704 29.31 -14.78 8.63
C SER C 704 29.00 -16.25 8.40
N VAL C 705 29.35 -17.08 9.37
CA VAL C 705 29.11 -18.51 9.26
C VAL C 705 27.63 -18.86 9.45
N THR C 706 26.98 -18.22 10.42
CA THR C 706 25.58 -18.47 10.69
C THR C 706 24.73 -18.00 9.51
N ASP C 707 25.07 -16.85 8.95
CA ASP C 707 24.34 -16.33 7.79
C ASP C 707 24.43 -17.30 6.63
N ALA C 708 25.64 -17.79 6.37
CA ALA C 708 25.83 -18.72 5.27
C ALA C 708 25.09 -20.02 5.54
N ILE C 709 25.05 -20.43 6.81
CA ILE C 709 24.35 -21.65 7.16
C ILE C 709 22.85 -21.44 6.94
N TYR C 710 22.32 -20.34 7.44
CA TYR C 710 20.90 -20.06 7.26
C TYR C 710 20.54 -20.03 5.79
N GLU C 711 21.47 -19.58 4.95
CA GLU C 711 21.21 -19.55 3.52
C GLU C 711 20.95 -20.96 3.01
N ARG C 712 21.77 -21.91 3.45
CA ARG C 712 21.59 -23.30 3.04
C ARG C 712 20.24 -23.83 3.49
N MET C 713 19.83 -23.45 4.69
CA MET C 713 18.55 -23.91 5.20
C MET C 713 17.43 -23.49 4.25
N SER C 714 17.66 -22.43 3.49
CA SER C 714 16.68 -21.98 2.53
C SER C 714 16.78 -22.82 1.26
N ASP C 715 18.01 -23.16 0.89
CA ASP C 715 18.25 -23.98 -0.29
C ASP C 715 17.68 -25.38 -0.10
N VAL C 716 17.53 -25.78 1.16
CA VAL C 716 16.99 -27.10 1.48
C VAL C 716 15.48 -27.07 1.23
N LEU C 717 14.81 -26.12 1.87
CA LEU C 717 13.37 -25.96 1.70
C LEU C 717 13.03 -25.87 0.22
N LYS C 718 13.98 -25.34 -0.55
CA LYS C 718 13.81 -25.17 -1.98
C LYS C 718 14.03 -26.49 -2.72
N ALA C 719 14.98 -27.29 -2.23
CA ALA C 719 15.29 -28.57 -2.84
C ALA C 719 14.14 -29.56 -2.69
N ARG C 720 13.71 -29.80 -1.46
CA ARG C 720 12.62 -30.72 -1.19
C ARG C 720 11.29 -30.21 -1.74
N ALA C 721 11.18 -28.89 -1.89
CA ALA C 721 9.95 -28.30 -2.42
C ALA C 721 9.82 -28.68 -3.88
N LYS C 722 10.96 -28.87 -4.53
CA LYS C 722 10.98 -29.24 -5.94
C LYS C 722 11.41 -30.69 -6.07
N ASP C 723 11.22 -31.46 -4.99
CA ASP C 723 11.58 -32.88 -4.96
C ASP C 723 11.31 -33.43 -3.55
N PRO C 724 10.03 -33.63 -3.20
CA PRO C 724 9.60 -34.15 -1.89
C PRO C 724 10.51 -35.22 -1.29
N ASN C 725 11.11 -36.04 -2.16
CA ASN C 725 12.01 -37.10 -1.71
C ASN C 725 13.44 -36.78 -2.11
N ILE C 726 14.06 -35.86 -1.40
CA ILE C 726 15.42 -35.47 -1.70
C ILE C 726 16.42 -36.08 -0.72
N SER C 727 17.62 -36.37 -1.22
CA SER C 727 18.70 -36.98 -0.44
C SER C 727 19.02 -36.34 0.90
N ALA C 728 18.50 -35.13 1.15
CA ALA C 728 18.76 -34.41 2.41
C ALA C 728 20.22 -33.93 2.46
N ALA C 729 21.15 -34.83 2.16
CA ALA C 729 22.57 -34.48 2.16
C ALA C 729 22.90 -33.92 0.79
N MET C 730 21.98 -34.10 -0.15
CA MET C 730 22.14 -33.60 -1.50
C MET C 730 21.24 -32.37 -1.59
N ALA C 731 20.33 -32.27 -0.62
CA ALA C 731 19.39 -31.15 -0.55
C ALA C 731 20.01 -29.93 0.14
N MET C 732 21.04 -30.17 0.93
CA MET C 732 21.72 -29.09 1.65
C MET C 732 23.12 -28.86 1.07
N PHE C 733 23.73 -29.93 0.56
CA PHE C 733 25.06 -29.82 -0.02
C PHE C 733 25.07 -30.19 -1.50
N GLY C 734 23.93 -30.03 -2.15
CA GLY C 734 23.84 -30.32 -3.57
C GLY C 734 24.73 -29.30 -4.25
N LYS C 735 25.10 -28.27 -3.49
CA LYS C 735 25.96 -27.19 -3.93
C LYS C 735 26.96 -27.68 -4.96
N GLN C 736 27.81 -28.63 -4.54
CA GLN C 736 28.82 -29.20 -5.41
C GLN C 736 29.67 -30.14 -4.58
N ALA C 737 29.40 -31.43 -4.68
CA ALA C 737 30.15 -32.42 -3.91
C ALA C 737 30.17 -33.81 -4.54
N ALA C 738 30.44 -33.88 -5.85
CA ALA C 738 30.49 -35.15 -6.56
C ALA C 738 29.20 -35.96 -6.38
N SER C 739 28.26 -35.40 -5.64
CA SER C 739 26.96 -36.00 -5.36
C SER C 739 26.95 -37.31 -4.55
N GLU C 740 25.97 -37.39 -3.65
CA GLU C 740 25.75 -38.54 -2.78
C GLU C 740 26.98 -39.08 -2.05
N ALA C 741 27.75 -39.94 -2.73
CA ALA C 741 28.94 -40.52 -2.13
C ALA C 741 29.71 -39.48 -1.34
N HIS C 742 29.87 -38.30 -1.92
CA HIS C 742 30.59 -37.21 -1.28
C HIS C 742 29.66 -36.21 -0.61
N ALA C 743 28.46 -36.04 -1.15
CA ALA C 743 27.50 -35.11 -0.58
C ALA C 743 27.19 -35.53 0.86
N GLU C 744 27.02 -36.84 1.05
CA GLU C 744 26.73 -37.37 2.37
C GLU C 744 27.92 -37.06 3.29
N GLU C 745 29.10 -37.11 2.71
CA GLU C 745 30.35 -36.86 3.43
C GLU C 745 30.39 -35.45 4.02
N LEU C 746 29.84 -34.48 3.29
CA LEU C 746 29.82 -33.10 3.75
C LEU C 746 28.79 -32.90 4.85
N LEU C 747 27.64 -33.56 4.71
CA LEU C 747 26.61 -33.45 5.73
C LEU C 747 27.18 -34.04 7.01
N ALA C 748 28.03 -35.05 6.84
CA ALA C 748 28.68 -35.72 7.96
C ALA C 748 29.48 -34.70 8.77
N ARG C 749 30.40 -34.03 8.09
CA ARG C 749 31.25 -33.02 8.72
C ARG C 749 30.45 -31.91 9.41
N PHE C 750 29.42 -31.42 8.71
CA PHE C 750 28.60 -30.36 9.24
C PHE C 750 28.03 -30.66 10.63
N LEU C 751 27.39 -31.82 10.79
CA LEU C 751 26.82 -32.19 12.07
C LEU C 751 27.92 -32.45 13.10
N LYS C 752 29.00 -33.07 12.65
CA LYS C 752 30.13 -33.36 13.53
C LYS C 752 30.77 -32.08 14.05
N ASP C 753 30.97 -31.12 13.16
CA ASP C 753 31.57 -29.84 13.55
C ASP C 753 30.64 -29.05 14.45
N MET C 754 29.36 -28.99 14.08
CA MET C 754 28.40 -28.25 14.89
C MET C 754 28.30 -28.87 16.28
N GLU C 755 28.37 -30.19 16.36
CA GLU C 755 28.28 -30.87 17.65
C GLU C 755 29.55 -30.63 18.46
N THR C 756 30.70 -30.69 17.80
CA THR C 756 31.98 -30.49 18.44
C THR C 756 32.14 -29.06 18.97
N LEU C 757 31.86 -28.10 18.11
CA LEU C 757 31.97 -26.68 18.43
C LEU C 757 30.94 -26.11 19.41
N THR C 758 29.84 -26.82 19.64
CA THR C 758 28.83 -26.32 20.57
C THR C 758 28.79 -27.12 21.87
N SER C 759 29.44 -28.28 21.87
CA SER C 759 29.45 -29.12 23.06
C SER C 759 30.71 -28.91 23.88
N THR C 760 31.75 -28.37 23.22
CA THR C 760 33.01 -28.12 23.88
C THR C 760 33.57 -26.74 23.53
N VAL C 761 34.06 -26.02 24.53
CA VAL C 761 34.65 -24.71 24.28
C VAL C 761 36.03 -24.62 24.92
N PRO C 762 36.93 -23.85 24.30
CA PRO C 762 38.27 -23.73 24.86
C PRO C 762 38.30 -22.55 25.84
N VAL C 763 39.11 -22.67 26.88
CA VAL C 763 39.27 -21.61 27.86
C VAL C 763 40.75 -21.53 28.16
N LYS C 764 41.21 -20.36 28.60
CA LYS C 764 42.62 -20.18 28.92
C LYS C 764 42.87 -20.25 30.42
N ARG C 765 43.52 -21.34 30.84
CA ARG C 765 43.85 -21.56 32.23
C ARG C 765 45.37 -21.59 32.40
N LYS C 766 45.89 -20.64 33.17
CA LYS C 766 47.33 -20.53 33.40
C LYS C 766 48.09 -20.22 32.12
N GLY C 767 47.45 -19.50 31.20
CA GLY C 767 48.10 -19.15 29.95
C GLY C 767 48.13 -20.31 28.96
N VAL C 768 47.32 -21.33 29.23
CA VAL C 768 47.23 -22.51 28.37
C VAL C 768 45.78 -22.75 28.02
N LEU C 769 45.53 -23.28 26.83
CA LEU C 769 44.18 -23.56 26.39
C LEU C 769 43.74 -24.93 26.89
N GLU C 770 42.49 -25.02 27.35
CA GLU C 770 41.93 -26.28 27.85
C GLU C 770 40.50 -26.43 27.36
N LEU C 771 40.11 -27.65 27.03
CA LEU C 771 38.75 -27.88 26.55
C LEU C 771 37.81 -28.10 27.73
N GLN C 772 36.65 -27.45 27.66
CA GLN C 772 35.65 -27.52 28.72
C GLN C 772 34.26 -27.75 28.13
N SER C 773 33.47 -28.59 28.77
CA SER C 773 32.12 -28.90 28.29
C SER C 773 31.20 -27.71 28.50
N THR C 774 30.27 -27.53 27.57
CA THR C 774 29.30 -26.43 27.63
C THR C 774 27.98 -26.97 28.16
N GLY C 775 27.64 -28.19 27.73
CA GLY C 775 26.40 -28.80 28.16
C GLY C 775 25.23 -28.29 27.34
N THR C 776 25.51 -27.91 26.09
CA THR C 776 24.46 -27.40 25.21
C THR C 776 24.71 -27.77 23.75
N GLY C 777 25.52 -28.80 23.51
CA GLY C 777 25.83 -29.23 22.16
C GLY C 777 24.60 -29.42 21.26
N ALA C 778 24.82 -29.32 19.95
CA ALA C 778 23.75 -29.49 18.97
C ALA C 778 23.10 -30.86 19.03
N LYS C 779 21.77 -30.90 18.98
CA LYS C 779 21.03 -32.16 19.02
C LYS C 779 20.84 -32.77 17.64
N GLY C 780 19.63 -33.23 17.35
CA GLY C 780 19.34 -33.85 16.07
C GLY C 780 18.33 -33.13 15.20
N LYS C 781 17.54 -33.92 14.46
CA LYS C 781 16.52 -33.42 13.54
C LYS C 781 17.03 -32.32 12.60
N ILE C 782 16.47 -31.11 12.75
CA ILE C 782 16.80 -29.93 11.95
C ILE C 782 15.71 -29.62 10.93
N ASN C 783 15.01 -28.52 11.15
CA ASN C 783 13.95 -28.08 10.24
C ASN C 783 14.42 -26.77 9.63
N PRO C 784 15.02 -26.83 8.43
CA PRO C 784 15.52 -25.64 7.74
C PRO C 784 14.63 -24.40 7.84
N LYS C 785 13.33 -24.58 7.64
CA LYS C 785 12.39 -23.46 7.72
C LYS C 785 12.49 -22.71 9.05
N THR C 786 12.79 -23.42 10.12
CA THR C 786 12.88 -22.80 11.44
C THR C 786 14.24 -22.92 12.12
N TYR C 787 15.15 -23.68 11.50
CA TYR C 787 16.49 -23.87 12.05
C TYR C 787 17.10 -22.56 12.53
N THR C 788 17.77 -22.60 13.67
CA THR C 788 18.38 -21.42 14.24
C THR C 788 19.44 -21.82 15.27
N ILE C 789 20.59 -21.16 15.20
CA ILE C 789 21.66 -21.44 16.16
C ILE C 789 21.45 -20.50 17.35
N LYS C 790 20.80 -21.02 18.39
CA LYS C 790 20.50 -20.25 19.60
C LYS C 790 21.69 -19.75 20.39
N GLY C 791 21.41 -18.83 21.31
CA GLY C 791 22.42 -18.23 22.17
C GLY C 791 23.51 -19.11 22.72
N GLU C 792 23.15 -20.12 23.52
CA GLU C 792 24.13 -21.02 24.12
C GLU C 792 25.11 -21.57 23.09
N GLN C 793 24.60 -22.07 21.98
CA GLN C 793 25.45 -22.62 20.93
C GLN C 793 26.27 -21.51 20.27
N LEU C 794 25.66 -20.35 20.04
CA LEU C 794 26.36 -19.22 19.43
C LEU C 794 27.52 -18.76 20.30
N LYS C 795 27.29 -18.73 21.60
CA LYS C 795 28.30 -18.32 22.56
C LYS C 795 29.43 -19.35 22.52
N ALA C 796 29.09 -20.58 22.16
CA ALA C 796 30.07 -21.66 22.08
C ALA C 796 30.91 -21.52 20.82
N LEU C 797 30.25 -21.29 19.69
CA LEU C 797 30.94 -21.13 18.41
C LEU C 797 31.91 -19.96 18.52
N GLN C 798 31.45 -18.89 19.13
CA GLN C 798 32.25 -17.68 19.31
C GLN C 798 33.51 -17.90 20.16
N GLU C 799 33.41 -18.75 21.18
CA GLU C 799 34.55 -19.01 22.04
C GLU C 799 35.64 -19.80 21.29
N ASN C 800 35.22 -20.78 20.48
CA ASN C 800 36.17 -21.57 19.70
C ASN C 800 36.79 -20.66 18.63
N MET C 801 35.94 -19.86 18.00
CA MET C 801 36.41 -18.94 16.96
C MET C 801 37.43 -18.00 17.58
N LEU C 802 37.15 -17.53 18.80
CA LEU C 802 38.06 -16.62 19.48
C LEU C 802 39.48 -17.14 19.70
N HIS C 803 39.59 -18.26 20.43
CA HIS C 803 40.90 -18.84 20.76
C HIS C 803 41.62 -19.61 19.67
N PHE C 804 40.88 -20.15 18.70
CA PHE C 804 41.50 -20.93 17.64
C PHE C 804 41.63 -20.23 16.31
N PHE C 805 41.25 -18.95 16.24
CA PHE C 805 41.35 -18.24 14.97
C PHE C 805 41.61 -16.76 15.13
N VAL C 806 40.75 -16.08 15.88
CA VAL C 806 40.89 -14.66 16.08
C VAL C 806 42.20 -14.33 16.79
N GLU C 807 42.52 -15.06 17.83
CA GLU C 807 43.76 -14.82 18.57
C GLU C 807 44.98 -14.85 17.64
N PRO C 808 45.12 -15.92 16.84
CA PRO C 808 46.29 -15.93 15.94
C PRO C 808 46.22 -14.85 14.85
N LEU C 809 45.02 -14.43 14.49
CA LEU C 809 44.85 -13.39 13.47
C LEU C 809 45.33 -12.06 14.04
N ARG C 810 45.02 -11.81 15.30
CA ARG C 810 45.44 -10.59 15.98
C ARG C 810 46.96 -10.54 16.08
N ASN C 811 47.59 -11.67 16.38
CA ASN C 811 49.05 -11.72 16.45
C ASN C 811 49.59 -11.42 15.06
N GLY C 812 48.95 -11.98 14.04
CA GLY C 812 49.36 -11.76 12.67
C GLY C 812 49.23 -10.29 12.29
N ILE C 813 48.19 -9.63 12.79
CA ILE C 813 48.00 -8.23 12.49
C ILE C 813 49.09 -7.40 13.19
N THR C 814 49.33 -7.69 14.47
CA THR C 814 50.34 -6.96 15.22
C THR C 814 51.69 -7.06 14.52
N GLN C 815 51.99 -8.24 13.99
CA GLN C 815 53.25 -8.44 13.28
C GLN C 815 53.29 -7.66 11.98
N THR C 816 52.15 -7.52 11.34
CA THR C 816 52.07 -6.80 10.08
C THR C 816 52.12 -5.28 10.24
N VAL C 817 51.34 -4.75 11.16
CA VAL C 817 51.32 -3.31 11.38
C VAL C 817 52.45 -2.83 12.28
N GLY C 818 53.03 -3.76 13.04
CA GLY C 818 54.14 -3.41 13.91
C GLY C 818 53.78 -3.23 15.38
N GLU C 819 54.62 -3.78 16.25
CA GLU C 819 54.42 -3.68 17.69
C GLU C 819 54.50 -2.22 18.14
N SER C 820 55.37 -1.45 17.51
CA SER C 820 55.52 -0.05 17.86
C SER C 820 54.19 0.68 17.72
N LEU C 821 53.48 0.47 16.61
CA LEU C 821 52.18 1.11 16.42
C LEU C 821 51.23 0.70 17.55
N VAL C 822 51.16 -0.59 17.82
CA VAL C 822 50.30 -1.11 18.86
C VAL C 822 50.59 -0.42 20.20
N TYR C 823 51.88 -0.26 20.52
CA TYR C 823 52.29 0.39 21.75
C TYR C 823 51.78 1.84 21.79
N SER C 824 51.87 2.53 20.66
CA SER C 824 51.39 3.92 20.60
C SER C 824 49.91 3.99 20.87
N THR C 825 49.15 3.13 20.21
CA THR C 825 47.70 3.10 20.37
C THR C 825 47.31 2.81 21.84
N GLU C 826 48.12 2.00 22.53
CA GLU C 826 47.82 1.67 23.92
C GLU C 826 48.05 2.90 24.79
N GLN C 827 49.11 3.65 24.51
CA GLN C 827 49.38 4.83 25.30
C GLN C 827 48.33 5.90 24.99
N LEU C 828 47.98 6.02 23.72
CA LEU C 828 46.98 6.98 23.29
C LEU C 828 45.67 6.67 24.02
N GLN C 829 45.34 5.38 24.06
CA GLN C 829 44.12 4.90 24.69
C GLN C 829 44.08 5.16 26.19
N LYS C 830 45.19 4.91 26.87
CA LYS C 830 45.31 5.12 28.31
C LYS C 830 45.20 6.59 28.69
N ALA C 831 45.94 7.43 27.97
CA ALA C 831 45.94 8.86 28.23
C ALA C 831 44.56 9.46 28.07
N THR C 832 43.91 9.18 26.94
CA THR C 832 42.57 9.74 26.69
C THR C 832 41.53 9.17 27.62
N GLN C 833 41.67 7.89 27.96
CA GLN C 833 40.72 7.29 28.89
C GLN C 833 40.91 7.91 30.27
N ILE C 834 42.15 7.99 30.73
CA ILE C 834 42.40 8.58 32.04
C ILE C 834 41.83 10.00 32.13
N GLN C 835 42.13 10.82 31.14
CA GLN C 835 41.63 12.18 31.12
C GLN C 835 40.09 12.22 31.11
N SER C 836 39.46 11.35 30.32
CA SER C 836 38.00 11.33 30.24
C SER C 836 37.37 10.99 31.58
N VAL C 837 38.00 10.10 32.34
CA VAL C 837 37.49 9.73 33.66
C VAL C 837 37.43 10.95 34.57
N VAL C 838 38.49 11.75 34.59
CA VAL C 838 38.51 12.93 35.43
C VAL C 838 37.49 13.97 34.95
N LEU C 839 37.46 14.22 33.65
CA LEU C 839 36.49 15.17 33.10
C LEU C 839 35.09 14.76 33.52
N GLU C 840 34.76 13.48 33.35
CA GLU C 840 33.45 12.97 33.71
C GLU C 840 33.15 13.14 35.20
N ASP C 841 34.11 12.78 36.04
CA ASP C 841 33.94 12.87 37.48
C ASP C 841 33.86 14.31 38.00
N MET C 842 34.61 15.21 37.37
CA MET C 842 34.58 16.59 37.80
C MET C 842 33.27 17.25 37.42
N PHE C 843 32.80 16.98 36.20
CA PHE C 843 31.53 17.53 35.73
C PHE C 843 30.43 17.07 36.67
N LYS C 844 30.44 15.78 36.99
CA LYS C 844 29.45 15.18 37.86
C LYS C 844 29.40 15.85 39.24
N GLN C 845 30.55 15.98 39.89
CA GLN C 845 30.60 16.60 41.21
C GLN C 845 30.10 18.04 41.13
N ARG C 846 30.57 18.77 40.13
CA ARG C 846 30.17 20.16 39.97
C ARG C 846 28.67 20.26 39.72
N VAL C 847 28.08 19.27 39.05
CA VAL C 847 26.65 19.32 38.84
C VAL C 847 25.98 19.05 40.18
N GLN C 848 26.46 18.05 40.91
CA GLN C 848 25.86 17.73 42.20
C GLN C 848 25.99 18.88 43.20
N GLU C 849 27.14 19.54 43.20
CA GLU C 849 27.33 20.67 44.10
C GLU C 849 26.31 21.77 43.75
N LYS C 850 26.18 22.06 42.45
CA LYS C 850 25.25 23.08 42.01
C LYS C 850 23.83 22.74 42.41
N LEU C 851 23.44 21.48 42.23
CA LEU C 851 22.10 21.04 42.59
C LEU C 851 21.91 21.19 44.12
N ALA C 852 22.99 21.01 44.87
CA ALA C 852 22.94 21.16 46.33
C ALA C 852 22.51 22.57 46.66
N GLU C 853 23.12 23.55 46.00
CA GLU C 853 22.78 24.95 46.22
C GLU C 853 21.33 25.21 45.81
N LYS C 854 20.96 24.71 44.64
CA LYS C 854 19.61 24.90 44.13
C LYS C 854 18.56 24.38 45.12
N ALA C 855 18.90 23.30 45.82
CA ALA C 855 18.01 22.70 46.80
C ALA C 855 17.65 23.69 47.90
N LYS C 856 18.48 24.71 48.08
CA LYS C 856 18.26 25.72 49.10
C LYS C 856 17.41 26.87 48.55
N ASP C 857 17.20 26.90 47.24
CA ASP C 857 16.39 27.94 46.62
C ASP C 857 14.91 27.55 46.61
N PRO C 858 14.07 28.31 47.33
CA PRO C 858 12.63 28.03 47.39
C PRO C 858 11.89 28.02 46.04
N THR C 859 12.38 28.78 45.07
CA THR C 859 11.72 28.84 43.77
C THR C 859 12.06 27.62 42.90
N TRP C 860 13.06 26.87 43.32
CA TRP C 860 13.52 25.69 42.58
C TRP C 860 12.86 24.38 43.03
N LYS C 861 12.67 23.50 42.06
CA LYS C 861 12.05 22.18 42.28
C LYS C 861 12.98 21.13 41.67
N LYS C 862 13.26 20.07 42.42
CA LYS C 862 14.19 19.02 41.99
C LYS C 862 14.23 18.59 40.52
N GLY C 863 13.07 18.46 39.88
CA GLY C 863 13.08 18.04 38.49
C GLY C 863 13.41 19.16 37.52
N ASP C 864 13.63 20.37 38.01
CA ASP C 864 13.94 21.48 37.12
C ASP C 864 15.35 21.38 36.54
N PHE C 865 16.26 20.74 37.28
CA PHE C 865 17.67 20.60 36.91
C PHE C 865 18.35 21.99 36.79
N LEU C 866 19.38 22.09 35.96
CA LEU C 866 20.13 23.35 35.81
C LEU C 866 19.73 24.19 34.59
N THR C 867 20.17 25.45 34.59
CA THR C 867 19.91 26.39 33.49
C THR C 867 21.06 26.22 32.50
N GLN C 868 20.89 26.68 31.26
CA GLN C 868 21.97 26.53 30.29
C GLN C 868 23.22 27.29 30.72
N LYS C 869 23.01 28.45 31.35
CA LYS C 869 24.10 29.27 31.84
C LYS C 869 24.92 28.50 32.89
N GLU C 870 24.24 27.88 33.83
CA GLU C 870 24.91 27.11 34.86
C GLU C 870 25.65 25.90 34.27
N LEU C 871 25.06 25.29 33.24
CA LEU C 871 25.69 24.13 32.63
C LEU C 871 26.94 24.59 31.86
N ASN C 872 26.84 25.74 31.20
CA ASN C 872 27.96 26.29 30.43
C ASN C 872 29.13 26.66 31.34
N ASP C 873 28.84 27.17 32.54
CA ASP C 873 29.89 27.55 33.48
C ASP C 873 30.62 26.30 33.95
N ILE C 874 29.88 25.22 34.15
CA ILE C 874 30.49 23.97 34.60
C ILE C 874 31.37 23.40 33.46
N GLN C 875 30.88 23.46 32.23
CA GLN C 875 31.65 22.98 31.08
C GLN C 875 32.97 23.78 31.02
N ALA C 876 32.85 25.10 31.14
CA ALA C 876 34.02 25.98 31.11
C ALA C 876 35.00 25.72 32.25
N SER C 877 34.50 25.22 33.38
CA SER C 877 35.39 24.94 34.51
C SER C 877 36.30 23.77 34.18
N LEU C 878 35.98 23.02 33.12
CA LEU C 878 36.82 21.89 32.74
C LEU C 878 37.94 22.30 31.80
N ASN C 879 37.86 23.51 31.26
CA ASN C 879 38.87 23.99 30.31
C ASN C 879 40.30 23.84 30.77
N ASN C 880 40.58 24.05 32.06
CA ASN C 880 41.94 23.93 32.54
C ASN C 880 42.45 22.49 32.50
N LEU C 881 41.56 21.53 32.21
CA LEU C 881 41.95 20.12 32.09
C LEU C 881 42.23 19.75 30.62
N ALA C 882 42.10 20.72 29.72
CA ALA C 882 42.35 20.51 28.29
C ALA C 882 41.50 19.42 27.65
N PRO C 883 40.16 19.54 27.74
CA PRO C 883 39.31 18.51 27.13
C PRO C 883 39.49 18.40 25.61
N MET C 884 39.92 19.49 24.98
CA MET C 884 40.09 19.49 23.53
C MET C 884 41.48 19.13 23.03
N ILE C 885 41.54 18.32 21.98
CA ILE C 885 42.81 17.95 21.37
C ILE C 885 42.90 18.81 20.11
N GLU C 886 43.91 19.67 20.08
CA GLU C 886 44.11 20.60 18.97
C GLU C 886 45.25 20.13 18.07
N THR C 887 45.02 20.17 16.76
CA THR C 887 46.06 19.77 15.82
C THR C 887 46.53 21.02 15.10
N GLY C 888 45.74 22.09 15.19
CA GLY C 888 46.08 23.32 14.52
C GLY C 888 45.12 23.56 13.37
N SER C 889 44.52 22.48 12.87
CA SER C 889 43.56 22.58 11.77
C SER C 889 42.28 21.81 12.09
N GLN C 890 42.30 21.02 13.17
CA GLN C 890 41.12 20.28 13.58
C GLN C 890 41.04 20.27 15.10
N THR C 891 39.85 19.97 15.62
CA THR C 891 39.63 19.92 17.06
C THR C 891 38.85 18.65 17.37
N PHE C 892 39.33 17.89 18.35
CA PHE C 892 38.68 16.65 18.74
C PHE C 892 38.32 16.72 20.22
N TYR C 893 37.08 16.33 20.53
CA TYR C 893 36.61 16.30 21.91
C TYR C 893 36.19 14.84 22.15
N ILE C 894 37.19 14.02 22.43
CA ILE C 894 37.02 12.58 22.66
C ILE C 894 36.00 12.19 23.73
N ALA C 895 35.96 12.96 24.80
CA ALA C 895 35.05 12.68 25.92
C ALA C 895 33.62 13.12 25.69
N GLY C 896 33.42 14.02 24.74
CA GLY C 896 32.10 14.55 24.46
C GLY C 896 30.98 13.55 24.24
N SER C 897 29.87 13.73 24.95
CA SER C 897 28.72 12.85 24.80
C SER C 897 27.44 13.54 25.22
N GLU C 898 26.33 12.82 25.05
CA GLU C 898 25.02 13.29 25.48
C GLU C 898 24.48 12.09 26.22
N ASN C 899 24.58 12.11 27.54
CA ASN C 899 24.10 10.98 28.31
C ASN C 899 23.01 11.32 29.32
N ALA C 900 22.30 10.30 29.78
CA ALA C 900 21.23 10.48 30.75
C ALA C 900 21.69 10.26 32.17
N GLU C 901 22.97 9.91 32.33
CA GLU C 901 23.50 9.67 33.68
C GLU C 901 23.74 10.95 34.45
N VAL C 902 23.99 12.05 33.75
CA VAL C 902 24.24 13.31 34.42
C VAL C 902 23.07 13.78 35.28
N ALA C 903 21.87 13.82 34.69
CA ALA C 903 20.68 14.28 35.39
C ALA C 903 19.95 13.13 36.06
N ASN C 904 20.05 11.93 35.49
CA ASN C 904 19.39 10.76 36.03
C ASN C 904 17.92 11.05 36.36
N GLN C 905 17.17 11.57 35.40
CA GLN C 905 15.75 11.84 35.66
C GLN C 905 14.95 11.91 34.37
N VAL C 906 13.64 11.78 34.50
CA VAL C 906 12.77 11.85 33.35
C VAL C 906 12.63 13.32 32.98
N LEU C 907 12.61 13.60 31.69
CA LEU C 907 12.46 14.95 31.20
C LEU C 907 10.98 15.27 31.05
N ALA C 908 10.26 14.37 30.39
CA ALA C 908 8.82 14.53 30.18
C ALA C 908 8.19 13.19 29.81
N THR C 909 6.87 13.12 29.92
CA THR C 909 6.12 11.91 29.56
C THR C 909 4.93 12.45 28.76
N ASN C 910 4.18 11.58 28.09
CA ASN C 910 2.99 12.07 27.40
C ASN C 910 1.92 12.18 28.47
N LEU C 911 0.69 12.50 28.09
CA LEU C 911 -0.38 12.66 29.08
C LEU C 911 -0.99 11.35 29.62
N ASP C 912 -0.50 10.21 29.13
CA ASP C 912 -0.97 8.89 29.59
C ASP C 912 0.05 8.33 30.55
N ASP C 913 1.00 9.17 30.94
CA ASP C 913 2.07 8.76 31.84
C ASP C 913 2.97 7.71 31.18
N ARG C 914 3.08 7.77 29.86
CA ARG C 914 3.95 6.86 29.11
C ARG C 914 4.93 7.68 28.26
N MET C 915 5.67 7.02 27.36
CA MET C 915 6.65 7.71 26.53
C MET C 915 7.50 8.61 27.44
N ARG C 916 8.09 7.99 28.45
CA ARG C 916 8.92 8.69 29.42
C ARG C 916 10.32 8.93 28.89
N VAL C 917 10.55 10.14 28.37
CA VAL C 917 11.85 10.47 27.82
C VAL C 917 12.86 10.87 28.89
N PRO C 918 14.01 10.18 28.96
CA PRO C 918 14.99 10.57 29.97
C PRO C 918 15.60 11.93 29.64
N MET C 919 16.07 12.63 30.66
CA MET C 919 16.72 13.91 30.44
C MET C 919 18.19 13.63 30.10
N SER C 920 18.61 14.03 28.90
CA SER C 920 19.98 13.83 28.48
C SER C 920 20.63 15.19 28.36
N ILE C 921 21.89 15.27 28.74
CA ILE C 921 22.61 16.54 28.65
C ILE C 921 23.99 16.31 28.05
N TYR C 922 24.52 17.34 27.40
CA TYR C 922 25.83 17.27 26.78
C TYR C 922 26.86 17.35 27.91
N ALA C 923 27.71 16.33 28.02
CA ALA C 923 28.72 16.30 29.07
C ALA C 923 29.78 15.27 28.74
N PRO C 924 30.91 15.29 29.47
CA PRO C 924 31.96 14.32 29.18
C PRO C 924 31.69 12.96 29.82
N ALA C 925 31.99 11.91 29.07
CA ALA C 925 31.81 10.54 29.54
C ALA C 925 33.14 9.82 29.27
N GLN C 926 33.35 8.66 29.89
CA GLN C 926 34.60 7.94 29.69
C GLN C 926 34.81 7.68 28.21
N ALA C 927 36.07 7.64 27.80
CA ALA C 927 36.40 7.42 26.40
C ALA C 927 36.43 5.95 25.99
N GLY C 928 36.83 5.08 26.91
CA GLY C 928 36.93 3.68 26.56
C GLY C 928 38.08 3.64 25.56
N VAL C 929 37.85 3.10 24.37
CA VAL C 929 38.91 3.03 23.36
C VAL C 929 38.74 4.09 22.26
N ALA C 930 37.74 4.95 22.40
CA ALA C 930 37.45 5.99 21.39
C ALA C 930 38.64 6.83 20.92
N GLY C 931 39.58 7.10 21.82
CA GLY C 931 40.73 7.89 21.42
C GLY C 931 41.45 7.38 20.17
N ILE C 932 41.54 6.05 20.01
CA ILE C 932 42.23 5.49 18.86
C ILE C 932 41.51 5.85 17.55
N PRO C 933 40.21 5.52 17.43
CA PRO C 933 39.43 5.82 16.23
C PRO C 933 39.48 7.33 15.90
N PHE C 934 39.12 8.15 16.88
CA PHE C 934 39.09 9.60 16.70
C PHE C 934 40.37 10.16 16.09
N MET C 935 41.51 9.82 16.67
CA MET C 935 42.78 10.33 16.17
C MET C 935 43.25 9.71 14.86
N THR C 936 43.08 8.40 14.70
CA THR C 936 43.50 7.70 13.48
C THR C 936 42.67 8.15 12.28
N ILE C 937 41.35 8.20 12.47
CA ILE C 937 40.46 8.63 11.40
C ILE C 937 40.63 10.13 11.22
N GLY C 938 40.63 10.85 12.34
CA GLY C 938 40.76 12.29 12.32
C GLY C 938 41.98 12.85 11.60
N THR C 939 43.18 12.49 12.06
CA THR C 939 44.39 13.00 11.45
C THR C 939 44.81 12.17 10.23
N GLY C 940 44.04 11.14 9.93
CA GLY C 940 44.33 10.30 8.78
C GLY C 940 43.52 10.75 7.57
N ASP C 941 42.45 10.02 7.25
CA ASP C 941 41.63 10.36 6.10
C ASP C 941 40.87 11.68 6.32
N GLY C 942 40.50 11.97 7.56
CA GLY C 942 39.81 13.22 7.84
C GLY C 942 40.64 14.43 7.48
N MET C 943 41.89 14.49 7.94
CA MET C 943 42.75 15.62 7.63
C MET C 943 43.08 15.66 6.14
N MET C 944 43.21 14.49 5.55
CA MET C 944 43.54 14.41 4.14
C MET C 944 42.43 14.98 3.26
N MET C 945 41.18 14.63 3.54
CA MET C 945 40.09 15.13 2.72
C MET C 945 39.91 16.64 2.91
N GLN C 946 40.06 17.07 4.15
CA GLN C 946 39.94 18.47 4.51
C GLN C 946 41.01 19.25 3.74
N THR C 947 42.21 18.69 3.72
CA THR C 947 43.35 19.29 3.04
C THR C 947 43.10 19.34 1.54
N LEU C 948 42.64 18.22 1.00
CA LEU C 948 42.36 18.09 -0.42
C LEU C 948 41.31 19.10 -0.90
N SER C 949 40.38 19.47 -0.02
CA SER C 949 39.33 20.42 -0.34
C SER C 949 39.77 21.89 -0.31
N THR C 950 40.82 22.18 0.45
CA THR C 950 41.30 23.55 0.61
C THR C 950 42.71 23.88 0.15
N MET C 951 43.47 22.87 -0.24
CA MET C 951 44.85 23.06 -0.68
C MET C 951 44.95 23.88 -1.97
N LYS C 952 46.15 24.40 -2.24
CA LYS C 952 46.39 25.17 -3.46
C LYS C 952 46.12 24.20 -4.61
N GLY C 953 45.31 24.63 -5.58
CA GLY C 953 45.01 23.77 -6.70
C GLY C 953 44.06 22.62 -6.37
N ALA C 954 43.24 22.80 -5.33
CA ALA C 954 42.29 21.78 -4.92
C ALA C 954 41.41 21.39 -6.09
N PRO C 955 41.28 20.08 -6.35
CA PRO C 955 40.45 19.56 -7.46
C PRO C 955 38.98 19.88 -7.24
N LYS C 956 38.31 20.35 -8.28
CA LYS C 956 36.89 20.67 -8.17
C LYS C 956 36.07 19.60 -8.89
N ASN C 957 34.77 19.62 -8.64
CA ASN C 957 33.86 18.68 -9.27
C ASN C 957 34.12 17.22 -8.97
N THR C 958 34.36 16.91 -7.69
CA THR C 958 34.60 15.53 -7.27
C THR C 958 33.61 15.12 -6.18
N LEU C 959 33.58 13.84 -5.85
CA LEU C 959 32.75 13.35 -4.75
C LEU C 959 33.71 12.64 -3.81
N LYS C 960 33.86 13.16 -2.60
CA LYS C 960 34.75 12.55 -1.63
C LYS C 960 34.00 11.58 -0.73
N ILE C 961 34.55 10.38 -0.59
CA ILE C 961 33.93 9.35 0.21
C ILE C 961 34.88 8.86 1.30
N PHE C 962 35.38 9.80 2.09
CA PHE C 962 36.27 9.50 3.22
C PHE C 962 37.67 8.99 2.85
N ASP C 963 37.77 7.84 2.19
CA ASP C 963 39.09 7.33 1.82
C ASP C 963 39.23 7.08 0.32
N GLY C 964 38.37 7.74 -0.45
CA GLY C 964 38.39 7.61 -1.89
C GLY C 964 37.71 8.84 -2.46
N MET C 965 38.04 9.21 -3.70
CA MET C 965 37.44 10.39 -4.31
C MET C 965 37.17 10.12 -5.80
N ASN C 966 35.93 10.35 -6.22
CA ASN C 966 35.52 10.15 -7.62
C ASN C 966 35.96 11.39 -8.41
N ILE C 967 36.63 11.16 -9.54
CA ILE C 967 37.17 12.25 -10.36
C ILE C 967 36.71 12.16 -11.82
N GLY C 968 36.38 13.32 -12.41
CA GLY C 968 35.98 13.34 -13.81
C GLY C 968 37.14 12.89 -14.70
N LEU C 969 36.84 12.25 -15.81
CA LEU C 969 37.86 11.72 -16.70
C LEU C 969 38.89 12.67 -17.29
N ASN C 970 38.59 13.96 -17.32
CA ASN C 970 39.57 14.92 -17.85
C ASN C 970 40.57 15.32 -16.76
N ASP C 971 40.25 15.07 -15.50
CA ASP C 971 41.15 15.49 -14.43
C ASP C 971 41.75 14.36 -13.59
N ILE C 972 41.70 13.13 -14.09
CA ILE C 972 42.22 12.03 -13.30
C ILE C 972 43.68 12.14 -12.86
N THR C 973 44.55 12.63 -13.73
CA THR C 973 45.95 12.75 -13.37
C THR C 973 46.27 13.85 -12.34
N ASP C 974 45.78 15.06 -12.57
CA ASP C 974 46.05 16.15 -11.64
C ASP C 974 45.37 15.96 -10.29
N ALA C 975 44.10 15.58 -10.32
CA ALA C 975 43.35 15.35 -9.09
C ALA C 975 43.96 14.22 -8.28
N SER C 976 44.45 13.18 -8.94
CA SER C 976 45.05 12.06 -8.22
C SER C 976 46.34 12.52 -7.59
N ARG C 977 47.12 13.30 -8.32
CA ARG C 977 48.38 13.77 -7.77
C ARG C 977 48.10 14.65 -6.56
N LYS C 978 47.05 15.45 -6.65
CA LYS C 978 46.69 16.32 -5.54
C LYS C 978 46.27 15.48 -4.33
N ALA C 979 45.51 14.43 -4.58
CA ALA C 979 45.06 13.54 -3.51
C ALA C 979 46.27 12.97 -2.79
N ASN C 980 47.25 12.53 -3.57
CA ASN C 980 48.47 11.98 -3.01
C ASN C 980 49.24 13.04 -2.27
N GLU C 981 49.15 14.28 -2.74
CA GLU C 981 49.82 15.38 -2.06
C GLU C 981 49.14 15.60 -0.71
N ALA C 982 47.81 15.57 -0.70
CA ALA C 982 47.05 15.76 0.54
C ALA C 982 47.38 14.63 1.52
N VAL C 983 47.59 13.43 1.00
CA VAL C 983 47.94 12.30 1.85
C VAL C 983 49.28 12.64 2.50
N TYR C 984 50.22 13.08 1.68
CA TYR C 984 51.54 13.41 2.19
C TYR C 984 51.49 14.48 3.28
N THR C 985 50.57 15.43 3.14
CA THR C 985 50.42 16.49 4.12
C THR C 985 49.89 15.93 5.44
N SER C 986 48.86 15.08 5.38
CA SER C 986 48.31 14.49 6.60
C SER C 986 49.37 13.65 7.32
N TRP C 987 50.26 13.03 6.54
CA TRP C 987 51.32 12.21 7.10
C TRP C 987 52.39 13.04 7.82
N GLN C 988 52.24 14.36 7.75
CA GLN C 988 53.16 15.24 8.44
C GLN C 988 52.56 15.48 9.82
N GLY C 989 51.39 14.90 10.05
CA GLY C 989 50.72 15.06 11.33
C GLY C 989 51.40 14.28 12.44
N ASN C 990 50.90 14.46 13.67
CA ASN C 990 51.45 13.79 14.84
C ASN C 990 50.35 13.76 15.91
N PRO C 991 49.36 12.85 15.75
CA PRO C 991 48.28 12.76 16.74
C PRO C 991 48.77 12.58 18.17
N ILE C 992 49.81 11.77 18.35
CA ILE C 992 50.34 11.53 19.68
C ILE C 992 50.83 12.83 20.32
N LYS C 993 51.44 13.69 19.53
CA LYS C 993 51.92 14.97 20.05
C LYS C 993 50.73 15.81 20.47
N ASN C 994 49.68 15.81 19.66
CA ASN C 994 48.48 16.59 19.95
C ASN C 994 47.85 16.11 21.27
N VAL C 995 47.81 14.80 21.45
CA VAL C 995 47.26 14.20 22.66
C VAL C 995 48.19 14.51 23.84
N TYR C 996 49.49 14.45 23.58
CA TYR C 996 50.48 14.71 24.60
C TYR C 996 50.36 16.14 25.13
N GLU C 997 50.16 17.10 24.24
CA GLU C 997 50.03 18.48 24.65
C GLU C 997 48.81 18.64 25.58
N SER C 998 47.71 18.00 25.21
CA SER C 998 46.51 18.05 26.02
C SER C 998 46.73 17.36 27.37
N TYR C 999 47.35 16.18 27.33
CA TYR C 999 47.60 15.40 28.55
C TYR C 999 48.55 16.09 29.51
N ALA C 1000 49.58 16.77 28.98
CA ALA C 1000 50.54 17.48 29.81
C ALA C 1000 49.84 18.57 30.58
N LYS C 1001 49.01 19.35 29.89
CA LYS C 1001 48.27 20.41 30.55
C LYS C 1001 47.34 19.80 31.60
N PHE C 1002 46.70 18.69 31.24
CA PHE C 1002 45.79 17.98 32.15
C PHE C 1002 46.52 17.60 33.46
N MET C 1003 47.71 17.04 33.33
CA MET C 1003 48.48 16.64 34.50
C MET C 1003 48.88 17.83 35.39
N LYS C 1004 48.95 19.03 34.81
CA LYS C 1004 49.32 20.23 35.56
C LYS C 1004 48.15 20.87 36.29
N ASN C 1005 46.95 20.38 36.02
CA ASN C 1005 45.75 20.95 36.64
C ASN C 1005 44.86 19.96 37.35
N VAL C 1006 45.09 18.67 37.13
CA VAL C 1006 44.27 17.64 37.75
C VAL C 1006 44.47 17.58 39.28
N ASP C 1007 43.40 17.32 40.01
CA ASP C 1007 43.43 17.22 41.46
C ASP C 1007 42.94 15.81 41.80
N PHE C 1008 43.85 14.85 41.85
CA PHE C 1008 43.47 13.47 42.13
C PHE C 1008 42.78 13.26 43.47
N SER C 1009 43.11 14.09 44.45
CA SER C 1009 42.50 13.96 45.76
C SER C 1009 41.01 14.36 45.78
N LYS C 1010 40.55 15.11 44.77
CA LYS C 1010 39.14 15.49 44.75
C LYS C 1010 38.27 14.44 44.08
N LEU C 1011 38.90 13.51 43.37
CA LEU C 1011 38.18 12.46 42.64
C LEU C 1011 37.47 11.48 43.55
N SER C 1012 36.33 10.99 43.09
CA SER C 1012 35.58 10.01 43.86
C SER C 1012 36.34 8.70 43.78
N PRO C 1013 36.12 7.80 44.73
CA PRO C 1013 36.83 6.52 44.69
C PRO C 1013 36.59 5.73 43.40
N GLU C 1014 35.40 5.87 42.79
CA GLU C 1014 35.13 5.15 41.55
C GLU C 1014 36.04 5.64 40.43
N ALA C 1015 36.26 6.95 40.38
CA ALA C 1015 37.10 7.54 39.35
C ALA C 1015 38.55 7.12 39.55
N LEU C 1016 39.02 7.14 40.80
CA LEU C 1016 40.40 6.74 41.08
C LEU C 1016 40.62 5.29 40.65
N GLU C 1017 39.65 4.43 40.97
CA GLU C 1017 39.76 3.03 40.61
C GLU C 1017 39.77 2.86 39.10
N ALA C 1018 39.00 3.70 38.41
CA ALA C 1018 38.94 3.66 36.94
C ALA C 1018 40.29 4.04 36.35
N ILE C 1019 40.94 5.04 36.94
CA ILE C 1019 42.24 5.50 36.46
C ILE C 1019 43.31 4.45 36.69
N GLY C 1020 43.25 3.79 37.85
CA GLY C 1020 44.22 2.74 38.13
C GLY C 1020 44.15 1.62 37.11
N LYS C 1021 42.95 1.35 36.62
CA LYS C 1021 42.78 0.30 35.62
C LYS C 1021 43.54 0.60 34.34
N SER C 1022 43.71 1.89 34.02
CA SER C 1022 44.43 2.28 32.81
C SER C 1022 45.90 2.54 33.06
N ALA C 1023 46.21 3.09 34.24
CA ALA C 1023 47.59 3.45 34.57
C ALA C 1023 48.46 2.42 35.30
N LEU C 1024 47.84 1.52 36.06
CA LEU C 1024 48.59 0.53 36.82
C LEU C 1024 48.41 -0.91 36.36
N GLU C 1025 49.33 -1.77 36.75
CA GLU C 1025 49.26 -3.19 36.42
C GLU C 1025 48.21 -3.78 37.35
N TYR C 1026 47.59 -4.88 36.93
CA TYR C 1026 46.57 -5.52 37.76
C TYR C 1026 47.08 -5.74 39.18
N ASP C 1027 48.35 -6.13 39.29
CA ASP C 1027 48.98 -6.38 40.59
C ASP C 1027 49.02 -5.19 41.55
N GLN C 1028 48.99 -3.99 40.99
CA GLN C 1028 49.10 -2.79 41.81
C GLN C 1028 47.81 -2.00 42.05
N ARG C 1029 46.70 -2.47 41.51
CA ARG C 1029 45.44 -1.76 41.67
C ARG C 1029 44.82 -1.91 43.05
N GLU C 1030 44.87 -3.13 43.59
CA GLU C 1030 44.30 -3.41 44.89
C GLU C 1030 44.76 -2.45 46.00
N ASN C 1031 46.07 -2.39 46.22
CA ASN C 1031 46.61 -1.53 47.27
C ASN C 1031 47.24 -0.25 46.76
N ALA C 1032 46.67 0.32 45.69
CA ALA C 1032 47.20 1.55 45.12
C ALA C 1032 46.69 2.76 45.91
N THR C 1033 47.59 3.72 46.14
CA THR C 1033 47.23 4.94 46.86
C THR C 1033 47.04 6.07 45.86
N VAL C 1034 46.42 7.16 46.29
CA VAL C 1034 46.23 8.29 45.39
C VAL C 1034 47.57 8.69 44.79
N ASP C 1035 48.63 8.66 45.60
CA ASP C 1035 49.96 9.02 45.10
C ASP C 1035 50.46 7.98 44.10
N ASP C 1036 50.08 6.73 44.29
CA ASP C 1036 50.49 5.67 43.37
C ASP C 1036 49.86 5.87 42.00
N ILE C 1037 48.57 6.17 42.01
CA ILE C 1037 47.84 6.37 40.75
C ILE C 1037 48.31 7.63 40.05
N ALA C 1038 48.55 8.69 40.83
CA ALA C 1038 49.00 9.95 40.28
C ALA C 1038 50.33 9.77 39.57
N ASN C 1039 51.28 9.09 40.22
CA ASN C 1039 52.59 8.85 39.61
C ASN C 1039 52.48 7.95 38.39
N ALA C 1040 51.54 7.01 38.43
CA ALA C 1040 51.35 6.10 37.30
C ALA C 1040 50.81 6.88 36.11
N ALA C 1041 49.82 7.73 36.37
CA ALA C 1041 49.23 8.55 35.33
C ALA C 1041 50.31 9.46 34.75
N SER C 1042 51.23 9.87 35.62
CA SER C 1042 52.32 10.75 35.24
C SER C 1042 53.35 10.08 34.32
N LEU C 1043 53.60 8.80 34.54
CA LEU C 1043 54.56 8.09 33.69
C LEU C 1043 54.02 8.00 32.27
N ILE C 1044 52.69 7.93 32.12
CA ILE C 1044 52.09 7.86 30.80
C ILE C 1044 52.40 9.16 30.02
N GLU C 1045 52.50 10.29 30.72
CA GLU C 1045 52.83 11.53 30.03
C GLU C 1045 54.23 11.44 29.44
N ARG C 1046 55.12 10.73 30.13
CA ARG C 1046 56.50 10.56 29.65
C ARG C 1046 56.52 9.63 28.45
N ASN C 1047 55.67 8.60 28.47
CA ASN C 1047 55.61 7.65 27.37
C ASN C 1047 55.14 8.41 26.14
N LEU C 1048 54.03 9.13 26.31
CA LEU C 1048 53.45 9.95 25.27
C LEU C 1048 54.50 10.87 24.67
N ARG C 1049 55.25 11.54 25.54
CA ARG C 1049 56.28 12.47 25.09
C ARG C 1049 57.33 11.83 24.17
N ASN C 1050 57.85 10.67 24.55
CA ASN C 1050 58.87 10.00 23.75
C ASN C 1050 58.35 9.52 22.41
N ILE C 1051 57.13 9.04 22.37
CA ILE C 1051 56.53 8.58 21.12
C ILE C 1051 56.38 9.80 20.20
N ALA C 1052 55.90 10.90 20.76
CA ALA C 1052 55.69 12.12 20.00
C ALA C 1052 56.98 12.62 19.35
N LEU C 1053 58.04 12.67 20.16
CA LEU C 1053 59.35 13.11 19.68
C LEU C 1053 59.75 12.18 18.54
N GLY C 1054 59.68 10.89 18.80
CA GLY C 1054 60.03 9.89 17.81
C GLY C 1054 59.37 10.09 16.46
N VAL C 1055 58.05 10.28 16.47
CA VAL C 1055 57.27 10.49 15.26
C VAL C 1055 57.73 11.74 14.51
N ASP C 1056 57.96 12.81 15.27
CA ASP C 1056 58.40 14.08 14.69
C ASP C 1056 59.70 13.89 13.92
N ILE C 1057 60.66 13.20 14.53
CA ILE C 1057 61.95 12.96 13.89
C ILE C 1057 61.79 12.07 12.67
N ARG C 1058 61.02 10.99 12.80
CA ARG C 1058 60.79 10.08 11.69
C ARG C 1058 60.24 10.87 10.49
N HIS C 1059 59.26 11.73 10.76
CA HIS C 1059 58.67 12.54 9.71
C HIS C 1059 59.65 13.50 9.03
N LYS C 1060 60.53 14.12 9.83
CA LYS C 1060 61.51 15.06 9.27
C LYS C 1060 62.52 14.33 8.41
N VAL C 1061 62.98 13.18 8.88
CA VAL C 1061 63.96 12.35 8.19
C VAL C 1061 63.40 11.88 6.84
N LEU C 1062 62.13 11.49 6.83
CA LEU C 1062 61.49 11.03 5.61
C LEU C 1062 61.33 12.17 4.60
N ASP C 1063 61.00 13.37 5.07
CA ASP C 1063 60.83 14.48 4.15
C ASP C 1063 62.16 14.88 3.50
N LYS C 1064 63.27 14.35 4.01
CA LYS C 1064 64.58 14.65 3.47
C LYS C 1064 65.04 13.70 2.37
N VAL C 1065 64.39 12.54 2.25
CA VAL C 1065 64.77 11.60 1.21
C VAL C 1065 63.72 11.62 0.09
N ASN C 1066 64.09 11.11 -1.07
CA ASN C 1066 63.21 11.08 -2.23
C ASN C 1066 62.09 10.06 -2.09
N LEU C 1067 60.86 10.54 -2.00
CA LEU C 1067 59.70 9.68 -1.86
C LEU C 1067 58.70 9.88 -2.98
N SER C 1068 57.98 8.81 -3.31
CA SER C 1068 56.92 8.86 -4.29
C SER C 1068 55.71 8.29 -3.55
N ILE C 1069 54.63 9.06 -3.49
CA ILE C 1069 53.42 8.65 -2.78
C ILE C 1069 52.24 8.34 -3.69
N ASP C 1070 51.75 7.11 -3.62
CA ASP C 1070 50.60 6.72 -4.44
C ASP C 1070 49.65 5.89 -3.55
N GLN C 1071 49.16 6.54 -2.50
CA GLN C 1071 48.22 5.92 -1.56
C GLN C 1071 46.81 5.95 -2.15
N MET C 1072 46.48 7.05 -2.81
CA MET C 1072 45.16 7.20 -3.44
C MET C 1072 45.32 6.67 -4.87
N ALA C 1073 45.53 5.37 -4.98
CA ALA C 1073 45.80 4.69 -6.25
C ALA C 1073 44.67 4.42 -7.25
N ALA C 1074 45.12 4.13 -8.47
CA ALA C 1074 44.31 3.79 -9.64
C ALA C 1074 44.90 4.37 -10.93
N VAL C 1075 44.98 5.69 -10.96
CA VAL C 1075 45.47 6.45 -12.10
C VAL C 1075 46.96 6.28 -12.43
N GLY C 1076 47.80 6.27 -11.39
CA GLY C 1076 49.23 6.15 -11.61
C GLY C 1076 49.82 7.54 -11.68
N ALA C 1077 49.40 8.41 -10.77
CA ALA C 1077 49.90 9.79 -10.72
C ALA C 1077 50.39 10.07 -9.30
N PRO C 1078 51.57 9.54 -8.95
CA PRO C 1078 52.11 9.74 -7.59
C PRO C 1078 52.63 11.14 -7.30
N TYR C 1079 52.58 11.54 -6.03
CA TYR C 1079 53.10 12.83 -5.63
C TYR C 1079 54.56 12.63 -5.24
N GLN C 1080 55.42 13.53 -5.68
CA GLN C 1080 56.85 13.48 -5.38
C GLN C 1080 57.18 14.56 -4.36
N ASN C 1081 57.87 14.20 -3.28
CA ASN C 1081 58.22 15.20 -2.26
C ASN C 1081 59.51 15.93 -2.63
N ASN C 1082 60.20 15.44 -3.66
CA ASN C 1082 61.44 16.05 -4.09
C ASN C 1082 62.48 16.14 -2.96
N GLY C 1083 62.51 15.12 -2.11
CA GLY C 1083 63.48 15.09 -1.03
C GLY C 1083 64.83 14.92 -1.72
N LYS C 1084 65.84 15.65 -1.26
CA LYS C 1084 67.17 15.61 -1.89
C LYS C 1084 68.08 14.42 -1.62
N ILE C 1085 67.88 13.70 -0.51
CA ILE C 1085 68.74 12.56 -0.23
C ILE C 1085 68.22 11.34 -0.98
N ASP C 1086 69.02 10.85 -1.92
CA ASP C 1086 68.65 9.71 -2.74
C ASP C 1086 68.91 8.37 -2.06
N LEU C 1087 67.84 7.59 -1.90
CA LEU C 1087 67.97 6.27 -1.29
C LEU C 1087 67.63 5.18 -2.29
N SER C 1088 67.75 5.49 -3.58
CA SER C 1088 67.47 4.50 -4.60
C SER C 1088 68.66 3.55 -4.71
N ASN C 1089 68.46 2.41 -5.35
CA ASN C 1089 69.51 1.41 -5.52
C ASN C 1089 70.01 0.93 -4.17
N MET C 1090 69.08 0.71 -3.25
CA MET C 1090 69.41 0.24 -1.91
C MET C 1090 68.35 -0.76 -1.47
N THR C 1091 68.73 -1.67 -0.57
CA THR C 1091 67.79 -2.66 -0.08
C THR C 1091 67.04 -2.02 1.09
N PRO C 1092 65.94 -2.65 1.53
CA PRO C 1092 65.22 -2.06 2.66
C PRO C 1092 66.14 -1.96 3.88
N GLU C 1093 67.00 -2.97 4.06
CA GLU C 1093 67.93 -3.00 5.18
C GLU C 1093 68.86 -1.78 5.17
N GLN C 1094 69.37 -1.46 3.99
CA GLN C 1094 70.27 -0.33 3.83
C GLN C 1094 69.53 0.99 3.98
N GLN C 1095 68.32 1.06 3.45
CA GLN C 1095 67.54 2.28 3.56
C GLN C 1095 67.31 2.58 5.04
N ALA C 1096 66.93 1.54 5.79
CA ALA C 1096 66.68 1.67 7.22
C ALA C 1096 67.91 2.22 7.92
N ASP C 1097 69.08 1.70 7.57
CA ASP C 1097 70.34 2.14 8.16
C ASP C 1097 70.61 3.62 7.86
N GLU C 1098 70.38 4.03 6.63
CA GLU C 1098 70.62 5.42 6.27
C GLU C 1098 69.61 6.34 6.97
N LEU C 1099 68.36 5.89 7.02
CA LEU C 1099 67.32 6.67 7.68
C LEU C 1099 67.63 6.79 9.15
N ASN C 1100 68.07 5.71 9.77
CA ASN C 1100 68.40 5.78 11.19
C ASN C 1100 69.59 6.69 11.43
N LYS C 1101 70.52 6.73 10.48
CA LYS C 1101 71.68 7.60 10.63
C LYS C 1101 71.13 9.02 10.63
N LEU C 1102 70.20 9.28 9.71
CA LEU C 1102 69.57 10.60 9.63
C LEU C 1102 68.78 10.83 10.91
N PHE C 1103 68.20 9.77 11.45
CA PHE C 1103 67.42 9.86 12.68
C PHE C 1103 68.35 10.35 13.78
N ARG C 1104 69.39 9.57 14.06
CA ARG C 1104 70.36 9.91 15.09
C ARG C 1104 70.97 11.30 14.86
N GLU C 1105 71.11 11.65 13.59
CA GLU C 1105 71.66 12.94 13.21
C GLU C 1105 70.67 14.07 13.53
N GLU C 1106 69.39 13.81 13.29
CA GLU C 1106 68.33 14.79 13.55
C GLU C 1106 68.14 14.99 15.05
N LEU C 1107 68.16 13.89 15.78
CA LEU C 1107 67.98 13.91 17.22
C LEU C 1107 69.14 14.64 17.88
N GLU C 1108 70.35 14.39 17.35
CA GLU C 1108 71.56 15.01 17.86
C GLU C 1108 71.74 16.41 17.28
N ALA C 1109 70.74 16.88 16.55
CA ALA C 1109 70.80 18.21 15.95
C ALA C 1109 69.96 19.16 16.79
N ARG C 1110 69.36 18.63 17.84
CA ARG C 1110 68.52 19.44 18.71
C ARG C 1110 68.79 19.08 20.17
#